data_6Y5Z
#
_entry.id   6Y5Z
#
_cell.length_a   61.223
_cell.length_b   136.416
_cell.length_c   85.379
_cell.angle_alpha   90.000
_cell.angle_beta   109.565
_cell.angle_gamma   90.000
#
_symmetry.space_group_name_H-M   'P 1 21 1'
#
loop_
_entity.id
_entity.type
_entity.pdbx_description
1 polymer 'Capsid protein VP1'
2 non-polymer GLYCEROL
3 water water
#
_entity_poly.entity_id   1
_entity_poly.type   'polypeptide(L)'
_entity_poly.pdbx_seq_one_letter_code
;GSHMGGIEVLDVKTGDDSITQIEAFLNPRMGVNDETNTWYGFSEQVTVATARETDRPPKEQMPYYSCARIPLPLLNEDMT
CNTLLMWEAVSVKTEVIGSNTLMNVHDYMTRTDNGVGHPVVGSTYHMFAVGGEPLDLQGIQQSHLVQYPEGLIVPKSVTD
VTAKIQCLDPSAKAKLDKDGKYPIETWSPDPSRNENTRYFGNYYGGLTTPPVLTFTNTVTTILLDENGVGPLCKGDGLFL
SCCDVMGWFTAGSGTHQRFRGLPRYFNVQLRKRAVRN
;
_entity_poly.pdbx_strand_id   AAA,BBB,CCC,DDD,EEE
#
loop_
_chem_comp.id
_chem_comp.type
_chem_comp.name
_chem_comp.formula
GOL non-polymer GLYCEROL 'C3 H8 O3'
#
# COMPACT_ATOMS: atom_id res chain seq x y z
N ILE A 7 -8.34 33.87 -23.67
CA ILE A 7 -9.14 33.09 -24.69
C ILE A 7 -10.49 32.71 -24.08
N GLU A 8 -11.57 32.92 -24.84
CA GLU A 8 -12.92 32.52 -24.44
C GLU A 8 -13.12 31.09 -24.95
N VAL A 9 -13.35 30.14 -24.06
CA VAL A 9 -13.61 28.73 -24.48
C VAL A 9 -15.12 28.61 -24.66
N LEU A 10 -15.55 28.30 -25.88
CA LEU A 10 -16.98 28.17 -26.23
C LEU A 10 -17.37 26.69 -26.20
N ASP A 11 -18.35 26.26 -26.97
CA ASP A 11 -18.85 24.88 -26.80
C ASP A 11 -18.01 23.89 -27.61
N VAL A 12 -18.05 22.62 -27.20
CA VAL A 12 -17.54 21.49 -28.01
C VAL A 12 -18.40 21.35 -29.28
N LYS A 13 -17.79 20.89 -30.36
CA LYS A 13 -18.53 20.47 -31.58
C LYS A 13 -18.99 19.02 -31.36
N THR A 14 -19.98 18.57 -32.12
CA THR A 14 -20.56 17.21 -32.01
C THR A 14 -20.54 16.54 -33.39
N GLY A 15 -20.78 15.23 -33.43
CA GLY A 15 -20.93 14.49 -34.69
C GLY A 15 -19.65 13.77 -35.11
N ASP A 17 -17.36 13.35 -37.08
CA ASP A 17 -16.31 14.23 -37.66
C ASP A 17 -15.58 15.04 -36.56
N SER A 18 -16.14 15.14 -35.35
CA SER A 18 -15.67 16.11 -34.32
C SER A 18 -14.64 15.46 -33.39
N ILE A 19 -14.37 14.17 -33.53
CA ILE A 19 -13.46 13.40 -32.64
C ILE A 19 -12.34 12.83 -33.49
N THR A 20 -11.13 12.75 -32.94
CA THR A 20 -10.01 12.02 -33.57
C THR A 20 -9.19 11.37 -32.46
N GLN A 21 -8.47 10.29 -32.79
CA GLN A 21 -7.58 9.54 -31.87
C GLN A 21 -6.16 9.74 -32.41
N ILE A 22 -5.20 10.01 -31.54
CA ILE A 22 -3.78 10.16 -31.95
C ILE A 22 -3.00 9.14 -31.13
N GLU A 23 -2.30 8.22 -31.80
CA GLU A 23 -1.50 7.22 -31.04
CA GLU A 23 -1.52 7.15 -31.14
C GLU A 23 -0.03 7.38 -31.37
N ALA A 24 0.81 7.06 -30.39
CA ALA A 24 2.28 7.13 -30.51
C ALA A 24 2.93 6.26 -29.45
N PHE A 25 4.05 5.65 -29.80
CA PHE A 25 5.01 5.06 -28.84
C PHE A 25 6.19 6.02 -28.76
N LEU A 26 6.59 6.38 -27.54
CA LEU A 26 7.86 7.10 -27.28
C LEU A 26 8.87 6.11 -26.70
N ASN A 27 10.02 5.96 -27.38
CA ASN A 27 11.11 5.12 -26.85
C ASN A 27 11.85 5.85 -25.74
N PRO A 28 12.36 5.09 -24.76
CA PRO A 28 13.10 5.66 -23.64
C PRO A 28 14.45 6.22 -24.09
N ARG A 29 14.91 7.21 -23.36
CA ARG A 29 16.18 7.91 -23.63
C ARG A 29 16.99 7.81 -22.34
N MET A 30 17.58 6.65 -22.12
CA MET A 30 18.23 6.31 -20.85
C MET A 30 19.72 6.68 -20.87
N GLY A 31 20.20 7.22 -21.99
CA GLY A 31 21.62 7.62 -22.12
C GLY A 31 22.20 7.04 -23.39
N VAL A 32 22.01 5.74 -23.61
CA VAL A 32 22.26 5.14 -24.95
C VAL A 32 20.99 5.37 -25.78
N ASN A 33 20.97 6.44 -26.56
CA ASN A 33 19.73 6.94 -27.23
C ASN A 33 19.74 6.55 -28.71
N ASP A 34 20.79 5.85 -29.15
CA ASP A 34 21.01 5.43 -30.57
C ASP A 34 20.47 4.02 -30.74
N GLU A 35 19.43 3.87 -31.57
CA GLU A 35 18.73 2.58 -31.79
C GLU A 35 19.65 1.54 -32.45
N THR A 36 20.82 1.91 -32.97
CA THR A 36 21.80 0.94 -33.54
C THR A 36 22.84 0.49 -32.52
N ASN A 37 22.83 1.07 -31.32
CA ASN A 37 23.80 0.71 -30.25
C ASN A 37 23.27 -0.53 -29.52
N THR A 38 24.14 -1.50 -29.23
CA THR A 38 23.79 -2.78 -28.58
C THR A 38 23.16 -2.55 -27.18
N TRP A 39 23.35 -1.38 -26.55
CA TRP A 39 22.80 -1.09 -25.21
C TRP A 39 21.63 -0.10 -25.28
N TYR A 40 20.97 0.02 -26.45
CA TYR A 40 19.80 0.91 -26.59
C TYR A 40 18.76 0.55 -25.52
N GLY A 41 18.19 1.54 -24.87
CA GLY A 41 17.19 1.33 -23.80
C GLY A 41 17.79 1.29 -22.42
N PHE A 42 19.11 1.44 -22.35
CA PHE A 42 19.90 1.48 -21.11
C PHE A 42 20.78 2.73 -21.13
N SER A 43 21.34 3.05 -19.97
CA SER A 43 22.47 4.00 -19.89
C SER A 43 23.78 3.25 -20.13
N GLU A 44 24.84 4.01 -20.37
CA GLU A 44 26.21 3.50 -20.20
C GLU A 44 26.44 3.19 -18.73
N GLN A 45 27.46 2.41 -18.44
CA GLN A 45 27.81 2.07 -17.05
C GLN A 45 28.00 3.37 -16.26
N VAL A 46 27.36 3.44 -15.11
CA VAL A 46 27.41 4.65 -14.25
C VAL A 46 28.76 4.71 -13.54
N THR A 47 29.45 5.85 -13.63
CA THR A 47 30.68 6.10 -12.84
C THR A 47 30.39 7.16 -11.78
N VAL A 48 31.01 7.02 -10.62
CA VAL A 48 30.71 7.87 -9.42
C VAL A 48 31.88 8.85 -9.26
N ALA A 49 31.56 10.12 -9.03
CA ALA A 49 32.54 11.21 -8.86
C ALA A 49 33.51 10.93 -7.71
N THR A 50 34.75 11.36 -7.88
CA THR A 50 35.84 11.21 -6.87
C THR A 50 35.78 12.36 -5.87
N ALA A 51 35.04 13.41 -6.17
CA ALA A 51 34.89 14.62 -5.34
C ALA A 51 33.68 15.41 -5.84
N ARG A 52 33.14 16.34 -5.06
CA ARG A 52 32.01 17.17 -5.56
C ARG A 52 32.48 18.03 -6.72
N GLU A 53 33.75 18.43 -6.72
CA GLU A 53 34.32 19.35 -7.73
C GLU A 53 34.81 18.63 -8.99
N THR A 54 34.74 17.31 -9.06
CA THR A 54 35.22 16.50 -10.20
C THR A 54 34.07 15.67 -10.77
N ASP A 55 32.84 16.11 -10.54
CA ASP A 55 31.62 15.39 -10.96
C ASP A 55 31.31 15.80 -12.40
N ARG A 56 31.69 14.96 -13.37
CA ARG A 56 31.69 15.29 -14.82
C ARG A 56 31.02 14.14 -15.57
N PRO A 57 29.70 13.97 -15.41
CA PRO A 57 29.02 12.82 -16.01
C PRO A 57 28.98 12.94 -17.53
N PRO A 58 29.34 11.88 -18.30
CA PRO A 58 29.14 11.86 -19.74
C PRO A 58 27.64 11.80 -20.04
N LYS A 59 27.22 12.32 -21.19
CA LYS A 59 25.79 12.37 -21.60
C LYS A 59 25.19 10.96 -21.46
N GLU A 60 25.91 9.93 -21.80
CA GLU A 60 25.32 8.57 -21.99
C GLU A 60 25.04 7.89 -20.65
N GLN A 61 25.45 8.49 -19.53
CA GLN A 61 25.33 7.85 -18.19
C GLN A 61 24.09 8.36 -17.44
N MET A 62 23.30 9.26 -18.03
CA MET A 62 22.12 9.88 -17.37
C MET A 62 20.87 9.62 -18.18
N PRO A 63 19.71 9.37 -17.52
CA PRO A 63 18.42 9.36 -18.23
C PRO A 63 17.80 10.73 -18.49
N TYR A 64 17.02 10.79 -19.57
CA TYR A 64 16.45 12.02 -20.15
C TYR A 64 14.94 11.89 -20.25
N TYR A 65 14.27 13.02 -20.37
CA TYR A 65 12.85 13.04 -20.81
C TYR A 65 12.79 12.65 -22.28
N SER A 66 11.75 11.89 -22.61
CA SER A 66 11.29 11.64 -24.00
C SER A 66 10.24 12.69 -24.34
N CYS A 67 10.17 13.11 -25.60
CA CYS A 67 9.06 13.97 -26.04
C CYS A 67 8.87 13.91 -27.54
N ALA A 68 7.63 14.18 -27.95
CA ALA A 68 7.24 14.20 -29.37
C ALA A 68 6.16 15.23 -29.55
N ARG A 69 6.18 15.89 -30.70
CA ARG A 69 5.08 16.75 -31.16
C ARG A 69 4.41 16.03 -32.31
N ILE A 70 3.15 15.67 -32.16
CA ILE A 70 2.37 14.98 -33.22
C ILE A 70 1.55 16.03 -33.96
N PRO A 71 1.75 16.17 -35.29
CA PRO A 71 0.89 17.05 -36.08
C PRO A 71 -0.57 16.56 -36.13
N LEU A 72 -1.50 17.52 -36.07
CA LEU A 72 -2.96 17.26 -36.01
C LEU A 72 -3.61 17.75 -37.30
N PRO A 73 -4.81 17.23 -37.63
CA PRO A 73 -5.56 17.74 -38.76
C PRO A 73 -5.86 19.24 -38.62
N LEU A 74 -5.71 20.01 -39.69
CA LEU A 74 -5.95 21.48 -39.66
C LEU A 74 -7.45 21.75 -39.59
N LEU A 75 -7.88 22.80 -38.88
CA LEU A 75 -9.31 22.99 -38.54
C LEU A 75 -9.92 24.25 -39.13
N ASN A 76 -9.13 25.28 -39.42
CA ASN A 76 -9.66 26.67 -39.66
C ASN A 76 -9.43 27.05 -41.13
N THR A 83 -16.51 30.70 -35.57
CA THR A 83 -15.46 30.96 -34.54
C THR A 83 -14.18 30.19 -34.93
N LEU A 84 -13.07 30.40 -34.22
CA LEU A 84 -11.88 29.51 -34.31
C LEU A 84 -12.26 28.13 -33.73
N LEU A 85 -11.69 27.06 -34.30
CA LEU A 85 -11.72 25.70 -33.70
C LEU A 85 -10.32 25.31 -33.27
N MET A 86 -10.21 24.64 -32.13
CA MET A 86 -8.94 23.98 -31.72
C MET A 86 -9.25 22.54 -31.32
N TRP A 87 -8.30 21.66 -31.55
CA TRP A 87 -8.35 20.31 -30.96
C TRP A 87 -8.16 20.41 -29.45
N GLU A 88 -9.05 19.76 -28.71
CA GLU A 88 -9.01 19.67 -27.24
C GLU A 88 -8.74 18.21 -26.84
N ALA A 89 -7.66 17.99 -26.09
CA ALA A 89 -7.34 16.64 -25.61
C ALA A 89 -8.25 16.30 -24.43
N VAL A 90 -9.11 15.30 -24.60
CA VAL A 90 -10.16 14.94 -23.61
C VAL A 90 -9.60 13.92 -22.63
N SER A 91 -8.90 12.92 -23.12
CA SER A 91 -8.49 11.75 -22.32
C SER A 91 -7.35 11.05 -23.03
N VAL A 92 -6.68 10.19 -22.30
CA VAL A 92 -5.58 9.38 -22.86
C VAL A 92 -5.61 7.99 -22.22
N LYS A 93 -5.33 6.98 -23.02
CA LYS A 93 -4.93 5.67 -22.51
C LYS A 93 -3.42 5.61 -22.71
N THR A 94 -2.69 5.41 -21.63
CA THR A 94 -1.22 5.31 -21.69
C THR A 94 -0.78 4.05 -20.97
N GLU A 95 0.29 3.46 -21.48
CA GLU A 95 0.80 2.16 -21.00
C GLU A 95 2.31 2.18 -21.09
N VAL A 96 2.98 1.75 -20.03
CA VAL A 96 4.42 1.45 -20.09
C VAL A 96 4.53 0.00 -20.54
N ILE A 97 5.20 -0.24 -21.66
CA ILE A 97 5.30 -1.58 -22.33
CA ILE A 97 5.24 -1.62 -22.23
C ILE A 97 6.59 -2.26 -21.87
N GLY A 98 6.53 -3.56 -21.55
CA GLY A 98 7.74 -4.38 -21.43
C GLY A 98 8.12 -4.73 -20.02
N SER A 99 7.24 -4.62 -19.02
CA SER A 99 7.58 -5.15 -17.68
C SER A 99 7.92 -6.65 -17.79
N ASN A 100 7.30 -7.38 -18.72
CA ASN A 100 7.54 -8.83 -18.91
C ASN A 100 9.02 -9.06 -19.22
N THR A 101 9.73 -8.10 -19.81
CA THR A 101 11.15 -8.33 -20.19
C THR A 101 12.00 -8.49 -18.92
N LEU A 102 11.54 -7.97 -17.80
CA LEU A 102 12.32 -8.01 -16.53
CA LEU A 102 12.32 -8.00 -16.52
C LEU A 102 12.21 -9.40 -15.91
N MET A 103 11.37 -10.27 -16.47
CA MET A 103 11.25 -11.68 -16.03
C MET A 103 12.36 -12.54 -16.66
N ASN A 104 13.24 -11.94 -17.46
CA ASN A 104 14.44 -12.62 -18.02
C ASN A 104 15.52 -12.63 -16.94
N VAL A 105 15.80 -13.79 -16.35
CA VAL A 105 16.85 -13.91 -15.30
C VAL A 105 17.88 -14.96 -15.74
N HIS A 106 17.97 -15.20 -17.03
CA HIS A 106 19.02 -16.08 -17.61
C HIS A 106 20.07 -15.26 -18.35
N ASP A 107 19.91 -13.94 -18.50
CA ASP A 107 20.89 -13.08 -19.21
CA ASP A 107 20.92 -13.12 -19.23
C ASP A 107 22.22 -13.08 -18.42
N TYR A 108 23.26 -12.52 -18.99
CA TYR A 108 24.58 -12.41 -18.34
C TYR A 108 24.48 -11.37 -17.23
N MET A 109 24.17 -11.84 -16.02
CA MET A 109 23.76 -11.02 -14.85
CA MET A 109 23.85 -10.94 -14.88
C MET A 109 24.51 -11.50 -13.61
N THR A 110 24.56 -10.69 -12.57
CA THR A 110 25.01 -11.11 -11.22
C THR A 110 24.22 -12.34 -10.79
N ARG A 111 24.85 -13.22 -10.01
CA ARG A 111 24.24 -14.50 -9.59
C ARG A 111 24.69 -14.81 -8.18
N THR A 112 23.80 -15.34 -7.33
CA THR A 112 24.18 -15.84 -6.00
C THR A 112 24.29 -17.36 -6.11
N ASP A 113 25.49 -17.94 -6.01
CA ASP A 113 25.65 -19.41 -6.17
C ASP A 113 25.05 -19.81 -7.54
N ASN A 114 24.15 -20.79 -7.58
CA ASN A 114 23.53 -21.27 -8.85
C ASN A 114 22.11 -20.69 -8.99
N GLY A 115 21.82 -19.62 -8.27
CA GLY A 115 20.51 -18.94 -8.37
C GLY A 115 20.35 -18.19 -9.67
N VAL A 116 19.20 -17.54 -9.82
CA VAL A 116 18.86 -16.84 -11.09
C VAL A 116 19.70 -15.57 -11.16
N GLY A 117 19.78 -15.00 -12.36
CA GLY A 117 20.38 -13.69 -12.58
C GLY A 117 19.61 -12.63 -11.79
N HIS A 118 20.30 -11.69 -11.16
CA HIS A 118 19.65 -10.65 -10.34
C HIS A 118 18.96 -9.65 -11.25
N PRO A 119 17.61 -9.53 -11.16
CA PRO A 119 16.89 -8.66 -12.09
C PRO A 119 17.04 -7.17 -11.77
N VAL A 120 16.54 -6.35 -12.68
CA VAL A 120 16.57 -4.86 -12.55
C VAL A 120 15.87 -4.42 -11.25
N VAL A 121 16.57 -3.65 -10.44
CA VAL A 121 16.02 -3.13 -9.16
C VAL A 121 16.62 -1.75 -8.91
N GLY A 122 16.01 -1.00 -8.01
CA GLY A 122 16.49 0.33 -7.60
C GLY A 122 15.44 1.37 -7.76
N SER A 123 15.88 2.60 -7.96
CA SER A 123 15.01 3.80 -7.99
C SER A 123 14.20 3.80 -9.28
N THR A 124 12.94 4.17 -9.18
CA THR A 124 12.06 4.26 -10.36
C THR A 124 11.52 5.67 -10.46
N TYR A 125 11.29 6.09 -11.69
CA TYR A 125 10.79 7.44 -12.00
C TYR A 125 9.88 7.31 -13.20
N HIS A 126 8.59 7.57 -13.00
CA HIS A 126 7.58 7.47 -14.07
C HIS A 126 6.90 8.81 -14.19
N MET A 127 6.80 9.32 -15.39
CA MET A 127 5.95 10.50 -15.60
CA MET A 127 6.15 10.64 -15.68
C MET A 127 5.48 10.51 -17.06
N PHE A 128 4.28 11.02 -17.23
CA PHE A 128 3.80 11.31 -18.60
C PHE A 128 3.08 12.65 -18.56
N ALA A 129 3.02 13.28 -19.72
CA ALA A 129 2.29 14.54 -19.88
C ALA A 129 1.69 14.58 -21.29
N VAL A 130 0.56 15.25 -21.37
CA VAL A 130 -0.15 15.53 -22.64
C VAL A 130 -0.51 17.00 -22.61
N GLY A 131 -0.13 17.74 -23.65
CA GLY A 131 -0.44 19.17 -23.67
C GLY A 131 -0.56 19.73 -25.07
N GLY A 132 -0.97 20.99 -25.12
CA GLY A 132 -1.12 21.77 -26.37
C GLY A 132 0.08 22.63 -26.67
N GLU A 133 1.13 22.52 -25.85
CA GLU A 133 2.43 23.18 -26.08
C GLU A 133 3.46 22.41 -25.28
N PRO A 134 4.76 22.69 -25.43
CA PRO A 134 5.78 21.94 -24.69
C PRO A 134 5.57 22.00 -23.18
N LEU A 135 5.97 20.92 -22.51
CA LEU A 135 5.95 20.85 -21.04
C LEU A 135 6.87 21.93 -20.47
N ASP A 136 6.37 22.70 -19.53
CA ASP A 136 7.18 23.68 -18.77
C ASP A 136 8.00 22.95 -17.71
N LEU A 137 9.29 23.26 -17.64
CA LEU A 137 10.25 22.62 -16.72
C LEU A 137 10.83 23.66 -15.75
N GLN A 138 11.04 23.22 -14.53
CA GLN A 138 11.70 23.98 -13.47
C GLN A 138 13.01 23.27 -13.15
N GLY A 139 14.13 24.00 -13.23
CA GLY A 139 15.43 23.41 -12.92
C GLY A 139 15.65 23.29 -11.43
N ILE A 140 16.30 22.21 -11.04
CA ILE A 140 16.66 21.93 -9.62
C ILE A 140 17.66 20.78 -9.67
N GLN A 141 18.67 20.79 -8.79
CA GLN A 141 19.79 19.83 -8.84
C GLN A 141 20.11 19.35 -7.42
N GLN A 142 20.62 18.13 -7.30
CA GLN A 142 21.13 17.60 -6.02
C GLN A 142 22.42 18.34 -5.64
N SER A 143 23.24 18.69 -6.63
CA SER A 143 24.51 19.40 -6.38
C SER A 143 24.65 20.52 -7.40
N HIS A 144 24.92 21.73 -6.92
CA HIS A 144 25.18 22.90 -7.79
C HIS A 144 26.56 22.77 -8.46
N LEU A 145 27.43 21.83 -8.03
CA LEU A 145 28.83 21.77 -8.53
C LEU A 145 28.96 20.81 -9.71
N VAL A 146 27.91 20.12 -10.14
CA VAL A 146 28.06 19.17 -11.27
C VAL A 146 28.50 19.95 -12.51
N GLN A 147 29.44 19.38 -13.25
CA GLN A 147 29.89 19.91 -14.56
C GLN A 147 29.19 19.07 -15.63
N TYR A 148 28.07 19.56 -16.14
CA TYR A 148 27.29 18.84 -17.17
C TYR A 148 28.06 18.91 -18.48
N PRO A 149 27.94 17.87 -19.32
CA PRO A 149 28.63 17.84 -20.60
C PRO A 149 27.92 18.78 -21.57
N GLU A 150 28.64 19.23 -22.59
CA GLU A 150 28.05 19.99 -23.69
C GLU A 150 27.07 19.12 -24.49
N GLY A 151 26.09 19.77 -25.10
CA GLY A 151 25.10 19.17 -26.01
C GLY A 151 23.86 18.67 -25.27
N LEU A 152 23.65 19.21 -24.07
CA LEU A 152 22.39 19.00 -23.30
C LEU A 152 21.71 20.34 -23.08
N ILE A 153 20.50 20.32 -22.54
CA ILE A 153 19.90 21.52 -21.93
C ILE A 153 19.77 21.28 -20.42
N VAL A 154 20.49 22.08 -19.65
CA VAL A 154 20.53 22.00 -18.16
C VAL A 154 20.31 23.41 -17.63
N PRO A 155 20.10 23.59 -16.31
CA PRO A 155 19.87 24.93 -15.79
C PRO A 155 20.92 25.98 -16.22
N LYS A 156 22.18 25.57 -16.36
CA LYS A 156 23.25 26.47 -16.83
C LYS A 156 22.90 27.04 -18.20
N SER A 157 22.12 26.32 -19.01
CA SER A 157 21.69 26.77 -20.35
C SER A 157 20.82 28.02 -20.25
N VAL A 158 20.16 28.27 -19.11
CA VAL A 158 19.13 29.33 -19.01
C VAL A 158 19.43 30.36 -17.92
N THR A 159 20.30 30.06 -16.96
CA THR A 159 20.54 30.95 -15.80
C THR A 159 21.91 30.67 -15.20
N ASP A 160 22.32 31.54 -14.29
CA ASP A 160 23.57 31.38 -13.50
C ASP A 160 23.29 30.34 -12.41
N VAL A 161 24.08 29.28 -12.40
CA VAL A 161 23.88 28.16 -11.43
C VAL A 161 24.69 28.47 -10.17
N THR A 162 24.00 28.52 -9.05
CA THR A 162 24.55 28.75 -7.69
C THR A 162 23.94 27.70 -6.77
N ALA A 163 24.26 27.73 -5.49
CA ALA A 163 23.66 26.82 -4.48
C ALA A 163 22.13 26.99 -4.46
N LYS A 164 21.58 28.10 -4.95
CA LYS A 164 20.10 28.27 -4.99
C LYS A 164 19.47 27.12 -5.81
N ILE A 165 20.17 26.56 -6.78
CA ILE A 165 19.63 25.49 -7.66
C ILE A 165 19.35 24.22 -6.86
N GLN A 166 19.91 24.08 -5.66
CA GLN A 166 19.66 22.89 -4.79
C GLN A 166 18.28 22.98 -4.16
N CYS A 167 17.67 24.18 -4.18
CA CYS A 167 16.27 24.40 -3.74
C CYS A 167 15.51 24.96 -4.95
N LEU A 168 14.69 25.98 -4.79
CA LEU A 168 13.89 26.52 -5.91
C LEU A 168 14.46 27.87 -6.33
N ASP A 169 15.14 27.88 -7.46
CA ASP A 169 15.62 29.12 -8.12
C ASP A 169 14.63 29.44 -9.22
N PRO A 170 13.74 30.43 -9.03
CA PRO A 170 12.68 30.67 -10.02
C PRO A 170 13.20 31.19 -11.36
N SER A 171 14.50 31.50 -11.50
CA SER A 171 15.08 31.86 -12.81
C SER A 171 15.33 30.63 -13.70
N ALA A 172 15.32 29.41 -13.15
CA ALA A 172 15.71 28.18 -13.88
C ALA A 172 14.47 27.60 -14.57
N LYS A 173 14.02 28.28 -15.62
CA LYS A 173 12.81 27.94 -16.40
C LYS A 173 13.22 27.49 -17.80
N ALA A 174 12.56 26.45 -18.30
CA ALA A 174 12.78 25.97 -19.67
C ALA A 174 11.54 25.24 -20.16
N LYS A 175 11.54 24.90 -21.44
CA LYS A 175 10.47 24.10 -22.05
C LYS A 175 11.08 22.81 -22.58
N LEU A 176 10.37 21.69 -22.43
CA LEU A 176 10.83 20.38 -22.94
C LEU A 176 10.61 20.36 -24.46
N ASP A 177 11.63 20.73 -25.22
CA ASP A 177 11.46 20.91 -26.68
C ASP A 177 12.46 20.08 -27.47
N LYS A 178 13.20 19.18 -26.82
CA LYS A 178 14.18 18.29 -27.47
C LYS A 178 14.15 16.93 -26.79
N ASP A 179 13.90 15.90 -27.57
CA ASP A 179 13.87 14.50 -27.11
C ASP A 179 15.29 14.08 -26.69
N GLY A 180 15.43 13.52 -25.50
CA GLY A 180 16.68 12.85 -25.12
C GLY A 180 17.80 13.82 -24.80
N LYS A 181 17.48 15.05 -24.39
CA LYS A 181 18.54 16.05 -24.11
C LYS A 181 18.34 16.81 -22.80
N TYR A 182 17.17 16.76 -22.18
CA TYR A 182 16.90 17.36 -20.85
C TYR A 182 17.01 16.26 -19.82
N PRO A 183 18.10 16.22 -19.02
CA PRO A 183 18.25 15.17 -18.04
C PRO A 183 17.16 15.25 -16.97
N ILE A 184 16.64 14.11 -16.55
CA ILE A 184 15.60 14.15 -15.49
C ILE A 184 16.26 14.64 -14.19
N GLU A 185 17.55 14.43 -13.98
CA GLU A 185 18.15 14.81 -12.65
C GLU A 185 18.22 16.32 -12.47
N THR A 186 17.99 17.14 -13.50
CA THR A 186 18.07 18.61 -13.35
C THR A 186 16.72 19.29 -13.60
N TRP A 187 15.69 18.56 -14.02
CA TRP A 187 14.44 19.22 -14.48
C TRP A 187 13.21 18.53 -13.92
N SER A 188 12.31 19.30 -13.34
CA SER A 188 11.00 18.87 -12.81
C SER A 188 9.92 19.50 -13.68
N PRO A 189 8.75 18.87 -13.86
CA PRO A 189 7.62 19.58 -14.43
C PRO A 189 7.30 20.77 -13.53
N ASP A 190 7.06 21.93 -14.13
CA ASP A 190 6.85 23.20 -13.38
C ASP A 190 5.39 23.33 -12.98
N PRO A 191 5.03 23.20 -11.67
CA PRO A 191 3.63 23.31 -11.28
C PRO A 191 3.10 24.75 -11.33
N SER A 192 3.98 25.73 -11.45
CA SER A 192 3.60 27.17 -11.55
C SER A 192 3.20 27.53 -12.98
N ARG A 193 3.46 26.66 -13.96
CA ARG A 193 3.09 26.94 -15.37
C ARG A 193 2.25 25.75 -15.85
N ASN A 194 2.45 25.26 -17.07
CA ASN A 194 1.69 24.09 -17.57
C ASN A 194 0.18 24.30 -17.40
N GLU A 195 -0.31 25.50 -17.71
CA GLU A 195 -1.77 25.76 -17.72
C GLU A 195 -2.42 24.90 -18.82
N ASN A 196 -1.68 24.55 -19.87
CA ASN A 196 -2.27 23.90 -21.07
C ASN A 196 -1.69 22.50 -21.23
N THR A 197 -1.21 21.90 -20.15
CA THR A 197 -0.66 20.52 -20.11
C THR A 197 -1.17 19.84 -18.85
N ARG A 198 -1.42 18.54 -18.91
CA ARG A 198 -1.64 17.71 -17.71
C ARG A 198 -0.43 16.79 -17.58
N TYR A 199 0.18 16.77 -16.39
CA TYR A 199 1.29 15.85 -16.13
C TYR A 199 1.00 15.05 -14.87
N PHE A 200 1.58 13.86 -14.86
CA PHE A 200 1.35 12.84 -13.84
C PHE A 200 2.66 12.11 -13.61
N GLY A 201 3.03 11.85 -12.37
CA GLY A 201 4.28 11.10 -12.17
C GLY A 201 4.39 10.49 -10.80
N ASN A 202 5.34 9.58 -10.69
CA ASN A 202 5.66 9.05 -9.35
C ASN A 202 7.11 8.62 -9.33
N TYR A 203 7.66 8.70 -8.13
CA TYR A 203 9.06 8.41 -7.83
C TYR A 203 9.09 7.45 -6.64
N TYR A 204 9.98 6.48 -6.69
CA TYR A 204 10.20 5.53 -5.56
C TYR A 204 11.71 5.29 -5.53
N GLY A 205 12.37 5.61 -4.44
CA GLY A 205 13.84 5.57 -4.38
C GLY A 205 14.39 4.23 -3.93
N GLY A 206 15.59 4.27 -3.37
CA GLY A 206 16.30 3.08 -2.88
C GLY A 206 17.30 2.56 -3.87
N LEU A 207 18.24 1.75 -3.38
CA LEU A 207 19.31 1.17 -4.21
C LEU A 207 18.82 -0.14 -4.84
N THR A 208 18.01 -0.94 -4.13
CA THR A 208 17.64 -2.31 -4.55
C THR A 208 16.12 -2.51 -4.49
N THR A 209 15.34 -1.45 -4.48
CA THR A 209 13.87 -1.55 -4.38
C THR A 209 13.33 -2.36 -5.55
N PRO A 210 12.34 -3.27 -5.35
CA PRO A 210 11.74 -3.95 -6.48
C PRO A 210 10.89 -2.99 -7.30
N PRO A 211 10.98 -3.02 -8.64
CA PRO A 211 10.10 -2.22 -9.48
C PRO A 211 8.68 -2.81 -9.51
N VAL A 212 7.72 -1.93 -9.72
CA VAL A 212 6.27 -2.29 -9.78
C VAL A 212 5.66 -1.66 -11.03
N LEU A 213 4.80 -2.40 -11.73
CA LEU A 213 4.09 -1.82 -12.87
C LEU A 213 2.74 -2.49 -13.02
N THR A 214 1.75 -1.75 -13.45
CA THR A 214 0.47 -2.33 -13.88
C THR A 214 0.31 -2.04 -15.37
N PHE A 215 -0.48 -2.86 -16.06
CA PHE A 215 -0.73 -2.67 -17.49
C PHE A 215 -2.13 -3.18 -17.79
N THR A 216 -2.84 -2.46 -18.65
CA THR A 216 -4.21 -2.78 -19.07
C THR A 216 -4.52 -1.90 -20.27
N ASN A 217 -5.59 -2.24 -20.97
CA ASN A 217 -6.11 -1.36 -22.03
C ASN A 217 -7.48 -0.83 -21.60
N THR A 218 -7.80 -0.87 -20.32
CA THR A 218 -9.17 -0.55 -19.84
C THR A 218 -9.21 0.75 -19.03
N VAL A 219 -8.08 1.41 -18.84
CA VAL A 219 -7.96 2.58 -17.91
C VAL A 219 -7.75 3.85 -18.75
N THR A 220 -8.70 4.78 -18.64
CA THR A 220 -8.68 6.09 -19.33
C THR A 220 -8.30 7.15 -18.29
N THR A 221 -7.31 7.98 -18.63
CA THR A 221 -6.90 9.15 -17.83
C THR A 221 -7.64 10.38 -18.39
N ILE A 222 -8.49 10.99 -17.58
CA ILE A 222 -9.23 12.21 -18.00
C ILE A 222 -8.24 13.37 -18.06
N LEU A 223 -8.32 14.22 -19.08
CA LEU A 223 -7.40 15.38 -19.18
C LEU A 223 -8.15 16.70 -18.96
N LEU A 224 -9.47 16.64 -18.77
CA LEU A 224 -10.29 17.84 -18.54
C LEU A 224 -9.93 18.46 -17.20
N ASP A 225 -9.86 19.79 -17.15
CA ASP A 225 -9.61 20.53 -15.90
C ASP A 225 -10.92 20.61 -15.10
N GLU A 226 -10.90 21.35 -13.98
CA GLU A 226 -12.08 21.47 -13.08
C GLU A 226 -13.22 22.22 -13.78
N ASN A 227 -12.97 22.85 -14.93
CA ASN A 227 -14.01 23.57 -15.73
C ASN A 227 -14.48 22.72 -16.93
N GLY A 228 -13.99 21.49 -17.07
CA GLY A 228 -14.40 20.62 -18.18
C GLY A 228 -13.59 20.88 -19.45
N VAL A 229 -12.43 21.52 -19.35
CA VAL A 229 -11.63 21.89 -20.55
C VAL A 229 -10.29 21.15 -20.54
N GLY A 230 -10.00 20.45 -21.64
CA GLY A 230 -8.73 19.76 -21.82
C GLY A 230 -7.68 20.69 -22.42
N PRO A 231 -6.43 20.22 -22.51
CA PRO A 231 -5.42 20.95 -23.27
C PRO A 231 -5.88 21.30 -24.68
N LEU A 232 -5.62 22.55 -25.08
CA LEU A 232 -6.04 23.11 -26.39
C LEU A 232 -4.82 23.20 -27.29
N CYS A 233 -4.90 22.58 -28.44
CA CYS A 233 -3.73 22.40 -29.35
C CYS A 233 -3.66 23.58 -30.32
N LYS A 234 -3.22 24.73 -29.80
N LYS A 234 -3.45 24.78 -29.78
CA LYS A 234 -3.30 26.06 -30.45
CA LYS A 234 -3.24 26.02 -30.58
C LYS A 234 -2.48 26.05 -31.75
C LYS A 234 -1.93 25.81 -31.32
N GLY A 235 -1.38 25.30 -31.78
N GLY A 235 -1.96 25.84 -32.65
CA GLY A 235 -0.44 25.31 -32.91
CA GLY A 235 -0.74 25.62 -33.44
C GLY A 235 -0.62 24.15 -33.88
C GLY A 235 -0.69 24.21 -34.01
N ASP A 236 -1.75 23.42 -33.82
CA ASP A 236 -2.01 22.18 -34.62
C ASP A 236 -1.04 21.06 -34.24
N GLY A 237 -0.58 21.05 -33.00
CA GLY A 237 0.36 20.02 -32.51
C GLY A 237 -0.10 19.47 -31.17
N LEU A 238 0.07 18.17 -30.98
CA LEU A 238 -0.14 17.51 -29.68
C LEU A 238 1.23 17.16 -29.09
N PHE A 239 1.45 17.55 -27.85
CA PHE A 239 2.75 17.39 -27.16
C PHE A 239 2.67 16.24 -26.15
N LEU A 240 3.48 15.21 -26.38
CA LEU A 240 3.59 14.03 -25.52
C LEU A 240 4.97 14.04 -24.89
N SER A 241 5.04 13.78 -23.60
CA SER A 241 6.31 13.75 -22.83
CA SER A 241 6.35 13.66 -22.92
C SER A 241 6.27 12.58 -21.85
N CYS A 242 7.41 11.97 -21.55
CA CYS A 242 7.43 10.92 -20.53
C CYS A 242 8.84 10.59 -20.13
N CYS A 243 8.95 9.86 -19.04
CA CYS A 243 10.19 9.16 -18.64
C CYS A 243 9.76 7.96 -17.82
N ASP A 244 10.37 6.81 -18.07
CA ASP A 244 10.00 5.56 -17.38
C ASP A 244 11.24 4.77 -17.01
N VAL A 245 11.91 5.19 -15.94
CA VAL A 245 13.10 4.51 -15.38
C VAL A 245 12.60 3.37 -14.51
N MET A 246 13.04 2.15 -14.77
CA MET A 246 12.63 0.93 -14.04
C MET A 246 13.61 0.54 -12.94
N GLY A 247 14.78 1.18 -12.88
CA GLY A 247 15.84 0.80 -11.95
C GLY A 247 17.15 0.58 -12.68
N TRP A 248 18.06 -0.16 -12.03
CA TRP A 248 19.40 -0.46 -12.56
C TRP A 248 19.53 -1.94 -12.90
N PHE A 249 20.16 -2.18 -14.04
CA PHE A 249 20.61 -3.50 -14.54
C PHE A 249 22.07 -3.70 -14.13
N THR A 250 22.46 -4.90 -13.72
CA THR A 250 23.88 -5.22 -13.41
C THR A 250 24.29 -6.42 -14.26
N ALA A 251 25.18 -6.17 -15.20
CA ALA A 251 25.74 -7.23 -16.08
C ALA A 251 26.70 -8.10 -15.28
N GLY A 252 26.84 -9.36 -15.69
CA GLY A 252 27.73 -10.33 -15.01
C GLY A 252 29.21 -10.01 -15.20
N SER A 253 29.53 -9.00 -16.01
CA SER A 253 30.93 -8.57 -16.30
C SER A 253 31.53 -7.78 -15.14
N GLY A 254 30.74 -7.40 -14.15
CA GLY A 254 31.27 -6.69 -12.97
C GLY A 254 30.17 -6.27 -12.02
N THR A 255 30.37 -5.15 -11.35
CA THR A 255 29.39 -4.55 -10.42
C THR A 255 28.92 -3.18 -10.93
N HIS A 256 29.37 -2.75 -12.10
CA HIS A 256 28.87 -1.50 -12.77
C HIS A 256 27.41 -1.70 -13.15
N GLN A 257 26.64 -0.63 -13.04
CA GLN A 257 25.18 -0.65 -13.26
C GLN A 257 24.80 0.31 -14.38
N ARG A 258 23.68 -0.01 -15.00
CA ARG A 258 23.08 0.81 -16.08
C ARG A 258 21.64 1.10 -15.69
N PHE A 259 21.19 2.32 -15.89
CA PHE A 259 19.74 2.61 -15.90
C PHE A 259 19.07 1.75 -16.98
N ARG A 260 17.84 1.31 -16.70
CA ARG A 260 16.99 0.58 -17.68
C ARG A 260 15.66 1.30 -17.73
N GLY A 261 15.20 1.64 -18.94
CA GLY A 261 13.93 2.33 -19.17
C GLY A 261 13.08 1.53 -20.12
N LEU A 262 11.79 1.85 -20.19
CA LEU A 262 10.84 1.13 -21.06
C LEU A 262 10.07 2.15 -21.89
N PRO A 263 9.57 1.74 -23.09
CA PRO A 263 8.80 2.64 -23.93
C PRO A 263 7.40 2.86 -23.33
N ARG A 264 6.78 3.95 -23.76
CA ARG A 264 5.41 4.30 -23.33
C ARG A 264 4.53 4.55 -24.56
N TYR A 265 3.36 3.92 -24.55
CA TYR A 265 2.30 4.16 -25.55
C TYR A 265 1.33 5.24 -25.06
N PHE A 266 0.87 6.03 -26.01
CA PHE A 266 -0.21 7.02 -25.80
C PHE A 266 -1.28 6.83 -26.86
N ASN A 267 -2.54 6.86 -26.45
CA ASN A 267 -3.68 7.00 -27.36
C ASN A 267 -4.55 8.12 -26.83
N VAL A 268 -4.48 9.28 -27.47
CA VAL A 268 -5.17 10.50 -26.98
C VAL A 268 -6.44 10.70 -27.81
N GLN A 269 -7.56 10.88 -27.12
CA GLN A 269 -8.84 11.24 -27.76
C GLN A 269 -8.94 12.77 -27.79
N LEU A 270 -9.15 13.33 -28.97
CA LEU A 270 -9.33 14.79 -29.12
C LEU A 270 -10.69 15.09 -29.70
N ARG A 271 -11.18 16.27 -29.36
CA ARG A 271 -12.49 16.74 -29.87
C ARG A 271 -12.31 18.18 -30.32
N LYS A 272 -13.08 18.60 -31.31
CA LYS A 272 -13.07 20.00 -31.75
C LYS A 272 -13.78 20.88 -30.73
N ARG A 273 -13.16 22.00 -30.36
CA ARG A 273 -13.69 22.97 -29.39
C ARG A 273 -13.71 24.35 -30.04
N ALA A 274 -14.85 25.03 -29.99
CA ALA A 274 -14.94 26.43 -30.46
C ALA A 274 -14.28 27.33 -29.43
N VAL A 275 -13.52 28.32 -29.90
CA VAL A 275 -12.83 29.33 -29.05
C VAL A 275 -12.94 30.69 -29.75
N ARG A 276 -12.80 31.76 -28.97
CA ARG A 276 -12.68 33.17 -29.43
C ARG A 276 -11.57 33.87 -28.65
N ASN A 277 -10.70 34.63 -29.32
CA ASN A 277 -9.66 35.44 -28.63
C ASN A 277 -10.33 36.63 -27.92
N ILE B 7 -18.08 -3.10 -37.37
CA ILE B 7 -19.49 -3.59 -37.34
C ILE B 7 -20.34 -2.56 -36.57
N GLU B 8 -21.47 -2.13 -37.15
CA GLU B 8 -22.52 -1.37 -36.43
C GLU B 8 -23.07 -2.32 -35.34
N VAL B 9 -22.89 -1.96 -34.07
CA VAL B 9 -23.38 -2.76 -32.91
C VAL B 9 -24.82 -2.28 -32.62
N LEU B 10 -25.79 -3.22 -32.56
CA LEU B 10 -27.22 -2.90 -32.37
C LEU B 10 -27.59 -3.23 -30.92
N ASP B 11 -28.86 -3.55 -30.63
CA ASP B 11 -29.25 -3.75 -29.22
C ASP B 11 -28.81 -5.14 -28.76
N VAL B 12 -28.68 -5.31 -27.44
CA VAL B 12 -28.55 -6.62 -26.77
C VAL B 12 -29.90 -7.32 -26.89
N LYS B 13 -29.89 -8.66 -26.88
CA LYS B 13 -31.12 -9.47 -26.83
C LYS B 13 -31.45 -9.72 -25.34
N THR B 14 -32.69 -10.10 -25.03
CA THR B 14 -33.21 -10.26 -23.65
C THR B 14 -33.88 -11.63 -23.54
N GLY B 15 -34.13 -12.11 -22.32
CA GLY B 15 -34.86 -13.37 -22.05
C GLY B 15 -33.93 -14.57 -21.97
N ASP B 17 -32.40 -17.31 -22.35
CA ASP B 17 -31.62 -17.87 -23.49
C ASP B 17 -30.69 -16.82 -24.13
N SER B 18 -30.79 -15.55 -23.75
CA SER B 18 -29.96 -14.47 -24.34
C SER B 18 -28.59 -14.43 -23.65
N ILE B 19 -28.44 -15.14 -22.53
CA ILE B 19 -27.22 -15.09 -21.68
C ILE B 19 -26.68 -16.52 -21.56
N THR B 20 -25.36 -16.67 -21.54
CA THR B 20 -24.67 -17.98 -21.34
C THR B 20 -23.43 -17.67 -20.50
N GLN B 21 -23.02 -18.62 -19.66
CA GLN B 21 -21.77 -18.54 -18.85
C GLN B 21 -20.79 -19.51 -19.51
N ILE B 22 -19.51 -19.13 -19.59
CA ILE B 22 -18.44 -20.03 -20.10
C ILE B 22 -17.47 -20.18 -18.94
N GLU B 23 -17.26 -21.41 -18.47
CA GLU B 23 -16.31 -21.72 -17.37
C GLU B 23 -15.10 -22.43 -17.94
N ALA B 24 -13.92 -21.99 -17.55
CA ALA B 24 -12.67 -22.55 -18.10
C ALA B 24 -11.55 -22.32 -17.10
N PHE B 25 -10.53 -23.14 -17.20
CA PHE B 25 -9.27 -22.83 -16.50
C PHE B 25 -8.11 -23.01 -17.47
N LEU B 26 -7.03 -22.31 -17.18
CA LEU B 26 -5.75 -22.46 -17.90
C LEU B 26 -4.69 -22.84 -16.88
N ASN B 27 -4.04 -23.98 -17.10
CA ASN B 27 -2.87 -24.40 -16.32
C ASN B 27 -1.66 -23.54 -16.72
N PRO B 28 -0.75 -23.29 -15.77
CA PRO B 28 0.46 -22.52 -16.07
C PRO B 28 1.38 -23.29 -17.02
N ARG B 29 2.16 -22.53 -17.78
CA ARG B 29 3.17 -23.05 -18.72
C ARG B 29 4.50 -22.42 -18.30
N MET B 30 5.09 -22.95 -17.24
CA MET B 30 6.28 -22.36 -16.60
C MET B 30 7.56 -22.92 -17.20
N GLY B 31 7.45 -23.81 -18.19
CA GLY B 31 8.62 -24.40 -18.87
C GLY B 31 8.52 -25.92 -18.84
N VAL B 32 8.19 -26.52 -17.70
CA VAL B 32 7.75 -27.93 -17.65
C VAL B 32 6.25 -27.90 -17.95
N ASN B 33 5.89 -28.08 -19.20
CA ASN B 33 4.51 -27.87 -19.71
C ASN B 33 3.79 -29.20 -19.89
N ASP B 34 4.47 -30.30 -19.59
CA ASP B 34 3.97 -31.69 -19.73
C ASP B 34 3.36 -32.14 -18.40
N GLU B 35 2.06 -32.37 -18.38
CA GLU B 35 1.31 -32.74 -17.16
C GLU B 35 1.71 -34.10 -16.61
N THR B 36 2.54 -34.89 -17.32
CA THR B 36 3.06 -36.19 -16.80
C THR B 36 4.45 -36.02 -16.20
N ASN B 37 5.04 -34.84 -16.28
CA ASN B 37 6.39 -34.58 -15.74
C ASN B 37 6.25 -34.26 -14.25
N THR B 38 7.13 -34.81 -13.42
CA THR B 38 7.12 -34.64 -11.94
C THR B 38 7.27 -33.15 -11.56
N TRP B 39 7.81 -32.29 -12.44
CA TRP B 39 7.97 -30.83 -12.15
C TRP B 39 6.92 -29.98 -12.88
N TYR B 40 5.81 -30.55 -13.30
CA TYR B 40 4.70 -29.78 -13.94
C TYR B 40 4.32 -28.60 -13.03
N GLY B 41 4.17 -27.43 -13.62
CA GLY B 41 3.80 -26.22 -12.87
C GLY B 41 5.00 -25.41 -12.46
N PHE B 42 6.20 -25.88 -12.81
CA PHE B 42 7.49 -25.22 -12.55
C PHE B 42 8.28 -25.13 -13.84
N SER B 43 9.33 -24.33 -13.86
CA SER B 43 10.37 -24.41 -14.92
C SER B 43 11.36 -25.52 -14.54
N GLU B 44 12.19 -25.92 -15.50
CA GLU B 44 13.45 -26.61 -15.18
C GLU B 44 14.37 -25.63 -14.46
N GLN B 45 15.39 -26.14 -13.81
CA GLN B 45 16.38 -25.32 -13.10
C GLN B 45 16.93 -24.24 -14.04
N VAL B 46 16.93 -22.99 -13.60
CA VAL B 46 17.35 -21.84 -14.44
C VAL B 46 18.88 -21.79 -14.48
N THR B 47 19.44 -21.77 -15.68
CA THR B 47 20.88 -21.54 -15.89
C THR B 47 21.10 -20.10 -16.35
N VAL B 48 22.25 -19.53 -16.03
CA VAL B 48 22.53 -18.10 -16.32
C VAL B 48 23.68 -18.04 -17.33
N ALA B 49 23.55 -17.19 -18.33
CA ALA B 49 24.54 -17.05 -19.42
C ALA B 49 25.92 -16.65 -18.87
N THR B 50 26.96 -17.16 -19.54
CA THR B 50 28.39 -16.91 -19.21
C THR B 50 28.86 -15.63 -19.89
N ALA B 51 28.10 -15.13 -20.87
CA ALA B 51 28.41 -13.94 -21.67
C ALA B 51 27.11 -13.53 -22.36
N ARG B 52 27.03 -12.27 -22.71
CA ARG B 52 25.83 -11.76 -23.40
C ARG B 52 25.70 -12.49 -24.75
N GLU B 53 26.83 -12.93 -25.33
CA GLU B 53 26.88 -13.50 -26.70
C GLU B 53 26.71 -15.02 -26.67
N THR B 54 26.54 -15.62 -25.50
CA THR B 54 26.43 -17.10 -25.35
C THR B 54 25.16 -17.42 -24.56
N ASP B 55 24.17 -16.55 -24.67
CA ASP B 55 22.90 -16.65 -23.89
C ASP B 55 21.90 -17.48 -24.69
N ARG B 56 21.77 -18.75 -24.33
CA ARG B 56 21.03 -19.78 -25.11
C ARG B 56 20.11 -20.54 -24.15
N PRO B 57 19.01 -19.92 -23.70
CA PRO B 57 18.14 -20.55 -22.71
C PRO B 57 17.37 -21.72 -23.31
N PRO B 58 17.42 -22.91 -22.67
CA PRO B 58 16.58 -24.03 -23.10
C PRO B 58 15.10 -23.69 -22.87
N LYS B 59 14.24 -24.24 -23.72
CA LYS B 59 12.79 -23.92 -23.73
C LYS B 59 12.17 -24.21 -22.35
N GLU B 60 12.66 -25.19 -21.60
CA GLU B 60 11.99 -25.61 -20.34
C GLU B 60 12.33 -24.66 -19.18
N GLN B 61 13.22 -23.69 -19.36
CA GLN B 61 13.71 -22.82 -18.26
C GLN B 61 13.01 -21.46 -18.25
N MET B 62 12.06 -21.20 -19.15
CA MET B 62 11.37 -19.90 -19.28
C MET B 62 9.87 -20.09 -19.16
N PRO B 63 9.15 -19.14 -18.53
CA PRO B 63 7.68 -19.18 -18.55
C PRO B 63 7.07 -18.61 -19.83
N TYR B 64 5.87 -19.11 -20.13
CA TYR B 64 5.12 -18.81 -21.36
C TYR B 64 3.73 -18.27 -21.04
N TYR B 65 3.10 -17.63 -22.02
CA TYR B 65 1.66 -17.35 -21.93
C TYR B 65 0.89 -18.66 -22.08
N SER B 66 -0.18 -18.77 -21.29
CA SER B 66 -1.25 -19.77 -21.48
C SER B 66 -2.35 -19.17 -22.35
N CYS B 67 -2.99 -19.99 -23.18
CA CYS B 67 -4.13 -19.50 -23.97
C CYS B 67 -5.01 -20.65 -24.46
N ALA B 68 -6.27 -20.35 -24.69
CA ALA B 68 -7.22 -21.30 -25.29
C ALA B 68 -8.35 -20.54 -25.96
N ARG B 69 -8.93 -21.17 -26.96
CA ARG B 69 -10.15 -20.71 -27.65
C ARG B 69 -11.30 -21.61 -27.18
N ILE B 70 -12.34 -21.03 -26.61
CA ILE B 70 -13.53 -21.78 -26.14
C ILE B 70 -14.55 -21.69 -27.26
N PRO B 71 -14.97 -22.83 -27.88
CA PRO B 71 -16.07 -22.82 -28.83
C PRO B 71 -17.38 -22.41 -28.17
N LEU B 72 -18.16 -21.58 -28.86
CA LEU B 72 -19.44 -21.03 -28.34
C LEU B 72 -20.59 -21.59 -29.16
N PRO B 73 -21.82 -21.56 -28.60
CA PRO B 73 -23.02 -21.96 -29.36
C PRO B 73 -23.12 -21.18 -30.67
N LEU B 74 -23.30 -21.89 -31.78
CA LEU B 74 -23.44 -21.30 -33.14
C LEU B 74 -24.71 -20.44 -33.14
N LEU B 75 -24.63 -19.20 -33.64
CA LEU B 75 -25.74 -18.21 -33.47
C LEU B 75 -26.50 -17.98 -34.78
N ASN B 76 -25.84 -18.11 -35.93
CA ASN B 76 -26.39 -17.63 -37.23
C ASN B 76 -26.52 -18.83 -38.20
N LEU B 84 -26.89 -10.02 -37.91
CA LEU B 84 -26.40 -11.28 -37.29
C LEU B 84 -26.31 -11.13 -35.78
N LEU B 85 -26.15 -12.24 -35.07
CA LEU B 85 -25.90 -12.24 -33.61
C LEU B 85 -24.42 -12.55 -33.36
N MET B 86 -23.86 -11.93 -32.32
CA MET B 86 -22.52 -12.27 -31.81
C MET B 86 -22.64 -12.39 -30.31
N TRP B 87 -21.92 -13.35 -29.74
CA TRP B 87 -21.74 -13.41 -28.29
C TRP B 87 -20.86 -12.22 -27.94
N GLU B 88 -21.33 -11.47 -26.96
CA GLU B 88 -20.64 -10.33 -26.34
C GLU B 88 -20.22 -10.73 -24.95
N ALA B 89 -18.93 -10.64 -24.66
CA ALA B 89 -18.41 -10.84 -23.29
C ALA B 89 -18.72 -9.59 -22.44
N VAL B 90 -19.58 -9.74 -21.43
CA VAL B 90 -20.03 -8.63 -20.54
C VAL B 90 -19.08 -8.49 -19.37
N SER B 91 -18.68 -9.62 -18.79
CA SER B 91 -18.01 -9.60 -17.49
C SER B 91 -17.32 -10.94 -17.30
N VAL B 92 -16.38 -10.93 -16.37
CA VAL B 92 -15.65 -12.16 -16.00
C VAL B 92 -15.38 -12.16 -14.50
N LYS B 93 -15.54 -13.33 -13.89
CA LYS B 93 -14.94 -13.62 -12.57
C LYS B 93 -13.71 -14.47 -12.82
N THR B 94 -12.55 -13.98 -12.43
CA THR B 94 -11.32 -14.76 -12.64
C THR B 94 -10.61 -14.88 -11.29
N GLU B 95 -9.96 -16.02 -11.09
CA GLU B 95 -9.31 -16.36 -9.82
C GLU B 95 -8.02 -17.11 -10.12
N VAL B 96 -6.94 -16.72 -9.45
CA VAL B 96 -5.69 -17.52 -9.45
C VAL B 96 -5.80 -18.46 -8.26
N ILE B 97 -5.76 -19.76 -8.54
CA ILE B 97 -6.00 -20.81 -7.52
C ILE B 97 -4.65 -21.31 -7.02
N GLY B 98 -4.53 -21.53 -5.72
CA GLY B 98 -3.38 -22.30 -5.19
C GLY B 98 -2.38 -21.51 -4.37
N SER B 99 -2.65 -20.27 -3.97
CA SER B 99 -1.69 -19.53 -3.10
C SER B 99 -1.48 -20.34 -1.82
N ASN B 100 -2.49 -21.10 -1.40
CA ASN B 100 -2.46 -21.98 -0.21
C ASN B 100 -1.27 -22.94 -0.31
N THR B 101 -0.90 -23.36 -1.53
CA THR B 101 0.16 -24.40 -1.71
C THR B 101 1.51 -23.85 -1.25
N LEU B 102 1.69 -22.53 -1.27
CA LEU B 102 2.98 -21.89 -0.92
CA LEU B 102 2.98 -21.88 -0.91
C LEU B 102 3.17 -21.90 0.60
N MET B 103 2.15 -22.35 1.35
CA MET B 103 2.26 -22.48 2.82
C MET B 103 2.85 -23.86 3.18
N ASN B 104 3.22 -24.67 2.20
CA ASN B 104 4.02 -25.91 2.39
C ASN B 104 5.48 -25.50 2.57
N VAL B 105 6.00 -25.54 3.80
CA VAL B 105 7.42 -25.20 4.09
C VAL B 105 8.10 -26.43 4.70
N HIS B 106 7.57 -27.62 4.44
CA HIS B 106 8.16 -28.89 4.91
C HIS B 106 8.74 -29.70 3.74
N ASP B 107 8.52 -29.26 2.49
CA ASP B 107 9.06 -29.95 1.30
C ASP B 107 10.58 -29.91 1.34
N TYR B 108 11.21 -30.60 0.40
CA TYR B 108 12.69 -30.63 0.27
C TYR B 108 13.17 -29.28 -0.25
N MET B 109 13.45 -28.37 0.67
CA MET B 109 13.62 -26.92 0.43
CA MET B 109 13.68 -26.94 0.36
C MET B 109 14.89 -26.44 1.15
N THR B 110 15.44 -25.31 0.72
CA THR B 110 16.56 -24.68 1.45
C THR B 110 16.05 -24.26 2.83
N ARG B 111 16.95 -24.19 3.78
CA ARG B 111 16.63 -24.04 5.19
C ARG B 111 17.70 -23.20 5.88
N THR B 112 17.32 -22.33 6.81
CA THR B 112 18.27 -21.62 7.69
C THR B 112 18.31 -22.34 9.04
N ASP B 113 19.43 -22.97 9.38
CA ASP B 113 19.52 -23.70 10.67
C ASP B 113 18.39 -24.74 10.66
N ASN B 114 17.52 -24.77 11.67
CA ASN B 114 16.41 -25.75 11.74
C ASN B 114 15.07 -25.06 11.46
N GLY B 115 15.12 -23.91 10.77
CA GLY B 115 13.91 -23.16 10.43
C GLY B 115 13.11 -23.83 9.32
N VAL B 116 12.01 -23.22 8.93
CA VAL B 116 11.13 -23.77 7.87
C VAL B 116 11.85 -23.77 6.51
N GLY B 117 11.32 -24.55 5.59
CA GLY B 117 11.76 -24.49 4.19
C GLY B 117 11.51 -23.10 3.64
N HIS B 118 12.45 -22.54 2.91
CA HIS B 118 12.28 -21.19 2.32
C HIS B 118 11.24 -21.23 1.22
N PRO B 119 10.10 -20.53 1.40
CA PRO B 119 9.04 -20.59 0.40
C PRO B 119 9.34 -19.77 -0.86
N VAL B 120 8.48 -19.96 -1.84
CA VAL B 120 8.56 -19.31 -3.18
C VAL B 120 8.58 -17.79 -3.00
N VAL B 121 9.59 -17.14 -3.56
CA VAL B 121 9.75 -15.67 -3.48
C VAL B 121 10.37 -15.19 -4.80
N GLY B 122 10.26 -13.89 -5.04
CA GLY B 122 10.91 -13.26 -6.19
C GLY B 122 9.93 -12.48 -7.01
N SER B 123 10.21 -12.37 -8.28
CA SER B 123 9.44 -11.54 -9.25
C SER B 123 8.11 -12.23 -9.56
N THR B 124 7.05 -11.43 -9.63
CA THR B 124 5.71 -11.92 -9.98
C THR B 124 5.26 -11.23 -11.25
N TYR B 125 4.52 -11.98 -12.04
CA TYR B 125 3.93 -11.48 -13.28
C TYR B 125 2.55 -12.12 -13.42
N HIS B 126 1.53 -11.29 -13.34
CA HIS B 126 0.12 -11.73 -13.46
C HIS B 126 -0.52 -11.02 -14.61
N MET B 127 -1.17 -11.75 -15.50
CA MET B 127 -2.03 -11.06 -16.47
CA MET B 127 -1.88 -11.16 -16.67
C MET B 127 -3.11 -12.03 -16.96
N PHE B 128 -4.23 -11.44 -17.33
CA PHE B 128 -5.29 -12.23 -17.98
C PHE B 128 -5.89 -11.35 -19.07
N ALA B 129 -6.47 -12.01 -20.04
CA ALA B 129 -7.21 -11.33 -21.11
C ALA B 129 -8.39 -12.17 -21.53
N VAL B 130 -9.44 -11.47 -21.93
CA VAL B 130 -10.69 -12.03 -22.50
C VAL B 130 -10.96 -11.26 -23.79
N GLY B 131 -11.10 -11.99 -24.89
CA GLY B 131 -11.33 -11.31 -26.18
C GLY B 131 -12.14 -12.14 -27.15
N GLY B 132 -12.50 -11.51 -28.26
CA GLY B 132 -13.23 -12.13 -29.37
C GLY B 132 -12.32 -12.59 -30.50
N GLU B 133 -11.01 -12.49 -30.30
CA GLU B 133 -9.96 -12.95 -31.23
C GLU B 133 -8.67 -13.06 -30.42
N PRO B 134 -7.60 -13.67 -30.98
CA PRO B 134 -6.37 -13.83 -30.23
C PRO B 134 -5.81 -12.50 -29.72
N LEU B 135 -5.14 -12.57 -28.58
CA LEU B 135 -4.45 -11.40 -27.98
C LEU B 135 -3.36 -10.94 -28.93
N ASP B 136 -3.33 -9.65 -29.23
CA ASP B 136 -2.25 -9.02 -30.02
C ASP B 136 -1.04 -8.81 -29.12
N LEU B 137 0.13 -9.26 -29.59
CA LEU B 137 1.41 -9.15 -28.86
C LEU B 137 2.39 -8.21 -29.56
N GLN B 138 3.14 -7.49 -28.74
CA GLN B 138 4.23 -6.60 -29.19
C GLN B 138 5.52 -7.22 -28.66
N GLY B 139 6.48 -7.44 -29.54
CA GLY B 139 7.77 -8.00 -29.14
C GLY B 139 8.64 -6.94 -28.49
N ILE B 140 9.38 -7.33 -27.47
CA ILE B 140 10.33 -6.46 -26.74
C ILE B 140 11.17 -7.40 -25.87
N GLN B 141 12.46 -7.13 -25.74
CA GLN B 141 13.41 -8.03 -25.05
C GLN B 141 14.37 -7.23 -24.17
N GLN B 142 14.92 -7.89 -23.14
CA GLN B 142 15.95 -7.28 -22.26
C GLN B 142 17.28 -7.24 -23.03
N SER B 143 17.54 -8.25 -23.85
CA SER B 143 18.79 -8.35 -24.65
C SER B 143 18.46 -8.79 -26.07
N HIS B 144 18.93 -8.05 -27.06
CA HIS B 144 18.73 -8.43 -28.48
C HIS B 144 19.63 -9.63 -28.85
N LEU B 145 20.58 -10.01 -28.01
CA LEU B 145 21.58 -11.06 -28.37
C LEU B 145 21.14 -12.46 -27.94
N VAL B 146 20.01 -12.59 -27.23
CA VAL B 146 19.56 -13.94 -26.77
C VAL B 146 19.35 -14.82 -28.00
N GLN B 147 19.80 -16.07 -27.90
CA GLN B 147 19.56 -17.12 -28.92
C GLN B 147 18.41 -18.01 -28.42
N TYR B 148 17.21 -17.83 -28.92
CA TYR B 148 16.03 -18.62 -28.47
C TYR B 148 16.04 -19.96 -29.17
N PRO B 149 15.59 -21.01 -28.46
CA PRO B 149 15.59 -22.36 -29.01
C PRO B 149 14.53 -22.52 -30.10
N GLU B 150 14.75 -23.50 -30.97
CA GLU B 150 13.79 -23.94 -32.01
C GLU B 150 12.48 -24.35 -31.33
N GLY B 151 11.38 -24.05 -31.99
CA GLY B 151 10.03 -24.52 -31.63
C GLY B 151 9.23 -23.47 -30.88
N LEU B 152 9.83 -22.32 -30.53
CA LEU B 152 9.10 -21.23 -29.83
C LEU B 152 8.69 -20.17 -30.84
N ILE B 153 7.73 -19.31 -30.50
CA ILE B 153 7.44 -18.10 -31.31
C ILE B 153 7.97 -16.90 -30.51
N VAL B 154 8.97 -16.26 -31.07
CA VAL B 154 9.68 -15.11 -30.48
C VAL B 154 9.74 -14.02 -31.55
N PRO B 155 10.18 -12.79 -31.22
CA PRO B 155 10.24 -11.73 -32.22
C PRO B 155 11.00 -12.17 -33.48
N LYS B 156 12.05 -12.97 -33.34
CA LYS B 156 12.85 -13.47 -34.50
C LYS B 156 11.95 -14.29 -35.44
N SER B 157 10.84 -14.83 -34.96
CA SER B 157 9.85 -15.55 -35.79
C SER B 157 9.18 -14.62 -36.80
N VAL B 158 9.12 -13.30 -36.52
CA VAL B 158 8.27 -12.36 -37.29
C VAL B 158 9.08 -11.20 -37.91
N THR B 159 10.28 -10.91 -37.42
CA THR B 159 11.05 -9.73 -37.89
C THR B 159 12.52 -9.94 -37.56
N ASP B 160 13.40 -9.17 -38.21
CA ASP B 160 14.84 -9.19 -37.85
C ASP B 160 14.99 -8.58 -36.45
N VAL B 161 15.74 -9.25 -35.59
CA VAL B 161 15.94 -8.77 -34.19
C VAL B 161 17.25 -7.99 -34.13
N THR B 162 17.14 -6.74 -33.76
CA THR B 162 18.28 -5.82 -33.60
C THR B 162 18.14 -5.15 -32.24
N ALA B 163 19.05 -4.23 -31.92
CA ALA B 163 19.00 -3.50 -30.64
C ALA B 163 17.66 -2.75 -30.51
N LYS B 164 16.97 -2.46 -31.61
CA LYS B 164 15.63 -1.79 -31.53
C LYS B 164 14.67 -2.62 -30.65
N ILE B 165 14.84 -3.94 -30.60
CA ILE B 165 13.92 -4.81 -29.84
C ILE B 165 14.05 -4.54 -28.34
N GLN B 166 15.11 -3.87 -27.90
CA GLN B 166 15.27 -3.54 -26.46
C GLN B 166 14.33 -2.38 -26.09
N CYS B 167 13.83 -1.64 -27.09
CA CYS B 167 12.78 -0.60 -26.93
C CYS B 167 11.55 -1.04 -27.74
N LEU B 168 10.91 -0.16 -28.50
CA LEU B 168 9.70 -0.49 -29.26
C LEU B 168 10.04 -0.55 -30.74
N ASP B 169 10.12 -1.77 -31.26
CA ASP B 169 10.28 -2.02 -32.71
C ASP B 169 8.90 -2.39 -33.22
N PRO B 170 8.21 -1.49 -33.94
CA PRO B 170 6.82 -1.74 -34.32
C PRO B 170 6.65 -2.86 -35.35
N SER B 171 7.75 -3.40 -35.89
CA SER B 171 7.66 -4.56 -36.81
C SER B 171 7.44 -5.86 -36.04
N ALA B 172 7.67 -5.88 -34.71
CA ALA B 172 7.61 -7.13 -33.92
C ALA B 172 6.18 -7.35 -33.44
N LYS B 173 5.30 -7.76 -34.35
CA LYS B 173 3.86 -7.96 -34.07
C LYS B 173 3.55 -9.44 -34.20
N ALA B 174 2.75 -9.96 -33.29
CA ALA B 174 2.26 -11.36 -33.36
C ALA B 174 0.91 -11.48 -32.65
N LYS B 175 0.31 -12.64 -32.81
CA LYS B 175 -0.96 -12.99 -32.14
C LYS B 175 -0.66 -14.18 -31.22
N LEU B 176 -1.20 -14.15 -30.01
CA LEU B 176 -1.07 -15.28 -29.06
C LEU B 176 -2.00 -16.42 -29.51
N ASP B 177 -1.45 -17.35 -30.28
CA ASP B 177 -2.27 -18.36 -31.00
C ASP B 177 -1.74 -19.76 -30.71
N LYS B 178 -0.81 -19.93 -29.77
CA LYS B 178 -0.32 -21.26 -29.38
C LYS B 178 -0.02 -21.24 -27.88
N ASP B 179 -0.60 -22.18 -27.15
CA ASP B 179 -0.40 -22.33 -25.69
C ASP B 179 1.03 -22.79 -25.41
N GLY B 180 1.71 -22.15 -24.45
CA GLY B 180 3.02 -22.60 -23.95
C GLY B 180 4.12 -22.47 -24.98
N LYS B 181 4.04 -21.54 -25.92
CA LYS B 181 5.07 -21.37 -26.98
C LYS B 181 5.58 -19.93 -27.09
N TYR B 182 4.85 -18.94 -26.58
CA TYR B 182 5.23 -17.51 -26.62
C TYR B 182 5.82 -17.13 -25.27
N PRO B 183 7.15 -16.98 -25.13
CA PRO B 183 7.74 -16.68 -23.82
C PRO B 183 7.28 -15.31 -23.32
N ILE B 184 6.99 -15.21 -22.02
CA ILE B 184 6.57 -13.88 -21.51
C ILE B 184 7.74 -12.91 -21.64
N GLU B 185 9.00 -13.37 -21.57
CA GLU B 185 10.13 -12.42 -21.56
C GLU B 185 10.34 -11.72 -22.90
N THR B 186 9.62 -12.12 -23.96
CA THR B 186 9.78 -11.48 -25.30
C THR B 186 8.50 -10.82 -25.80
N TRP B 187 7.38 -10.91 -25.09
CA TRP B 187 6.07 -10.50 -25.65
C TRP B 187 5.26 -9.76 -24.60
N SER B 188 4.80 -8.58 -24.97
CA SER B 188 3.85 -7.75 -24.17
C SER B 188 2.50 -7.75 -24.85
N PRO B 189 1.38 -7.62 -24.12
CA PRO B 189 0.12 -7.29 -24.77
C PRO B 189 0.29 -5.96 -25.50
N ASP B 190 -0.19 -5.89 -26.74
CA ASP B 190 0.00 -4.71 -27.60
C ASP B 190 -1.07 -3.65 -27.33
N PRO B 191 -0.77 -2.49 -26.69
CA PRO B 191 -1.80 -1.51 -26.38
C PRO B 191 -2.30 -0.77 -27.63
N SER B 192 -1.56 -0.86 -28.74
CA SER B 192 -1.91 -0.22 -30.02
C SER B 192 -2.91 -1.07 -30.81
N ARG B 193 -3.16 -2.30 -30.40
CA ARG B 193 -4.18 -3.18 -31.06
C ARG B 193 -5.16 -3.62 -29.98
N ASN B 194 -5.58 -4.89 -29.99
CA ASN B 194 -6.49 -5.39 -28.93
C ASN B 194 -7.76 -4.53 -28.80
N GLU B 195 -8.32 -4.05 -29.92
CA GLU B 195 -9.61 -3.31 -29.90
C GLU B 195 -10.72 -4.25 -29.37
N ASN B 196 -10.57 -5.56 -29.58
CA ASN B 196 -11.65 -6.55 -29.33
C ASN B 196 -11.26 -7.51 -28.20
N THR B 197 -10.37 -7.07 -27.31
CA THR B 197 -9.86 -7.84 -26.16
C THR B 197 -9.70 -6.86 -25.00
N ARG B 198 -9.97 -7.30 -23.79
CA ARG B 198 -9.62 -6.57 -22.56
C ARG B 198 -8.51 -7.36 -21.88
N TYR B 199 -7.40 -6.71 -21.55
CA TYR B 199 -6.31 -7.36 -20.79
C TYR B 199 -5.98 -6.53 -19.55
N PHE B 200 -5.45 -7.22 -18.55
CA PHE B 200 -5.18 -6.68 -17.19
C PHE B 200 -3.92 -7.37 -16.72
N GLY B 201 -3.00 -6.65 -16.10
CA GLY B 201 -1.85 -7.34 -15.54
C GLY B 201 -1.12 -6.51 -14.51
N ASN B 202 -0.26 -7.16 -13.77
CA ASN B 202 0.63 -6.45 -12.86
C ASN B 202 1.92 -7.22 -12.72
N TYR B 203 2.96 -6.48 -12.46
CA TYR B 203 4.34 -6.98 -12.36
C TYR B 203 4.93 -6.43 -11.08
N TYR B 204 5.71 -7.23 -10.37
CA TYR B 204 6.46 -6.76 -9.18
C TYR B 204 7.80 -7.48 -9.28
N GLY B 205 8.92 -6.77 -9.22
CA GLY B 205 10.24 -7.39 -9.42
C GLY B 205 10.91 -7.83 -8.13
N GLY B 206 12.24 -7.93 -8.19
CA GLY B 206 13.10 -8.29 -7.06
C GLY B 206 13.47 -9.75 -7.08
N LEU B 207 14.53 -10.10 -6.34
CA LEU B 207 15.05 -11.47 -6.26
C LEU B 207 14.29 -12.28 -5.21
N THR B 208 13.94 -11.67 -4.07
CA THR B 208 13.37 -12.41 -2.91
C THR B 208 12.07 -11.76 -2.43
N THR B 209 11.42 -10.99 -3.30
CA THR B 209 10.19 -10.25 -2.90
C THR B 209 9.11 -11.24 -2.48
N PRO B 210 8.36 -11.00 -1.39
CA PRO B 210 7.25 -11.87 -1.02
C PRO B 210 6.14 -11.83 -2.06
N PRO B 211 5.61 -12.97 -2.49
CA PRO B 211 4.43 -12.98 -3.36
C PRO B 211 3.15 -12.59 -2.61
N VAL B 212 2.25 -11.94 -3.33
CA VAL B 212 0.94 -11.44 -2.79
CA VAL B 212 0.95 -11.49 -2.76
C VAL B 212 -0.18 -11.95 -3.69
N LEU B 213 -1.27 -12.41 -3.11
CA LEU B 213 -2.44 -12.80 -3.90
C LEU B 213 -3.70 -12.58 -3.07
N THR B 214 -4.77 -12.18 -3.75
CA THR B 214 -6.11 -12.17 -3.16
C THR B 214 -6.96 -13.17 -3.91
N PHE B 215 -7.98 -13.67 -3.24
CA PHE B 215 -8.89 -14.65 -3.87
C PHE B 215 -10.26 -14.47 -3.24
N THR B 216 -11.28 -14.56 -4.09
CA THR B 216 -12.68 -14.40 -3.66
C THR B 216 -13.54 -14.86 -4.83
N ASN B 217 -14.81 -15.11 -4.57
CA ASN B 217 -15.80 -15.40 -5.63
C ASN B 217 -16.78 -14.25 -5.73
N THR B 218 -16.46 -13.07 -5.19
CA THR B 218 -17.41 -11.93 -5.09
C THR B 218 -17.05 -10.79 -6.04
N VAL B 219 -15.96 -10.90 -6.79
CA VAL B 219 -15.44 -9.75 -7.59
C VAL B 219 -15.68 -10.04 -9.07
N THR B 220 -16.42 -9.15 -9.72
CA THR B 220 -16.75 -9.23 -11.15
C THR B 220 -15.93 -8.15 -11.85
N THR B 221 -15.22 -8.53 -12.90
CA THR B 221 -14.45 -7.61 -13.78
C THR B 221 -15.37 -7.29 -14.96
N ILE B 222 -15.75 -6.02 -15.12
CA ILE B 222 -16.60 -5.57 -16.25
C ILE B 222 -15.75 -5.54 -17.52
N LEU B 223 -16.28 -6.04 -18.64
CA LEU B 223 -15.56 -6.10 -19.93
C LEU B 223 -16.12 -5.13 -20.95
N LEU B 224 -17.18 -4.40 -20.60
CA LEU B 224 -17.77 -3.38 -21.50
C LEU B 224 -16.77 -2.22 -21.64
N ASP B 225 -16.64 -1.68 -22.85
CA ASP B 225 -15.83 -0.46 -23.10
C ASP B 225 -16.63 0.78 -22.70
N GLU B 226 -16.09 1.97 -22.99
CA GLU B 226 -16.72 3.27 -22.62
C GLU B 226 -18.08 3.42 -23.30
N ASN B 227 -18.34 2.68 -24.39
CA ASN B 227 -19.62 2.72 -25.14
C ASN B 227 -20.58 1.60 -24.70
N GLY B 228 -20.21 0.81 -23.66
CA GLY B 228 -21.09 -0.23 -23.11
C GLY B 228 -21.04 -1.49 -23.96
N VAL B 229 -19.97 -1.68 -24.72
CA VAL B 229 -19.82 -2.84 -25.65
C VAL B 229 -18.65 -3.73 -25.19
N GLY B 230 -18.93 -5.00 -24.92
CA GLY B 230 -17.87 -5.96 -24.60
C GLY B 230 -17.19 -6.51 -25.85
N PRO B 231 -16.12 -7.31 -25.67
CA PRO B 231 -15.57 -8.09 -26.77
C PRO B 231 -16.65 -8.89 -27.52
N LEU B 232 -16.57 -8.90 -28.84
CA LEU B 232 -17.52 -9.56 -29.76
C LEU B 232 -16.83 -10.79 -30.37
N CYS B 233 -17.40 -11.97 -30.16
CA CYS B 233 -16.67 -13.24 -30.39
C CYS B 233 -16.74 -13.64 -31.86
N LYS B 234 -15.67 -13.37 -32.58
CA LYS B 234 -15.53 -13.66 -34.02
C LYS B 234 -15.45 -15.16 -34.17
N GLY B 235 -16.19 -15.70 -35.15
CA GLY B 235 -16.23 -17.15 -35.42
C GLY B 235 -16.82 -17.93 -34.26
N ASP B 236 -17.58 -17.31 -33.35
CA ASP B 236 -18.20 -17.96 -32.17
C ASP B 236 -17.10 -18.68 -31.37
N GLY B 237 -15.99 -17.96 -31.14
CA GLY B 237 -14.90 -18.40 -30.26
C GLY B 237 -14.60 -17.34 -29.22
N LEU B 238 -14.41 -17.77 -27.97
CA LEU B 238 -14.00 -16.89 -26.85
C LEU B 238 -12.52 -17.16 -26.58
N PHE B 239 -11.70 -16.11 -26.56
CA PHE B 239 -10.23 -16.25 -26.46
C PHE B 239 -9.80 -15.83 -25.07
N LEU B 240 -9.22 -16.77 -24.36
CA LEU B 240 -8.72 -16.54 -22.99
C LEU B 240 -7.20 -16.66 -22.99
N SER B 241 -6.54 -15.80 -22.23
CA SER B 241 -5.05 -15.75 -22.17
C SER B 241 -4.66 -15.46 -20.74
N CYS B 242 -3.54 -15.97 -20.26
CA CYS B 242 -3.03 -15.52 -18.95
C CYS B 242 -1.59 -15.95 -18.74
N CYS B 243 -1.01 -15.43 -17.67
CA CYS B 243 0.23 -15.94 -17.09
C CYS B 243 0.26 -15.53 -15.63
N ASP B 244 0.66 -16.43 -14.75
CA ASP B 244 0.63 -16.19 -13.29
C ASP B 244 1.89 -16.77 -12.65
N VAL B 245 3.00 -16.04 -12.80
CA VAL B 245 4.30 -16.38 -12.18
C VAL B 245 4.28 -15.87 -10.74
N MET B 246 4.57 -16.73 -9.78
CA MET B 246 4.53 -16.43 -8.32
C MET B 246 5.93 -16.16 -7.78
N GLY B 247 6.97 -16.48 -8.54
CA GLY B 247 8.35 -16.29 -8.09
C GLY B 247 9.14 -17.55 -8.35
N TRP B 248 10.19 -17.76 -7.57
CA TRP B 248 11.09 -18.92 -7.75
C TRP B 248 11.04 -19.82 -6.52
N PHE B 249 11.04 -21.10 -6.80
CA PHE B 249 11.21 -22.21 -5.83
C PHE B 249 12.69 -22.59 -5.81
N THR B 250 13.20 -22.90 -4.62
CA THR B 250 14.58 -23.46 -4.47
C THR B 250 14.50 -24.79 -3.74
N ALA B 251 14.82 -25.85 -4.45
CA ALA B 251 14.89 -27.22 -3.87
C ALA B 251 16.09 -27.34 -2.93
N GLY B 252 16.01 -28.24 -1.97
CA GLY B 252 17.08 -28.46 -0.98
C GLY B 252 18.33 -29.13 -1.57
N SER B 253 18.27 -29.57 -2.82
CA SER B 253 19.36 -30.26 -3.59
C SER B 253 20.46 -29.27 -4.01
N GLY B 254 20.24 -27.96 -3.87
CA GLY B 254 21.27 -26.96 -4.23
C GLY B 254 20.75 -25.53 -4.12
N THR B 255 21.27 -24.66 -4.98
CA THR B 255 20.88 -23.22 -5.02
C THR B 255 20.21 -22.91 -6.37
N HIS B 256 20.07 -23.88 -7.26
CA HIS B 256 19.32 -23.71 -8.53
C HIS B 256 17.86 -23.44 -8.21
N GLN B 257 17.26 -22.56 -9.01
CA GLN B 257 15.87 -22.12 -8.78
C GLN B 257 15.00 -22.49 -9.97
N ARG B 258 13.70 -22.60 -9.73
CA ARG B 258 12.69 -22.86 -10.76
C ARG B 258 11.58 -21.84 -10.65
N PHE B 259 11.08 -21.35 -11.79
CA PHE B 259 9.85 -20.55 -11.77
C PHE B 259 8.73 -21.43 -11.22
N ARG B 260 7.80 -20.83 -10.50
CA ARG B 260 6.55 -21.49 -10.05
C ARG B 260 5.39 -20.63 -10.49
N GLY B 261 4.43 -21.24 -11.16
CA GLY B 261 3.18 -20.62 -11.63
C GLY B 261 1.98 -21.31 -11.05
N LEU B 262 0.82 -20.64 -11.13
CA LEU B 262 -0.46 -21.18 -10.62
C LEU B 262 -1.52 -21.08 -11.70
N PRO B 263 -2.52 -21.98 -11.64
CA PRO B 263 -3.61 -21.98 -12.60
C PRO B 263 -4.59 -20.84 -12.37
N ARG B 264 -5.32 -20.52 -13.42
CA ARG B 264 -6.32 -19.44 -13.39
C ARG B 264 -7.66 -19.97 -13.89
N TYR B 265 -8.71 -19.66 -13.15
CA TYR B 265 -10.11 -19.94 -13.52
C TYR B 265 -10.75 -18.70 -14.14
N PHE B 266 -11.64 -18.92 -15.10
CA PHE B 266 -12.46 -17.87 -15.74
C PHE B 266 -13.92 -18.31 -15.72
N ASN B 267 -14.82 -17.41 -15.34
CA ASN B 267 -16.27 -17.56 -15.57
C ASN B 267 -16.71 -16.31 -16.32
N VAL B 268 -16.92 -16.44 -17.62
CA VAL B 268 -17.28 -15.32 -18.52
C VAL B 268 -18.78 -15.34 -18.75
N GLN B 269 -19.42 -14.20 -18.46
CA GLN B 269 -20.85 -13.99 -18.79
C GLN B 269 -20.94 -13.46 -20.21
N LEU B 270 -21.66 -14.13 -21.09
CA LEU B 270 -21.87 -13.63 -22.46
C LEU B 270 -23.35 -13.35 -22.68
N ARG B 271 -23.64 -12.36 -23.52
CA ARG B 271 -25.04 -12.06 -23.91
C ARG B 271 -25.05 -11.98 -25.44
N LYS B 272 -26.20 -12.24 -26.03
CA LYS B 272 -26.35 -12.10 -27.50
C LYS B 272 -26.54 -10.61 -27.83
N ARG B 273 -25.81 -10.14 -28.84
CA ARG B 273 -25.75 -8.71 -29.27
C ARG B 273 -26.01 -8.75 -30.78
N ALA B 274 -27.03 -8.04 -31.26
CA ALA B 274 -27.24 -7.90 -32.71
C ALA B 274 -26.18 -6.96 -33.27
N VAL B 275 -25.66 -7.29 -34.46
CA VAL B 275 -24.69 -6.46 -35.23
C VAL B 275 -25.15 -6.43 -36.70
N ARG B 276 -24.74 -5.41 -37.45
CA ARG B 276 -25.03 -5.27 -38.91
C ARG B 276 -23.91 -5.94 -39.73
N GLU C 8 -35.49 -21.42 -6.48
CA GLU C 8 -36.52 -20.42 -6.93
C GLU C 8 -36.83 -19.41 -5.81
N VAL C 9 -36.21 -18.24 -5.85
CA VAL C 9 -36.21 -17.27 -4.72
C VAL C 9 -37.38 -16.29 -4.88
N LEU C 10 -38.19 -16.10 -3.84
CA LEU C 10 -39.34 -15.15 -3.85
C LEU C 10 -38.96 -13.94 -2.99
N ASP C 11 -39.91 -13.31 -2.29
CA ASP C 11 -39.66 -12.03 -1.58
C ASP C 11 -39.11 -12.32 -0.17
N VAL C 12 -38.33 -11.38 0.35
CA VAL C 12 -37.91 -11.37 1.78
C VAL C 12 -39.16 -11.13 2.64
N LYS C 13 -39.15 -11.67 3.84
CA LYS C 13 -40.17 -11.35 4.88
C LYS C 13 -39.73 -10.08 5.60
N THR C 14 -40.65 -9.43 6.30
CA THR C 14 -40.42 -8.15 7.02
C THR C 14 -40.88 -8.32 8.48
N GLY C 15 -40.54 -7.36 9.35
CA GLY C 15 -41.05 -7.32 10.73
C GLY C 15 -40.11 -7.99 11.72
N ASP C 17 -38.94 -9.93 13.96
CA ASP C 17 -39.32 -11.34 13.68
C ASP C 17 -38.42 -11.93 12.57
N SER C 18 -38.21 -11.15 11.50
CA SER C 18 -37.72 -11.67 10.20
C SER C 18 -36.20 -11.60 10.11
N ILE C 19 -35.51 -10.99 11.08
CA ILE C 19 -34.02 -10.88 11.11
C ILE C 19 -33.50 -11.63 12.33
N THR C 20 -32.31 -12.22 12.21
CA THR C 20 -31.62 -12.86 13.36
C THR C 20 -30.12 -12.60 13.17
N GLN C 21 -29.38 -12.53 14.27
CA GLN C 21 -27.90 -12.40 14.27
C GLN C 21 -27.35 -13.70 14.83
N ILE C 22 -26.42 -14.33 14.11
CA ILE C 22 -25.74 -15.58 14.54
C ILE C 22 -24.27 -15.24 14.76
N GLU C 23 -23.80 -15.46 15.97
CA GLU C 23 -22.40 -15.17 16.40
CA GLU C 23 -22.37 -15.19 16.27
C GLU C 23 -21.65 -16.49 16.63
N ALA C 24 -20.37 -16.53 16.30
CA ALA C 24 -19.50 -17.67 16.62
C ALA C 24 -18.06 -17.21 16.59
N PHE C 25 -17.22 -17.78 17.45
CA PHE C 25 -15.75 -17.73 17.36
C PHE C 25 -15.33 -19.11 16.83
N LEU C 26 -14.46 -19.14 15.81
CA LEU C 26 -13.79 -20.38 15.34
C LEU C 26 -12.33 -20.32 15.77
N ASN C 27 -11.91 -21.28 16.57
CA ASN C 27 -10.52 -21.36 17.03
C ASN C 27 -9.62 -21.87 15.91
N PRO C 28 -8.38 -21.40 15.84
CA PRO C 28 -7.49 -21.85 14.77
C PRO C 28 -7.05 -23.29 14.95
N ARG C 29 -6.77 -23.96 13.82
CA ARG C 29 -6.33 -25.36 13.77
C ARG C 29 -4.96 -25.35 13.08
N MET C 30 -3.94 -25.03 13.86
CA MET C 30 -2.57 -24.80 13.35
C MET C 30 -1.76 -26.09 13.39
N GLY C 31 -2.35 -27.18 13.86
CA GLY C 31 -1.66 -28.48 13.96
C GLY C 31 -1.78 -29.02 15.38
N VAL C 32 -1.44 -28.21 16.38
CA VAL C 32 -1.82 -28.53 17.79
C VAL C 32 -3.27 -28.09 17.93
N ASN C 33 -4.18 -29.04 17.74
CA ASN C 33 -5.63 -28.74 17.61
C ASN C 33 -6.38 -29.08 18.90
N ASP C 34 -5.63 -29.49 19.92
CA ASP C 34 -6.14 -29.97 21.23
C ASP C 34 -6.03 -28.82 22.22
N GLU C 35 -7.17 -28.31 22.70
CA GLU C 35 -7.21 -27.13 23.59
C GLU C 35 -6.60 -27.42 24.96
N THR C 36 -6.27 -28.68 25.30
CA THR C 36 -5.55 -29.02 26.57
C THR C 36 -4.03 -29.10 26.37
N ASN C 37 -3.55 -29.00 25.13
CA ASN C 37 -2.10 -29.05 24.82
C ASN C 37 -1.50 -27.66 25.05
N THR C 38 -0.35 -27.61 25.69
CA THR C 38 0.37 -26.37 26.06
C THR C 38 0.69 -25.53 24.81
N TRP C 39 0.71 -26.12 23.62
CA TRP C 39 1.02 -25.39 22.36
C TRP C 39 -0.24 -25.18 21.51
N TYR C 40 -1.42 -25.21 22.13
CA TYR C 40 -2.68 -24.93 21.39
C TYR C 40 -2.58 -23.59 20.67
N GLY C 41 -3.02 -23.51 19.41
CA GLY C 41 -2.97 -22.28 18.61
C GLY C 41 -1.70 -22.16 17.79
N PHE C 42 -0.83 -23.17 17.89
CA PHE C 42 0.46 -23.25 17.16
C PHE C 42 0.52 -24.62 16.47
N SER C 43 1.43 -24.76 15.52
CA SER C 43 1.85 -26.10 15.03
C SER C 43 2.91 -26.67 15.97
N GLU C 44 3.15 -27.96 15.82
CA GLU C 44 4.40 -28.55 16.33
C GLU C 44 5.57 -28.00 15.50
N GLN C 45 6.76 -28.11 16.04
CA GLN C 45 8.00 -27.68 15.33
C GLN C 45 8.03 -28.29 13.94
N VAL C 46 8.25 -27.42 12.95
CA VAL C 46 8.27 -27.83 11.52
C VAL C 46 9.60 -28.52 11.19
N THR C 47 9.51 -29.72 10.65
CA THR C 47 10.68 -30.47 10.13
C THR C 47 10.64 -30.41 8.61
N VAL C 48 11.81 -30.34 8.00
CA VAL C 48 11.94 -30.17 6.53
C VAL C 48 12.42 -31.51 5.95
N ALA C 49 11.80 -31.94 4.86
CA ALA C 49 12.10 -33.23 4.19
C ALA C 49 13.57 -33.27 3.76
N THR C 50 14.17 -34.48 3.80
CA THR C 50 15.57 -34.75 3.37
C THR C 50 15.62 -35.01 1.88
N ALA C 51 14.48 -35.27 1.27
CA ALA C 51 14.33 -35.59 -0.16
C ALA C 51 12.87 -35.36 -0.55
N ARG C 52 12.66 -35.16 -1.83
CA ARG C 52 11.30 -34.99 -2.38
C ARG C 52 10.48 -36.26 -2.13
N GLU C 53 11.12 -37.44 -2.15
CA GLU C 53 10.42 -38.76 -2.03
C GLU C 53 10.28 -39.21 -0.57
N THR C 54 10.81 -38.47 0.40
CA THR C 54 10.76 -38.85 1.85
C THR C 54 10.06 -37.73 2.63
N ASP C 55 9.16 -37.02 1.98
CA ASP C 55 8.43 -35.88 2.56
C ASP C 55 7.18 -36.43 3.25
N ARG C 56 7.26 -36.60 4.59
CA ARG C 56 6.26 -37.33 5.39
C ARG C 56 5.91 -36.47 6.60
N PRO C 57 5.17 -35.35 6.41
CA PRO C 57 4.88 -34.43 7.50
C PRO C 57 3.91 -35.01 8.52
N PRO C 58 4.21 -34.95 9.83
CA PRO C 58 3.23 -35.33 10.85
C PRO C 58 2.05 -34.35 10.85
N LYS C 59 0.86 -34.84 11.22
CA LYS C 59 -0.39 -34.05 11.13
C LYS C 59 -0.23 -32.75 11.94
N GLU C 60 0.54 -32.75 13.02
CA GLU C 60 0.58 -31.59 13.94
C GLU C 60 1.49 -30.49 13.40
N GLN C 61 2.19 -30.70 12.29
CA GLN C 61 3.16 -29.70 11.77
C GLN C 61 2.53 -28.83 10.67
N MET C 62 1.27 -29.03 10.32
CA MET C 62 0.60 -28.32 9.19
C MET C 62 -0.66 -27.62 9.68
N PRO C 63 -0.96 -26.40 9.17
CA PRO C 63 -2.23 -25.75 9.45
C PRO C 63 -3.38 -26.29 8.60
N TYR C 64 -4.57 -26.16 9.16
CA TYR C 64 -5.82 -26.70 8.60
C TYR C 64 -6.86 -25.60 8.49
N TYR C 65 -7.87 -25.85 7.66
CA TYR C 65 -9.10 -25.02 7.68
C TYR C 65 -9.86 -25.30 8.96
N SER C 66 -10.39 -24.22 9.55
CA SER C 66 -11.44 -24.26 10.59
C SER C 66 -12.82 -24.25 9.93
N CYS C 67 -13.78 -24.95 10.51
CA CYS C 67 -15.17 -24.87 10.00
C CYS C 67 -16.15 -25.25 11.09
N ALA C 68 -17.36 -24.76 10.93
CA ALA C 68 -18.46 -25.05 11.86
C ALA C 68 -19.76 -24.88 11.11
N ARG C 69 -20.73 -25.73 11.44
CA ARG C 69 -22.12 -25.58 11.01
C ARG C 69 -22.89 -25.11 12.23
N ILE C 70 -23.47 -23.93 12.14
CA ILE C 70 -24.25 -23.35 13.26
C ILE C 70 -25.71 -23.64 12.99
N PRO C 71 -26.42 -24.34 13.92
CA PRO C 71 -27.84 -24.58 13.72
C PRO C 71 -28.58 -23.25 13.87
N LEU C 72 -29.67 -23.11 13.13
CA LEU C 72 -30.40 -21.82 13.02
C LEU C 72 -31.76 -21.95 13.70
N PRO C 73 -32.34 -20.81 14.07
CA PRO C 73 -33.67 -20.79 14.67
C PRO C 73 -34.75 -21.32 13.72
N LEU C 74 -35.83 -21.83 14.31
CA LEU C 74 -36.99 -22.30 13.51
C LEU C 74 -37.61 -21.15 12.73
N LEU C 75 -38.15 -21.41 11.54
CA LEU C 75 -38.83 -20.30 10.81
C LEU C 75 -40.04 -20.80 10.01
N ASN C 76 -40.28 -22.12 9.91
CA ASN C 76 -41.34 -22.71 9.04
C ASN C 76 -42.50 -23.26 9.89
N THR C 83 -44.61 -23.05 -0.84
CA THR C 83 -43.45 -22.15 -0.60
C THR C 83 -42.96 -22.27 0.85
N LEU C 84 -41.67 -22.53 1.00
CA LEU C 84 -40.97 -22.63 2.31
C LEU C 84 -40.33 -21.28 2.60
N LEU C 85 -39.83 -21.10 3.81
CA LEU C 85 -38.86 -20.02 4.12
C LEU C 85 -37.49 -20.66 4.31
N MET C 86 -36.46 -19.91 3.95
CA MET C 86 -35.06 -20.25 4.30
C MET C 86 -34.41 -19.01 4.90
N TRP C 87 -33.47 -19.21 5.81
CA TRP C 87 -32.60 -18.12 6.29
C TRP C 87 -31.64 -17.75 5.15
N GLU C 88 -31.53 -16.46 4.89
CA GLU C 88 -30.65 -15.90 3.84
C GLU C 88 -29.59 -15.08 4.56
N ALA C 89 -28.32 -15.36 4.34
CA ALA C 89 -27.24 -14.59 4.95
C ALA C 89 -27.07 -13.29 4.16
N VAL C 90 -27.31 -12.16 4.82
CA VAL C 90 -27.31 -10.81 4.18
C VAL C 90 -25.90 -10.22 4.25
N SER C 91 -25.26 -10.35 5.38
CA SER C 91 -24.01 -9.62 5.68
C SER C 91 -23.33 -10.25 6.88
N VAL C 92 -22.07 -9.91 7.06
CA VAL C 92 -21.30 -10.45 8.20
C VAL C 92 -20.34 -9.38 8.67
N LYS C 93 -20.19 -9.30 9.99
CA LYS C 93 -19.02 -8.64 10.62
C LYS C 93 -18.08 -9.75 11.06
N THR C 94 -16.84 -9.71 10.59
CA THR C 94 -15.83 -10.73 10.95
C THR C 94 -14.56 -10.01 11.38
N GLU C 95 -13.87 -10.62 12.34
CA GLU C 95 -12.71 -10.04 13.02
C GLU C 95 -11.75 -11.17 13.34
N VAL C 96 -10.47 -10.97 13.02
CA VAL C 96 -9.39 -11.84 13.55
C VAL C 96 -8.98 -11.23 14.87
N ILE C 97 -9.13 -11.96 15.95
CA ILE C 97 -8.86 -11.41 17.30
CA ILE C 97 -8.87 -11.44 17.32
C ILE C 97 -7.46 -11.85 17.76
N GLY C 98 -6.73 -10.92 18.40
CA GLY C 98 -5.48 -11.31 19.07
C GLY C 98 -4.21 -10.78 18.45
N SER C 99 -4.26 -9.86 17.51
CA SER C 99 -3.01 -9.27 16.95
C SER C 99 -2.20 -8.66 18.09
N ASN C 100 -2.88 -8.15 19.13
CA ASN C 100 -2.21 -7.54 20.30
C ASN C 100 -1.27 -8.56 20.98
N THR C 101 -1.55 -9.86 20.85
CA THR C 101 -0.72 -10.89 21.53
C THR C 101 0.68 -10.92 20.92
N LEU C 102 0.82 -10.49 19.69
CA LEU C 102 2.11 -10.52 18.96
C LEU C 102 3.03 -9.40 19.48
N MET C 103 2.52 -8.49 20.32
CA MET C 103 3.30 -7.41 20.95
C MET C 103 3.99 -7.94 22.22
N ASN C 104 3.85 -9.24 22.53
CA ASN C 104 4.63 -9.92 23.59
C ASN C 104 6.01 -10.28 23.03
N VAL C 105 7.06 -9.56 23.43
CA VAL C 105 8.46 -9.82 22.97
C VAL C 105 9.34 -10.13 24.18
N HIS C 106 8.72 -10.57 25.27
CA HIS C 106 9.44 -10.97 26.51
C HIS C 106 9.39 -12.48 26.73
N ASP C 107 8.63 -13.23 25.93
CA ASP C 107 8.48 -14.70 26.02
CA ASP C 107 8.52 -14.70 26.12
C ASP C 107 9.84 -15.36 25.73
N TYR C 108 9.94 -16.66 25.91
CA TYR C 108 11.17 -17.43 25.63
C TYR C 108 11.32 -17.52 24.11
N MET C 109 12.04 -16.55 23.55
CA MET C 109 12.08 -16.23 22.11
CA MET C 109 12.10 -16.32 22.09
C MET C 109 13.55 -16.03 21.68
N THR C 110 13.83 -16.12 20.39
CA THR C 110 15.18 -15.77 19.89
CA THR C 110 15.11 -15.73 19.75
C THR C 110 15.40 -14.26 20.07
N ARG C 111 16.66 -13.88 20.19
CA ARG C 111 17.01 -12.50 20.54
C ARG C 111 18.31 -12.11 19.83
N THR C 112 18.43 -10.86 19.40
CA THR C 112 19.71 -10.30 18.87
C THR C 112 20.37 -9.53 20.01
N ASP C 113 21.51 -10.00 20.51
CA ASP C 113 22.19 -9.33 21.65
C ASP C 113 21.16 -9.18 22.79
N ASN C 114 20.97 -7.98 23.34
CA ASN C 114 20.03 -7.79 24.47
C ASN C 114 18.72 -7.19 23.96
N GLY C 115 18.43 -7.30 22.67
CA GLY C 115 17.19 -6.77 22.10
C GLY C 115 15.97 -7.57 22.50
N VAL C 116 14.83 -7.19 21.97
CA VAL C 116 13.53 -7.84 22.28
C VAL C 116 13.50 -9.24 21.66
N GLY C 117 12.60 -10.07 22.14
CA GLY C 117 12.29 -11.37 21.54
C GLY C 117 11.80 -11.16 20.12
N HIS C 118 12.29 -11.94 19.18
CA HIS C 118 11.86 -11.79 17.77
C HIS C 118 10.41 -12.24 17.63
N PRO C 119 9.52 -11.33 17.22
CA PRO C 119 8.11 -11.68 17.15
C PRO C 119 7.75 -12.51 15.90
N VAL C 120 6.52 -13.00 15.89
CA VAL C 120 5.99 -13.84 14.78
C VAL C 120 6.11 -13.10 13.46
N VAL C 121 6.72 -13.74 12.47
CA VAL C 121 6.90 -13.17 11.11
C VAL C 121 6.84 -14.31 10.10
N GLY C 122 6.66 -13.96 8.83
CA GLY C 122 6.66 -14.92 7.73
C GLY C 122 5.40 -14.87 6.93
N SER C 123 5.03 -15.97 6.31
CA SER C 123 3.90 -16.06 5.39
C SER C 123 2.59 -15.99 6.16
N THR C 124 1.63 -15.31 5.56
CA THR C 124 0.28 -15.14 6.12
C THR C 124 -0.74 -15.65 5.13
N TYR C 125 -1.77 -16.26 5.68
CA TYR C 125 -2.88 -16.81 4.88
C TYR C 125 -4.16 -16.54 5.67
N HIS C 126 -5.00 -15.70 5.13
CA HIS C 126 -6.28 -15.33 5.76
C HIS C 126 -7.39 -15.70 4.81
N MET C 127 -8.39 -16.41 5.30
CA MET C 127 -9.61 -16.54 4.50
CA MET C 127 -9.58 -16.75 4.49
C MET C 127 -10.79 -16.82 5.42
N PHE C 128 -11.93 -16.34 4.97
CA PHE C 128 -13.20 -16.67 5.66
C PHE C 128 -14.24 -16.91 4.59
N ALA C 129 -15.24 -17.70 4.95
CA ALA C 129 -16.38 -17.97 4.07
C ALA C 129 -17.64 -18.11 4.92
N VAL C 130 -18.74 -17.70 4.31
CA VAL C 130 -20.11 -17.85 4.87
C VAL C 130 -20.99 -18.44 3.80
N GLY C 131 -21.65 -19.54 4.09
CA GLY C 131 -22.49 -20.19 3.10
C GLY C 131 -23.65 -20.98 3.69
N GLY C 132 -24.50 -21.46 2.79
CA GLY C 132 -25.70 -22.24 3.17
C GLY C 132 -25.46 -23.72 3.02
N GLU C 133 -24.20 -24.11 2.78
CA GLU C 133 -23.74 -25.50 2.66
C GLU C 133 -22.22 -25.49 2.76
N PRO C 134 -21.56 -26.65 2.92
CA PRO C 134 -20.11 -26.66 3.10
C PRO C 134 -19.38 -25.97 1.94
N LEU C 135 -18.25 -25.35 2.29
CA LEU C 135 -17.34 -24.72 1.31
C LEU C 135 -16.87 -25.80 0.33
N ASP C 136 -16.98 -25.56 -0.97
CA ASP C 136 -16.40 -26.47 -2.00
C ASP C 136 -14.89 -26.19 -2.12
N LEU C 137 -14.08 -27.25 -2.13
CA LEU C 137 -12.59 -27.18 -2.16
C LEU C 137 -12.09 -27.81 -3.45
N GLN C 138 -11.06 -27.19 -4.01
CA GLN C 138 -10.31 -27.73 -5.16
C GLN C 138 -8.94 -28.15 -4.64
N GLY C 139 -8.52 -29.39 -4.89
CA GLY C 139 -7.19 -29.85 -4.50
C GLY C 139 -6.11 -29.30 -5.42
N ILE C 140 -4.98 -29.02 -4.82
CA ILE C 140 -3.76 -28.51 -5.54
C ILE C 140 -2.64 -28.56 -4.52
N GLN C 141 -1.43 -28.93 -4.95
CA GLN C 141 -0.29 -29.17 -4.04
C GLN C 141 0.97 -28.56 -4.63
N GLN C 142 1.92 -28.22 -3.78
CA GLN C 142 3.25 -27.74 -4.21
C GLN C 142 4.07 -28.93 -4.73
N SER C 143 3.90 -30.10 -4.13
CA SER C 143 4.59 -31.35 -4.54
C SER C 143 3.61 -32.52 -4.56
N HIS C 144 3.57 -33.25 -5.67
CA HIS C 144 2.70 -34.45 -5.82
C HIS C 144 3.23 -35.63 -4.98
N LEU C 145 4.47 -35.56 -4.49
CA LEU C 145 5.15 -36.71 -3.84
C LEU C 145 4.98 -36.65 -2.32
N VAL C 146 4.35 -35.64 -1.76
CA VAL C 146 4.16 -35.61 -0.27
C VAL C 146 3.38 -36.87 0.15
N GLN C 147 3.82 -37.50 1.23
CA GLN C 147 3.09 -38.61 1.87
C GLN C 147 2.35 -38.07 3.09
N TYR C 148 1.05 -37.81 2.95
CA TYR C 148 0.24 -37.21 4.04
C TYR C 148 -0.07 -38.30 5.05
N PRO C 149 -0.16 -37.93 6.33
CA PRO C 149 -0.44 -38.90 7.38
C PRO C 149 -1.90 -39.35 7.36
N GLU C 150 -2.17 -40.46 8.05
CA GLU C 150 -3.54 -41.01 8.17
C GLU C 150 -4.39 -40.03 8.98
N GLY C 151 -5.68 -40.02 8.66
CA GLY C 151 -6.72 -39.31 9.41
C GLY C 151 -6.93 -37.89 8.89
N LEU C 152 -6.30 -37.54 7.77
CA LEU C 152 -6.58 -36.23 7.12
C LEU C 152 -7.44 -36.45 5.88
N ILE C 153 -8.07 -35.40 5.37
CA ILE C 153 -8.71 -35.43 4.04
C ILE C 153 -7.86 -34.58 3.10
N VAL C 154 -7.25 -35.24 2.12
CA VAL C 154 -6.31 -34.63 1.15
C VAL C 154 -6.75 -35.09 -0.23
N PRO C 155 -6.18 -34.54 -1.33
CA PRO C 155 -6.61 -34.96 -2.66
C PRO C 155 -6.60 -36.48 -2.86
N LYS C 156 -5.64 -37.18 -2.27
CA LYS C 156 -5.54 -38.67 -2.39
C LYS C 156 -6.86 -39.29 -1.90
N SER C 157 -7.59 -38.60 -1.02
CA SER C 157 -8.85 -39.12 -0.42
C SER C 157 -9.94 -39.23 -1.48
N VAL C 158 -9.84 -38.46 -2.58
CA VAL C 158 -10.94 -38.29 -3.56
C VAL C 158 -10.49 -38.65 -4.97
N THR C 159 -9.19 -38.74 -5.25
CA THR C 159 -8.74 -38.99 -6.65
C THR C 159 -7.32 -39.54 -6.65
N ASP C 160 -6.85 -39.95 -7.82
CA ASP C 160 -5.46 -40.40 -8.05
C ASP C 160 -4.56 -39.17 -8.06
N VAL C 161 -3.57 -39.15 -7.19
CA VAL C 161 -2.62 -38.02 -7.15
C VAL C 161 -1.49 -38.29 -8.14
N THR C 162 -1.35 -37.37 -9.09
CA THR C 162 -0.32 -37.37 -10.15
C THR C 162 0.31 -35.98 -10.18
N ALA C 163 1.28 -35.77 -11.07
CA ALA C 163 1.91 -34.44 -11.21
C ALA C 163 0.83 -33.40 -11.57
N LYS C 164 -0.31 -33.81 -12.10
CA LYS C 164 -1.40 -32.84 -12.42
CA LYS C 164 -1.41 -32.86 -12.43
C LYS C 164 -1.82 -32.08 -11.18
N ILE C 165 -1.64 -32.64 -9.98
CA ILE C 165 -2.13 -31.98 -8.74
C ILE C 165 -1.27 -30.73 -8.46
N GLN C 166 -0.12 -30.55 -9.13
CA GLN C 166 0.71 -29.34 -8.94
C GLN C 166 0.13 -28.17 -9.73
N CYS C 167 -0.78 -28.46 -10.64
CA CYS C 167 -1.60 -27.46 -11.38
C CYS C 167 -3.07 -27.71 -11.02
N LEU C 168 -4.01 -27.61 -11.97
CA LEU C 168 -5.44 -27.86 -11.68
CA LEU C 168 -5.45 -27.85 -11.72
C LEU C 168 -5.83 -29.22 -12.26
N ASP C 169 -6.08 -30.15 -11.36
CA ASP C 169 -6.67 -31.47 -11.66
C ASP C 169 -8.14 -31.37 -11.27
N PRO C 170 -9.06 -31.23 -12.23
CA PRO C 170 -10.46 -31.01 -11.89
C PRO C 170 -11.18 -32.19 -11.22
N SER C 171 -10.53 -33.37 -11.15
CA SER C 171 -11.05 -34.53 -10.37
C SER C 171 -10.86 -34.33 -8.87
N ALA C 172 -10.00 -33.40 -8.44
CA ALA C 172 -9.66 -33.24 -7.00
C ALA C 172 -10.65 -32.29 -6.34
N LYS C 173 -11.89 -32.74 -6.15
CA LYS C 173 -13.01 -31.97 -5.55
C LYS C 173 -13.37 -32.55 -4.19
N ALA C 174 -13.62 -31.67 -3.22
CA ALA C 174 -14.10 -32.08 -1.88
C ALA C 174 -14.91 -30.95 -1.28
N LYS C 175 -15.59 -31.25 -0.17
CA LYS C 175 -16.38 -30.29 0.63
C LYS C 175 -15.71 -30.18 1.99
N LEU C 176 -15.59 -28.96 2.50
CA LEU C 176 -14.99 -28.71 3.83
C LEU C 176 -16.02 -29.11 4.89
N ASP C 177 -15.95 -30.34 5.36
CA ASP C 177 -17.01 -30.88 6.25
C ASP C 177 -16.42 -31.42 7.56
N LYS C 178 -15.14 -31.17 7.84
CA LYS C 178 -14.50 -31.61 9.09
C LYS C 178 -13.50 -30.53 9.52
N ASP C 179 -13.68 -29.98 10.72
CA ASP C 179 -12.78 -28.99 11.32
C ASP C 179 -11.42 -29.61 11.60
N GLY C 180 -10.34 -28.93 11.21
CA GLY C 180 -8.98 -29.34 11.57
C GLY C 180 -8.49 -30.60 10.87
N LYS C 181 -9.03 -30.94 9.70
CA LYS C 181 -8.66 -32.18 8.99
C LYS C 181 -8.26 -31.94 7.53
N TYR C 182 -8.61 -30.80 6.95
CA TYR C 182 -8.30 -30.44 5.55
C TYR C 182 -7.13 -29.48 5.58
N PRO C 183 -5.90 -29.91 5.24
CA PRO C 183 -4.76 -29.02 5.34
C PRO C 183 -4.88 -27.86 4.35
N ILE C 184 -4.46 -26.66 4.74
CA ILE C 184 -4.54 -25.55 3.77
C ILE C 184 -3.57 -25.82 2.62
N GLU C 185 -2.48 -26.55 2.85
CA GLU C 185 -1.46 -26.68 1.78
C GLU C 185 -1.96 -27.56 0.62
N THR C 186 -3.10 -28.24 0.74
CA THR C 186 -3.60 -29.14 -0.34
C THR C 186 -4.95 -28.68 -0.90
N TRP C 187 -5.57 -27.61 -0.37
CA TRP C 187 -6.97 -27.29 -0.74
C TRP C 187 -7.15 -25.78 -0.88
N SER C 188 -7.73 -25.37 -2.00
CA SER C 188 -8.18 -23.98 -2.28
C SER C 188 -9.68 -23.95 -2.30
N PRO C 189 -10.30 -22.81 -1.91
CA PRO C 189 -11.71 -22.62 -2.21
C PRO C 189 -11.92 -22.75 -3.73
N ASP C 190 -12.95 -23.48 -4.13
CA ASP C 190 -13.21 -23.83 -5.56
C ASP C 190 -14.03 -22.72 -6.23
N PRO C 191 -13.46 -21.91 -7.15
CA PRO C 191 -14.22 -20.84 -7.78
C PRO C 191 -15.21 -21.32 -8.85
N SER C 192 -15.16 -22.59 -9.24
CA SER C 192 -16.08 -23.20 -10.22
C SER C 192 -17.35 -23.69 -9.51
N ARG C 193 -17.35 -23.75 -8.18
CA ARG C 193 -18.57 -24.16 -7.41
C ARG C 193 -18.93 -23.02 -6.45
N ASN C 194 -19.29 -23.29 -5.20
CA ASN C 194 -19.56 -22.24 -4.19
C ASN C 194 -20.60 -21.24 -4.70
N GLU C 195 -21.63 -21.72 -5.40
CA GLU C 195 -22.76 -20.87 -5.85
CA GLU C 195 -22.74 -20.84 -5.85
C GLU C 195 -23.48 -20.30 -4.62
N ASN C 196 -23.47 -21.04 -3.52
CA ASN C 196 -24.27 -20.72 -2.30
C ASN C 196 -23.36 -20.38 -1.13
N THR C 197 -22.15 -19.91 -1.41
CA THR C 197 -21.14 -19.52 -0.39
C THR C 197 -20.46 -18.26 -0.92
N ARG C 198 -20.08 -17.36 -0.03
CA ARG C 198 -19.17 -16.24 -0.37
C ARG C 198 -17.87 -16.49 0.36
N TYR C 199 -16.73 -16.46 -0.34
CA TYR C 199 -15.43 -16.59 0.34
C TYR C 199 -14.54 -15.40 -0.07
N PHE C 200 -13.59 -15.11 0.80
CA PHE C 200 -12.68 -13.95 0.72
C PHE C 200 -11.36 -14.39 1.32
N GLY C 201 -10.23 -14.07 0.69
CA GLY C 201 -8.96 -14.43 1.31
C GLY C 201 -7.83 -13.60 0.76
N ASN C 202 -6.74 -13.63 1.48
CA ASN C 202 -5.50 -13.00 0.98
C ASN C 202 -4.31 -13.80 1.50
N TYR C 203 -3.27 -13.82 0.71
CA TYR C 203 -2.00 -14.51 0.99
C TYR C 203 -0.87 -13.52 0.81
N TYR C 204 0.13 -13.58 1.67
CA TYR C 204 1.36 -12.74 1.57
C TYR C 204 2.48 -13.67 2.01
N GLY C 205 3.46 -13.95 1.14
CA GLY C 205 4.51 -14.93 1.42
C GLY C 205 5.71 -14.32 2.12
N GLY C 206 6.86 -14.95 1.89
CA GLY C 206 8.14 -14.56 2.50
C GLY C 206 8.44 -15.34 3.75
N LEU C 207 9.74 -15.39 4.10
CA LEU C 207 10.24 -16.10 5.30
C LEU C 207 10.09 -15.24 6.55
N THR C 208 10.34 -13.93 6.47
CA THR C 208 10.36 -13.05 7.66
C THR C 208 9.47 -11.82 7.45
N THR C 209 8.51 -11.88 6.55
CA THR C 209 7.61 -10.74 6.26
C THR C 209 6.86 -10.32 7.53
N PRO C 210 6.70 -9.01 7.82
CA PRO C 210 5.92 -8.59 8.96
C PRO C 210 4.44 -8.89 8.74
N PRO C 211 3.74 -9.45 9.74
CA PRO C 211 2.30 -9.65 9.65
C PRO C 211 1.58 -8.30 9.75
N VAL C 212 0.42 -8.20 9.09
CA VAL C 212 -0.44 -6.98 9.09
C VAL C 212 -1.87 -7.40 9.42
N LEU C 213 -2.53 -6.65 10.29
CA LEU C 213 -3.94 -6.90 10.62
C LEU C 213 -4.65 -5.58 10.92
N THR C 214 -5.88 -5.46 10.47
CA THR C 214 -6.78 -4.38 10.94
C THR C 214 -7.89 -5.03 11.77
N PHE C 215 -8.49 -4.25 12.66
CA PHE C 215 -9.60 -4.74 13.50
C PHE C 215 -10.51 -3.55 13.77
N THR C 216 -11.80 -3.84 13.81
CA THR C 216 -12.83 -2.81 14.07
C THR C 216 -14.13 -3.56 14.29
N ASN C 217 -15.13 -2.87 14.82
CA ASN C 217 -16.50 -3.41 14.84
C ASN C 217 -17.40 -2.57 13.94
N THR C 218 -16.85 -1.82 12.98
CA THR C 218 -17.64 -0.88 12.15
C THR C 218 -17.74 -1.32 10.68
N VAL C 219 -17.12 -2.44 10.31
CA VAL C 219 -17.04 -2.87 8.87
C VAL C 219 -17.97 -4.06 8.68
N THR C 220 -18.92 -3.91 7.76
CA THR C 220 -19.86 -4.98 7.34
C THR C 220 -19.43 -5.50 5.96
N THR C 221 -19.29 -6.81 5.82
CA THR C 221 -19.11 -7.47 4.51
C THR C 221 -20.50 -7.88 3.99
N ILE C 222 -20.91 -7.37 2.83
CA ILE C 222 -22.20 -7.72 2.17
C ILE C 222 -22.07 -9.11 1.52
N LEU C 223 -23.07 -9.96 1.67
CA LEU C 223 -23.01 -11.34 1.14
C LEU C 223 -24.00 -11.52 -0.01
N LEU C 224 -24.77 -10.47 -0.34
CA LEU C 224 -25.76 -10.52 -1.44
C LEU C 224 -25.00 -10.59 -2.76
N ASP C 225 -25.49 -11.39 -3.68
CA ASP C 225 -24.93 -11.53 -5.05
C ASP C 225 -25.43 -10.36 -5.91
N GLU C 226 -25.13 -10.38 -7.20
CA GLU C 226 -25.49 -9.27 -8.13
C GLU C 226 -27.02 -9.16 -8.24
N ASN C 227 -27.78 -10.19 -7.84
CA ASN C 227 -29.26 -10.18 -7.91
C ASN C 227 -29.87 -9.83 -6.55
N GLY C 228 -29.08 -9.47 -5.55
CA GLY C 228 -29.57 -9.13 -4.20
C GLY C 228 -29.92 -10.36 -3.38
N VAL C 229 -29.33 -11.52 -3.71
CA VAL C 229 -29.63 -12.79 -2.96
C VAL C 229 -28.37 -13.24 -2.23
N GLY C 230 -28.51 -13.45 -0.93
CA GLY C 230 -27.43 -14.00 -0.10
C GLY C 230 -27.42 -15.51 -0.12
N PRO C 231 -26.40 -16.14 0.49
CA PRO C 231 -26.43 -17.59 0.70
C PRO C 231 -27.72 -18.04 1.41
N LEU C 232 -28.32 -19.12 0.91
CA LEU C 232 -29.57 -19.68 1.48
C LEU C 232 -29.24 -20.93 2.27
N CYS C 233 -29.65 -20.97 3.52
CA CYS C 233 -29.17 -21.97 4.49
C CYS C 233 -29.97 -23.26 4.35
N LYS C 234 -29.38 -24.22 3.66
CA LYS C 234 -30.01 -25.55 3.41
C LYS C 234 -30.04 -26.30 4.73
N GLY C 235 -31.17 -26.94 5.03
CA GLY C 235 -31.33 -27.67 6.29
C GLY C 235 -31.20 -26.77 7.50
N ASP C 236 -31.39 -25.44 7.35
CA ASP C 236 -31.36 -24.49 8.48
C ASP C 236 -30.02 -24.58 9.21
N GLY C 237 -28.93 -24.71 8.45
CA GLY C 237 -27.56 -24.62 8.97
C GLY C 237 -26.81 -23.49 8.31
N LEU C 238 -26.03 -22.78 9.10
CA LEU C 238 -25.10 -21.72 8.60
C LEU C 238 -23.68 -22.28 8.64
N PHE C 239 -22.99 -22.22 7.51
CA PHE C 239 -21.64 -22.83 7.34
C PHE C 239 -20.59 -21.73 7.34
N LEU C 240 -19.73 -21.77 8.35
CA LEU C 240 -18.62 -20.83 8.54
C LEU C 240 -17.31 -21.57 8.34
N SER C 241 -16.36 -20.94 7.64
CA SER C 241 -15.05 -21.55 7.35
C SER C 241 -14.00 -20.46 7.50
N CYS C 242 -12.80 -20.78 7.95
CA CYS C 242 -11.72 -19.78 7.94
C CYS C 242 -10.36 -20.44 8.13
N CYS C 243 -9.33 -19.65 7.88
CA CYS C 243 -7.96 -19.96 8.32
C CYS C 243 -7.24 -18.62 8.48
N ASP C 244 -6.48 -18.45 9.55
CA ASP C 244 -5.79 -17.17 9.84
C ASP C 244 -4.39 -17.46 10.36
N VAL C 245 -3.48 -17.81 9.43
CA VAL C 245 -2.05 -18.02 9.74
C VAL C 245 -1.37 -16.65 9.79
N MET C 246 -0.69 -16.33 10.88
CA MET C 246 -0.04 -15.02 11.09
C MET C 246 1.45 -15.08 10.77
N GLY C 247 2.00 -16.28 10.57
CA GLY C 247 3.43 -16.49 10.36
C GLY C 247 3.97 -17.55 11.28
N TRP C 248 5.26 -17.52 11.53
CA TRP C 248 5.98 -18.52 12.35
C TRP C 248 6.52 -17.85 13.60
N PHE C 249 6.39 -18.58 14.70
CA PHE C 249 7.00 -18.31 16.01
C PHE C 249 8.31 -19.07 16.13
N THR C 250 9.34 -18.45 16.72
CA THR C 250 10.61 -19.16 17.01
C THR C 250 10.88 -19.08 18.51
N ALA C 251 10.80 -20.22 19.18
CA ALA C 251 11.11 -20.30 20.62
C ALA C 251 12.62 -20.18 20.84
N GLY C 252 13.00 -19.75 22.03
CA GLY C 252 14.42 -19.54 22.38
C GLY C 252 15.18 -20.84 22.58
N SER C 253 14.50 -22.00 22.55
CA SER C 253 15.07 -23.36 22.69
C SER C 253 15.84 -23.78 21.43
N GLY C 254 15.78 -23.02 20.34
CA GLY C 254 16.44 -23.40 19.09
C GLY C 254 16.13 -22.48 17.93
N THR C 255 16.21 -23.02 16.71
CA THR C 255 15.84 -22.30 15.47
C THR C 255 14.62 -22.96 14.84
N HIS C 256 14.04 -24.00 15.44
CA HIS C 256 12.82 -24.65 14.92
C HIS C 256 11.68 -23.66 15.05
N GLN C 257 10.75 -23.70 14.10
CA GLN C 257 9.65 -22.70 14.03
C GLN C 257 8.31 -23.41 14.08
N ARG C 258 7.31 -22.67 14.54
CA ARG C 258 5.90 -23.14 14.64
C ARG C 258 5.02 -22.15 13.91
N PHE C 259 4.06 -22.66 13.16
CA PHE C 259 2.94 -21.81 12.68
C PHE C 259 2.23 -21.21 13.90
N ARG C 260 1.83 -19.96 13.79
CA ARG C 260 0.93 -19.33 14.80
C ARG C 260 -0.33 -18.82 14.10
N GLY C 261 -1.50 -19.16 14.63
CA GLY C 261 -2.79 -18.73 14.10
C GLY C 261 -3.59 -18.00 15.14
N LEU C 262 -4.62 -17.29 14.71
CA LEU C 262 -5.51 -16.56 15.65
C LEU C 262 -6.95 -16.93 15.37
N PRO C 263 -7.82 -16.82 16.41
CA PRO C 263 -9.24 -17.08 16.24
C PRO C 263 -9.91 -16.00 15.40
N ARG C 264 -11.04 -16.38 14.82
CA ARG C 264 -11.89 -15.48 14.05
C ARG C 264 -13.32 -15.49 14.59
N TYR C 265 -13.84 -14.28 14.76
CA TYR C 265 -15.24 -14.02 15.15
C TYR C 265 -16.06 -13.77 13.90
N PHE C 266 -17.29 -14.28 13.91
CA PHE C 266 -18.32 -13.99 12.89
C PHE C 266 -19.57 -13.50 13.60
N ASN C 267 -20.21 -12.47 13.06
CA ASN C 267 -21.60 -12.09 13.41
C ASN C 267 -22.36 -11.92 12.09
N VAL C 268 -23.14 -12.93 11.74
CA VAL C 268 -23.86 -12.98 10.44
C VAL C 268 -25.29 -12.49 10.69
N GLN C 269 -25.72 -11.54 9.87
CA GLN C 269 -27.14 -11.10 9.85
C GLN C 269 -27.88 -11.97 8.84
N LEU C 270 -28.93 -12.65 9.28
CA LEU C 270 -29.78 -13.44 8.36
C LEU C 270 -31.18 -12.86 8.34
N ARG C 271 -31.86 -13.02 7.22
CA ARG C 271 -33.28 -12.63 7.09
C ARG C 271 -34.06 -13.81 6.53
N LYS C 272 -35.35 -13.85 6.82
CA LYS C 272 -36.22 -14.90 6.26
C LYS C 272 -36.54 -14.58 4.79
N ARG C 273 -36.35 -15.57 3.91
CA ARG C 273 -36.60 -15.46 2.47
C ARG C 273 -37.59 -16.54 2.06
N ALA C 274 -38.66 -16.19 1.36
CA ALA C 274 -39.62 -17.15 0.78
C ALA C 274 -38.98 -17.76 -0.48
N VAL C 275 -39.16 -19.07 -0.66
CA VAL C 275 -38.67 -19.83 -1.85
C VAL C 275 -39.78 -20.79 -2.30
N ARG C 276 -39.71 -21.24 -3.56
CA ARG C 276 -40.62 -22.24 -4.17
C ARG C 276 -40.34 -23.63 -3.60
N GLY D 6 -32.51 -3.29 26.43
CA GLY D 6 -31.87 -2.37 25.46
C GLY D 6 -32.56 -1.02 25.43
N ILE D 7 -31.78 0.04 25.16
CA ILE D 7 -32.28 1.44 25.01
C ILE D 7 -33.15 1.53 23.75
N GLU D 8 -34.38 2.03 23.86
CA GLU D 8 -35.32 2.31 22.73
C GLU D 8 -35.10 3.75 22.24
N VAL D 9 -34.54 3.90 21.04
CA VAL D 9 -34.00 5.19 20.55
C VAL D 9 -35.13 5.94 19.82
N LEU D 10 -35.30 7.21 20.13
CA LEU D 10 -36.32 8.08 19.50
C LEU D 10 -35.59 9.15 18.67
N ASP D 11 -36.11 10.36 18.56
CA ASP D 11 -35.54 11.36 17.61
C ASP D 11 -34.35 12.10 18.23
N VAL D 12 -33.44 12.53 17.37
CA VAL D 12 -32.42 13.54 17.74
C VAL D 12 -33.13 14.85 18.07
N LYS D 13 -32.59 15.61 19.01
CA LYS D 13 -33.03 16.99 19.31
C LYS D 13 -32.27 17.94 18.38
N THR D 14 -32.75 19.17 18.27
CA THR D 14 -32.19 20.19 17.35
C THR D 14 -32.00 21.51 18.10
N GLY D 15 -31.31 22.44 17.47
CA GLY D 15 -31.26 23.84 17.93
C GLY D 15 -30.08 24.10 18.83
N ASP D 16 -30.07 25.31 19.41
CA ASP D 16 -29.06 25.85 20.34
C ASP D 16 -28.86 24.82 21.47
N ASP D 17 -27.62 24.45 21.71
CA ASP D 17 -27.25 23.64 22.90
C ASP D 17 -27.72 22.19 22.73
N SER D 18 -28.18 21.75 21.55
CA SER D 18 -28.44 20.30 21.31
C SER D 18 -27.13 19.59 20.94
N ILE D 19 -26.06 20.33 20.69
CA ILE D 19 -24.72 19.80 20.28
C ILE D 19 -23.69 20.25 21.33
N THR D 20 -22.69 19.40 21.59
CA THR D 20 -21.48 19.80 22.35
C THR D 20 -20.28 19.09 21.71
N GLN D 21 -19.09 19.66 21.87
CA GLN D 21 -17.80 19.03 21.46
C GLN D 21 -17.03 18.76 22.75
N ILE D 22 -16.46 17.57 22.87
CA ILE D 22 -15.64 17.16 24.04
C ILE D 22 -14.25 16.84 23.48
N GLU D 23 -13.20 17.47 23.99
CA GLU D 23 -11.84 17.17 23.53
C GLU D 23 -11.01 16.66 24.70
N ALA D 24 -10.05 15.80 24.39
CA ALA D 24 -9.13 15.22 25.41
C ALA D 24 -7.87 14.75 24.71
N PHE D 25 -6.74 14.80 25.43
CA PHE D 25 -5.51 14.09 25.07
C PHE D 25 -5.37 12.93 26.06
N LEU D 26 -5.14 11.71 25.58
CA LEU D 26 -4.76 10.54 26.41
C LEU D 26 -3.26 10.31 26.23
N ASN D 27 -2.49 10.36 27.31
CA ASN D 27 -1.05 10.06 27.28
C ASN D 27 -0.87 8.56 27.21
N PRO D 28 0.20 8.13 26.51
CA PRO D 28 0.49 6.71 26.36
C PRO D 28 0.95 6.11 27.70
N ARG D 29 0.65 4.82 27.87
CA ARG D 29 1.04 4.03 29.05
C ARG D 29 1.91 2.88 28.56
N MET D 30 3.19 3.16 28.32
CA MET D 30 4.11 2.19 27.68
C MET D 30 4.85 1.36 28.72
N GLY D 31 4.59 1.55 30.01
CA GLY D 31 5.29 0.85 31.10
C GLY D 31 5.84 1.84 32.11
N VAL D 32 6.59 2.82 31.63
CA VAL D 32 6.95 4.01 32.46
C VAL D 32 5.73 4.93 32.38
N ASN D 33 4.81 4.78 33.32
CA ASN D 33 3.49 5.44 33.30
C ASN D 33 3.47 6.67 34.21
N ASP D 34 4.58 6.96 34.87
CA ASP D 34 4.73 8.10 35.82
C ASP D 34 5.32 9.29 35.08
N GLU D 35 4.55 10.38 34.98
CA GLU D 35 4.92 11.59 34.20
C GLU D 35 6.17 12.28 34.74
N THR D 36 6.62 11.96 35.97
CA THR D 36 7.84 12.55 36.55
C THR D 36 9.09 11.72 36.22
N ASN D 37 8.91 10.53 35.66
CA ASN D 37 10.05 9.63 35.35
C ASN D 37 10.70 10.06 34.02
N THR D 38 12.04 10.08 33.99
CA THR D 38 12.84 10.57 32.84
C THR D 38 12.52 9.75 31.58
N TRP D 39 11.99 8.53 31.68
CA TRP D 39 11.65 7.69 30.51
C TRP D 39 10.13 7.64 30.30
N TYR D 40 9.37 8.63 30.76
CA TYR D 40 7.90 8.71 30.51
C TYR D 40 7.60 8.65 29.01
N GLY D 41 6.64 7.83 28.61
CA GLY D 41 6.30 7.63 27.19
C GLY D 41 7.02 6.46 26.57
N PHE D 42 7.83 5.77 27.35
CA PHE D 42 8.58 4.56 26.97
C PHE D 42 8.31 3.45 27.99
N SER D 43 8.68 2.23 27.62
CA SER D 43 8.78 1.12 28.60
C SER D 43 10.15 1.18 29.25
N GLU D 44 10.27 0.43 30.35
CA GLU D 44 11.58 0.02 30.88
C GLU D 44 12.25 -0.91 29.86
N GLN D 45 13.56 -1.07 29.94
CA GLN D 45 14.32 -1.94 29.03
C GLN D 45 13.72 -3.34 29.07
N VAL D 46 13.40 -3.91 27.91
CA VAL D 46 12.73 -5.23 27.78
C VAL D 46 13.74 -6.34 28.06
N THR D 47 13.37 -7.26 28.96
CA THR D 47 14.15 -8.50 29.24
C THR D 47 13.37 -9.69 28.70
N VAL D 48 14.08 -10.69 28.23
CA VAL D 48 13.50 -11.88 27.56
C VAL D 48 13.66 -13.07 28.49
N ALA D 49 12.60 -13.86 28.61
CA ALA D 49 12.53 -15.06 29.48
C ALA D 49 13.59 -16.08 29.09
N THR D 50 14.11 -16.78 30.09
CA THR D 50 15.14 -17.84 29.91
C THR D 50 14.46 -19.19 29.67
N ALA D 51 13.15 -19.28 29.88
CA ALA D 51 12.33 -20.49 29.69
C ALA D 51 10.87 -20.08 29.64
N ARG D 52 10.00 -20.91 29.07
CA ARG D 52 8.53 -20.62 29.07
C ARG D 52 7.98 -20.57 30.49
N GLU D 53 8.58 -21.34 31.40
CA GLU D 53 8.07 -21.50 32.80
C GLU D 53 8.64 -20.42 33.72
N THR D 54 9.59 -19.61 33.27
CA THR D 54 10.21 -18.53 34.10
C THR D 54 9.90 -17.16 33.51
N ASP D 55 8.82 -17.04 32.75
CA ASP D 55 8.49 -15.81 32.02
C ASP D 55 7.72 -14.89 32.98
N ARG D 56 8.44 -13.93 33.58
CA ARG D 56 7.94 -13.11 34.72
C ARG D 56 8.20 -11.65 34.38
N PRO D 57 7.45 -11.06 33.43
CA PRO D 57 7.75 -9.70 32.99
C PRO D 57 7.45 -8.68 34.06
N PRO D 58 8.38 -7.73 34.36
CA PRO D 58 8.08 -6.60 35.23
C PRO D 58 7.00 -5.71 34.58
N LYS D 59 6.13 -5.11 35.38
CA LYS D 59 4.98 -4.31 34.89
C LYS D 59 5.50 -3.15 34.02
N GLU D 60 6.70 -2.63 34.26
CA GLU D 60 7.16 -1.42 33.54
C GLU D 60 7.68 -1.79 32.13
N GLN D 61 7.77 -3.07 31.79
CA GLN D 61 8.37 -3.53 30.50
C GLN D 61 7.31 -3.80 29.45
N MET D 62 6.02 -3.57 29.73
CA MET D 62 4.89 -3.92 28.82
C MET D 62 4.02 -2.69 28.58
N PRO D 63 3.54 -2.48 27.35
CA PRO D 63 2.55 -1.43 27.10
C PRO D 63 1.12 -1.81 27.52
N TYR D 64 0.36 -0.78 27.85
CA TYR D 64 -1.01 -0.89 28.39
C TYR D 64 -1.96 -0.08 27.53
N TYR D 65 -3.25 -0.37 27.65
CA TYR D 65 -4.32 0.51 27.14
C TYR D 65 -4.37 1.78 28.00
N SER D 66 -4.55 2.92 27.33
CA SER D 66 -4.97 4.20 27.94
C SER D 66 -6.50 4.27 27.94
N CYS D 67 -7.09 4.91 28.96
CA CYS D 67 -8.56 5.16 28.96
C CYS D 67 -8.91 6.31 29.88
N ALA D 68 -10.01 6.97 29.55
CA ALA D 68 -10.52 8.11 30.33
C ALA D 68 -12.03 8.13 30.17
N ARG D 69 -12.71 8.50 31.25
CA ARG D 69 -14.14 8.81 31.23
C ARG D 69 -14.26 10.33 31.37
N ILE D 70 -14.82 10.98 30.36
CA ILE D 70 -15.04 12.45 30.36
C ILE D 70 -16.46 12.71 30.83
N PRO D 71 -16.66 13.51 31.91
CA PRO D 71 -18.01 13.85 32.34
C PRO D 71 -18.70 14.76 31.31
N LEU D 72 -20.00 14.56 31.10
CA LEU D 72 -20.81 15.33 30.14
C LEU D 72 -21.84 16.18 30.87
N PRO D 73 -22.35 17.25 30.25
CA PRO D 73 -23.42 18.04 30.85
C PRO D 73 -24.61 17.16 31.24
N LEU D 74 -25.12 17.37 32.46
CA LEU D 74 -26.27 16.60 32.99
C LEU D 74 -27.51 16.88 32.12
N LEU D 75 -28.27 15.84 31.79
CA LEU D 75 -29.42 15.98 30.87
C LEU D 75 -30.77 15.74 31.56
N ASN D 76 -30.85 14.83 32.52
CA ASN D 76 -32.16 14.28 32.99
C ASN D 76 -32.35 14.52 34.49
N GLU D 77 -32.82 15.71 34.85
CA GLU D 77 -33.12 16.04 36.27
C GLU D 77 -34.50 15.48 36.65
N ASP D 78 -35.43 15.32 35.70
CA ASP D 78 -36.82 14.86 35.96
C ASP D 78 -36.99 13.43 35.47
N MET D 79 -36.89 12.46 36.38
CA MET D 79 -36.92 11.03 35.99
C MET D 79 -38.37 10.51 35.93
N THR D 80 -39.37 11.38 36.03
CA THR D 80 -40.79 10.98 35.82
C THR D 80 -41.13 10.99 34.33
N CYS D 81 -40.30 11.58 33.48
CA CYS D 81 -40.65 11.78 32.05
C CYS D 81 -40.71 10.43 31.33
N ASN D 82 -41.64 10.31 30.39
CA ASN D 82 -41.82 9.10 29.56
C ASN D 82 -40.67 8.98 28.54
N THR D 83 -39.98 10.09 28.26
CA THR D 83 -38.77 10.10 27.40
C THR D 83 -37.67 10.84 28.11
N LEU D 84 -36.43 10.37 27.98
CA LEU D 84 -35.23 10.98 28.57
C LEU D 84 -34.27 11.31 27.44
N LEU D 85 -33.20 12.01 27.78
CA LEU D 85 -32.18 12.41 26.80
C LEU D 85 -30.88 11.73 27.12
N MET D 86 -30.15 11.35 26.08
CA MET D 86 -28.75 10.87 26.22
C MET D 86 -27.88 11.62 25.22
N TRP D 87 -26.63 11.90 25.58
CA TRP D 87 -25.60 12.36 24.63
C TRP D 87 -25.27 11.21 23.68
N GLU D 88 -25.34 11.48 22.38
CA GLU D 88 -25.03 10.49 21.32
C GLU D 88 -23.76 10.98 20.62
N ALA D 89 -22.72 10.14 20.59
CA ALA D 89 -21.46 10.47 19.91
C ALA D 89 -21.69 10.26 18.41
N VAL D 90 -21.61 11.34 17.63
CA VAL D 90 -21.92 11.35 16.18
C VAL D 90 -20.65 11.09 15.38
N SER D 91 -19.51 11.64 15.81
CA SER D 91 -18.27 11.63 15.01
C SER D 91 -17.11 12.02 15.91
N VAL D 92 -15.91 11.70 15.47
CA VAL D 92 -14.69 12.06 16.22
C VAL D 92 -13.63 12.47 15.22
N LYS D 93 -12.87 13.49 15.57
CA LYS D 93 -11.56 13.71 14.94
C LYS D 93 -10.50 13.24 15.94
N THR D 94 -9.67 12.32 15.52
CA THR D 94 -8.62 11.77 16.40
C THR D 94 -7.29 11.83 15.68
N GLU D 95 -6.25 12.07 16.45
CA GLU D 95 -4.89 12.32 15.93
C GLU D 95 -3.89 11.70 16.90
N VAL D 96 -2.93 10.97 16.38
CA VAL D 96 -1.73 10.55 17.14
C VAL D 96 -0.71 11.66 16.95
N ILE D 97 -0.27 12.25 18.05
CA ILE D 97 0.60 13.46 18.05
CA ILE D 97 0.61 13.45 17.95
C ILE D 97 2.05 13.03 18.24
N GLY D 98 2.98 13.59 17.48
CA GLY D 98 4.41 13.45 17.83
C GLY D 98 5.22 12.54 16.92
N SER D 99 4.72 12.15 15.75
CA SER D 99 5.57 11.42 14.78
C SER D 99 6.81 12.25 14.45
N ASN D 100 6.71 13.58 14.46
CA ASN D 100 7.86 14.48 14.18
C ASN D 100 8.99 14.23 15.19
N THR D 101 8.68 13.76 16.39
CA THR D 101 9.75 13.57 17.40
C THR D 101 10.71 12.45 16.96
N LEU D 102 10.25 11.54 16.11
CA LEU D 102 11.05 10.37 15.66
CA LEU D 102 11.03 10.36 15.65
C LEU D 102 12.08 10.83 14.62
N MET D 103 12.04 12.09 14.21
CA MET D 103 13.04 12.69 13.28
C MET D 103 14.24 13.22 14.07
N ASN D 104 14.25 13.02 15.40
CA ASN D 104 15.46 13.26 16.23
C ASN D 104 16.39 12.05 16.09
N VAL D 105 17.50 12.20 15.37
CA VAL D 105 18.49 11.11 15.19
C VAL D 105 19.86 11.58 15.72
N HIS D 106 19.85 12.56 16.62
CA HIS D 106 21.10 13.07 17.26
C HIS D 106 21.13 12.65 18.74
N ASP D 107 20.06 12.06 19.25
CA ASP D 107 20.03 11.62 20.67
C ASP D 107 21.01 10.47 20.86
N TYR D 108 21.22 10.08 22.11
CA TYR D 108 22.15 9.01 22.51
C TYR D 108 21.54 7.68 22.06
N MET D 109 21.90 7.27 20.84
CA MET D 109 21.25 6.20 20.05
CA MET D 109 21.25 6.11 20.16
C MET D 109 22.33 5.28 19.45
N THR D 110 21.95 4.07 19.04
CA THR D 110 22.78 3.17 18.22
C THR D 110 23.18 3.93 16.96
N ARG D 111 24.35 3.65 16.42
CA ARG D 111 24.85 4.31 15.21
C ARG D 111 25.67 3.32 14.39
N THR D 112 25.59 3.40 13.06
CA THR D 112 26.47 2.64 12.14
C THR D 112 27.59 3.57 11.67
N ASP D 113 28.85 3.29 12.03
CA ASP D 113 29.98 4.17 11.64
C ASP D 113 29.65 5.60 12.15
N ASN D 114 29.69 6.63 11.29
CA ASN D 114 29.38 8.02 11.68
C ASN D 114 27.98 8.42 11.21
N GLY D 115 27.13 7.45 10.90
CA GLY D 115 25.76 7.71 10.45
C GLY D 115 24.87 8.26 11.54
N VAL D 116 23.60 8.46 11.22
CA VAL D 116 22.64 9.06 12.18
C VAL D 116 22.29 8.03 13.26
N GLY D 117 21.72 8.49 14.36
CA GLY D 117 21.15 7.60 15.37
C GLY D 117 20.05 6.73 14.79
N HIS D 118 20.02 5.46 15.13
CA HIS D 118 18.98 4.54 14.56
C HIS D 118 17.66 4.91 15.18
N PRO D 119 16.66 5.34 14.39
CA PRO D 119 15.39 5.75 14.98
C PRO D 119 14.50 4.58 15.35
N VAL D 120 13.38 4.93 15.99
CA VAL D 120 12.38 3.96 16.49
C VAL D 120 11.86 3.12 15.33
N VAL D 121 11.94 1.80 15.48
CA VAL D 121 11.42 0.86 14.45
C VAL D 121 10.88 -0.38 15.15
N GLY D 122 10.12 -1.17 14.41
CA GLY D 122 9.58 -2.45 14.89
C GLY D 122 8.08 -2.48 14.83
N SER D 123 7.47 -3.27 15.69
CA SER D 123 6.04 -3.58 15.66
C SER D 123 5.23 -2.37 16.12
N THR D 124 4.15 -2.10 15.41
CA THR D 124 3.22 -1.00 15.70
C THR D 124 1.84 -1.55 16.04
N TYR D 125 1.18 -0.88 16.96
CA TYR D 125 -0.16 -1.25 17.42
C TYR D 125 -0.90 0.04 17.71
N HIS D 126 -1.91 0.32 16.89
CA HIS D 126 -2.73 1.54 17.01
C HIS D 126 -4.15 1.11 17.26
N MET D 127 -4.80 1.68 18.25
CA MET D 127 -6.25 1.47 18.38
CA MET D 127 -6.22 1.39 18.58
C MET D 127 -6.86 2.67 19.11
N PHE D 128 -8.08 2.99 18.74
CA PHE D 128 -8.86 3.97 19.53
C PHE D 128 -10.31 3.52 19.54
N ALA D 129 -11.00 3.93 20.58
CA ALA D 129 -12.41 3.61 20.74
C ALA D 129 -13.10 4.79 21.41
N VAL D 130 -14.34 4.98 20.98
CA VAL D 130 -15.26 5.99 21.56
C VAL D 130 -16.54 5.23 21.91
N GLY D 131 -17.01 5.33 23.16
CA GLY D 131 -18.24 4.63 23.55
C GLY D 131 -18.99 5.32 24.67
N GLY D 132 -20.15 4.77 24.93
CA GLY D 132 -21.08 5.24 25.99
C GLY D 132 -20.92 4.42 27.26
N GLU D 133 -19.91 3.55 27.32
CA GLU D 133 -19.59 2.71 28.51
C GLU D 133 -18.19 2.16 28.26
N PRO D 134 -17.55 1.52 29.26
CA PRO D 134 -16.18 1.05 29.07
C PRO D 134 -16.07 0.06 27.91
N LEU D 135 -14.92 0.10 27.25
CA LEU D 135 -14.58 -0.86 26.17
C LEU D 135 -14.63 -2.29 26.72
N ASP D 136 -15.36 -3.19 26.07
CA ASP D 136 -15.38 -4.63 26.41
C ASP D 136 -14.10 -5.28 25.86
N LEU D 137 -13.42 -6.07 26.70
CA LEU D 137 -12.14 -6.74 26.37
C LEU D 137 -12.32 -8.25 26.39
N GLN D 138 -11.63 -8.92 25.48
CA GLN D 138 -11.55 -10.40 25.40
C GLN D 138 -10.10 -10.76 25.68
N GLY D 139 -9.89 -11.62 26.67
CA GLY D 139 -8.52 -12.08 26.99
C GLY D 139 -8.02 -13.09 26.00
N ILE D 140 -6.73 -13.01 25.70
CA ILE D 140 -6.02 -13.91 24.76
C ILE D 140 -4.52 -13.64 24.95
N GLN D 141 -3.70 -14.67 24.92
CA GLN D 141 -2.26 -14.55 25.25
C GLN D 141 -1.44 -15.36 24.26
N GLN D 142 -0.19 -14.96 24.07
CA GLN D 142 0.78 -15.74 23.24
C GLN D 142 1.19 -17.02 23.99
N SER D 143 1.27 -16.97 25.32
CA SER D 143 1.68 -18.10 26.18
C SER D 143 0.82 -18.12 27.44
N HIS D 144 0.20 -19.26 27.71
CA HIS D 144 -0.60 -19.45 28.94
C HIS D 144 0.29 -19.51 30.18
N LEU D 145 1.61 -19.63 30.03
CA LEU D 145 2.52 -19.88 31.18
C LEU D 145 3.10 -18.58 31.75
N VAL D 146 2.82 -17.42 31.13
CA VAL D 146 3.39 -16.14 31.63
C VAL D 146 2.88 -15.94 33.07
N GLN D 147 3.78 -15.51 33.95
CA GLN D 147 3.46 -15.09 35.34
C GLN D 147 3.41 -13.56 35.38
N TYR D 148 2.21 -12.99 35.36
CA TYR D 148 2.03 -11.52 35.35
C TYR D 148 2.28 -10.99 36.74
N PRO D 149 2.85 -9.77 36.85
CA PRO D 149 3.13 -9.14 38.14
C PRO D 149 1.84 -8.71 38.84
N GLU D 150 1.91 -8.51 40.15
CA GLU D 150 0.77 -8.02 40.96
C GLU D 150 0.40 -6.59 40.54
N GLY D 151 -0.88 -6.26 40.67
CA GLY D 151 -1.42 -4.90 40.50
C GLY D 151 -1.83 -4.60 39.07
N LEU D 152 -1.89 -5.62 38.22
CA LEU D 152 -2.44 -5.49 36.83
C LEU D 152 -3.79 -6.19 36.77
N ILE D 153 -4.56 -5.94 35.71
CA ILE D 153 -5.74 -6.77 35.40
C ILE D 153 -5.39 -7.57 34.15
N VAL D 154 -5.34 -8.89 34.29
CA VAL D 154 -4.99 -9.85 33.21
C VAL D 154 -6.05 -10.96 33.24
N PRO D 155 -6.11 -11.85 32.23
CA PRO D 155 -7.12 -12.91 32.22
C PRO D 155 -7.22 -13.70 33.53
N LYS D 156 -6.10 -13.95 34.20
CA LYS D 156 -6.10 -14.68 35.50
C LYS D 156 -6.99 -13.94 36.51
N SER D 157 -7.15 -12.61 36.38
CA SER D 157 -7.98 -11.78 37.28
C SER D 157 -9.46 -12.20 37.17
N VAL D 158 -9.90 -12.80 36.05
CA VAL D 158 -11.34 -13.03 35.74
C VAL D 158 -11.66 -14.51 35.51
N THR D 159 -10.68 -15.37 35.26
CA THR D 159 -10.92 -16.78 34.92
C THR D 159 -9.68 -17.62 35.17
N ASP D 160 -9.86 -18.93 35.13
CA ASP D 160 -8.78 -19.95 35.20
C ASP D 160 -8.00 -19.88 33.89
N VAL D 161 -6.71 -19.59 33.96
CA VAL D 161 -5.86 -19.52 32.74
C VAL D 161 -5.33 -20.92 32.41
N THR D 162 -5.61 -21.37 31.20
CA THR D 162 -5.17 -22.66 30.66
C THR D 162 -4.65 -22.42 29.24
N ALA D 163 -4.25 -23.47 28.54
CA ALA D 163 -3.82 -23.36 27.14
C ALA D 163 -4.94 -22.77 26.29
N LYS D 164 -6.21 -22.88 26.70
CA LYS D 164 -7.34 -22.28 25.92
C LYS D 164 -7.09 -20.79 25.68
N ILE D 165 -6.37 -20.13 26.57
CA ILE D 165 -6.17 -18.64 26.51
C ILE D 165 -5.30 -18.31 25.28
N GLN D 166 -4.59 -19.29 24.71
CA GLN D 166 -3.75 -19.06 23.48
C GLN D 166 -4.64 -18.94 22.26
N CYS D 167 -5.90 -19.35 22.38
CA CYS D 167 -6.94 -19.17 21.34
C CYS D 167 -8.06 -18.35 21.98
N LEU D 168 -9.32 -18.67 21.72
CA LEU D 168 -10.46 -17.90 22.29
C LEU D 168 -11.07 -18.68 23.44
N ASP D 169 -10.85 -18.21 24.66
CA ASP D 169 -11.54 -18.71 25.88
C ASP D 169 -12.64 -17.72 26.21
N PRO D 170 -13.91 -18.04 25.92
CA PRO D 170 -14.96 -17.05 26.09
C PRO D 170 -15.27 -16.70 27.55
N SER D 171 -14.63 -17.35 28.52
CA SER D 171 -14.74 -16.96 29.95
C SER D 171 -13.84 -15.74 30.28
N ALA D 172 -12.88 -15.39 29.40
CA ALA D 172 -11.89 -14.31 29.67
C ALA D 172 -12.45 -12.96 29.24
N LYS D 173 -13.45 -12.46 29.96
CA LYS D 173 -14.12 -11.19 29.65
C LYS D 173 -13.78 -10.17 30.71
N ALA D 174 -13.55 -8.94 30.30
CA ALA D 174 -13.33 -7.82 31.24
C ALA D 174 -13.75 -6.51 30.57
N LYS D 175 -13.80 -5.45 31.36
CA LYS D 175 -14.06 -4.08 30.88
C LYS D 175 -12.83 -3.22 31.10
N LEU D 176 -12.52 -2.33 30.15
CA LEU D 176 -11.35 -1.44 30.28
C LEU D 176 -11.73 -0.30 31.21
N ASP D 177 -11.49 -0.49 32.51
CA ASP D 177 -11.98 0.43 33.56
C ASP D 177 -10.84 1.05 34.36
N LYS D 178 -9.59 0.83 33.97
CA LYS D 178 -8.43 1.45 34.66
C LYS D 178 -7.35 1.76 33.63
N ASP D 179 -6.90 3.01 33.64
CA ASP D 179 -5.82 3.49 32.77
C ASP D 179 -4.49 2.84 33.17
N GLY D 180 -3.72 2.33 32.21
CA GLY D 180 -2.34 1.87 32.46
C GLY D 180 -2.26 0.60 33.29
N LYS D 181 -3.29 -0.25 33.30
CA LYS D 181 -3.30 -1.48 34.12
C LYS D 181 -3.64 -2.73 33.31
N TYR D 182 -4.24 -2.58 32.12
CA TYR D 182 -4.65 -3.72 31.26
C TYR D 182 -3.61 -3.86 30.16
N PRO D 183 -2.70 -4.86 30.21
CA PRO D 183 -1.65 -4.94 29.20
C PRO D 183 -2.22 -5.24 27.81
N ILE D 184 -1.68 -4.60 26.77
CA ILE D 184 -2.25 -4.91 25.42
C ILE D 184 -1.97 -6.38 25.08
N GLU D 185 -0.89 -6.97 25.59
CA GLU D 185 -0.50 -8.33 25.14
C GLU D 185 -1.47 -9.40 25.66
N THR D 186 -2.42 -9.06 26.55
CA THR D 186 -3.39 -10.06 27.07
C THR D 186 -4.82 -9.72 26.71
N TRP D 187 -5.10 -8.57 26.09
CA TRP D 187 -6.50 -8.10 25.93
C TRP D 187 -6.74 -7.52 24.54
N SER D 188 -7.80 -7.98 23.90
CA SER D 188 -8.29 -7.51 22.58
C SER D 188 -9.61 -6.82 22.80
N PRO D 189 -9.98 -5.83 21.99
CA PRO D 189 -11.36 -5.35 21.97
C PRO D 189 -12.26 -6.54 21.61
N ASP D 190 -13.35 -6.70 22.34
CA ASP D 190 -14.23 -7.88 22.18
C ASP D 190 -15.27 -7.61 21.08
N PRO D 191 -15.19 -8.29 19.91
CA PRO D 191 -16.13 -8.01 18.83
C PRO D 191 -17.53 -8.60 19.08
N SER D 192 -17.66 -9.45 20.09
CA SER D 192 -18.95 -10.08 20.48
C SER D 192 -19.72 -9.18 21.43
N ARG D 193 -19.09 -8.13 21.99
CA ARG D 193 -19.80 -7.12 22.82
C ARG D 193 -19.60 -5.76 22.16
N ASN D 194 -19.35 -4.71 22.93
CA ASN D 194 -19.12 -3.34 22.41
C ASN D 194 -20.27 -2.91 21.49
N GLU D 195 -21.52 -3.21 21.85
CA GLU D 195 -22.68 -2.75 21.06
C GLU D 195 -22.75 -1.21 21.08
N ASN D 196 -22.26 -0.61 22.15
CA ASN D 196 -22.39 0.84 22.43
C ASN D 196 -21.01 1.50 22.39
N THR D 197 -20.06 0.93 21.65
CA THR D 197 -18.71 1.49 21.45
C THR D 197 -18.32 1.27 20.00
N ARG D 198 -17.59 2.20 19.41
CA ARG D 198 -16.95 1.99 18.09
C ARG D 198 -15.45 1.91 18.33
N TYR D 199 -14.81 0.84 17.88
CA TYR D 199 -13.34 0.75 18.00
C TYR D 199 -12.73 0.51 16.62
N PHE D 200 -11.46 0.93 16.49
CA PHE D 200 -10.70 0.94 15.22
C PHE D 200 -9.25 0.65 15.58
N GLY D 201 -8.59 -0.25 14.87
CA GLY D 201 -7.16 -0.46 15.14
C GLY D 201 -6.44 -1.04 13.96
N ASN D 202 -5.12 -0.97 14.05
CA ASN D 202 -4.28 -1.66 13.06
C ASN D 202 -3.01 -2.12 13.77
N TYR D 203 -2.49 -3.21 13.26
CA TYR D 203 -1.26 -3.84 13.78
C TYR D 203 -0.34 -4.14 12.61
N TYR D 204 0.96 -3.90 12.79
CA TYR D 204 1.99 -4.25 11.79
C TYR D 204 3.15 -4.79 12.60
N GLY D 205 3.61 -6.00 12.32
CA GLY D 205 4.68 -6.62 13.10
C GLY D 205 6.07 -6.38 12.59
N GLY D 206 6.96 -7.29 12.94
CA GLY D 206 8.38 -7.21 12.54
C GLY D 206 9.25 -6.65 13.64
N LEU D 207 10.55 -6.94 13.56
CA LEU D 207 11.55 -6.47 14.53
C LEU D 207 12.02 -5.05 14.17
N THR D 208 12.20 -4.76 12.88
CA THR D 208 12.81 -3.46 12.45
C THR D 208 11.93 -2.74 11.41
N THR D 209 10.65 -3.01 11.43
CA THR D 209 9.73 -2.41 10.44
C THR D 209 9.69 -0.90 10.62
N PRO D 210 9.72 -0.10 9.53
CA PRO D 210 9.56 1.35 9.69
C PRO D 210 8.17 1.73 10.15
N PRO D 211 8.05 2.62 11.15
CA PRO D 211 6.74 3.11 11.57
C PRO D 211 6.16 4.07 10.52
N VAL D 212 4.84 4.09 10.43
CA VAL D 212 4.08 4.90 9.43
CA VAL D 212 4.11 4.96 9.46
C VAL D 212 2.98 5.67 10.19
N LEU D 213 2.81 6.96 9.92
CA LEU D 213 1.69 7.68 10.53
C LEU D 213 1.24 8.79 9.59
N THR D 214 -0.06 8.98 9.50
CA THR D 214 -0.62 10.20 8.87
C THR D 214 -1.21 11.09 9.96
N PHE D 215 -1.29 12.38 9.67
CA PHE D 215 -1.83 13.35 10.63
C PHE D 215 -2.45 14.47 9.81
N THR D 216 -3.59 14.95 10.28
CA THR D 216 -4.39 15.98 9.60
C THR D 216 -5.45 16.40 10.60
N ASN D 217 -6.10 17.53 10.36
CA ASN D 217 -7.27 17.97 11.14
C ASN D 217 -8.50 17.96 10.22
N THR D 218 -8.44 17.27 9.08
CA THR D 218 -9.52 17.32 8.08
C THR D 218 -10.31 16.01 7.99
N VAL D 219 -9.98 15.00 8.77
CA VAL D 219 -10.58 13.65 8.65
C VAL D 219 -11.50 13.42 9.86
N THR D 220 -12.77 13.19 9.56
CA THR D 220 -13.83 12.91 10.55
C THR D 220 -14.14 11.42 10.49
N THR D 221 -14.12 10.76 11.64
CA THR D 221 -14.53 9.34 11.77
C THR D 221 -16.01 9.34 12.20
N ILE D 222 -16.90 8.82 11.35
CA ILE D 222 -18.36 8.70 11.67
C ILE D 222 -18.53 7.61 12.73
N LEU D 223 -19.36 7.85 13.75
CA LEU D 223 -19.57 6.85 14.83
C LEU D 223 -20.98 6.27 14.76
N LEU D 224 -21.79 6.75 13.83
CA LEU D 224 -23.17 6.25 13.64
C LEU D 224 -23.10 4.81 13.13
N ASP D 225 -23.96 3.95 13.67
CA ASP D 225 -24.13 2.55 13.21
C ASP D 225 -24.99 2.53 11.94
N GLU D 226 -25.37 1.34 11.48
CA GLU D 226 -26.11 1.20 10.18
C GLU D 226 -27.53 1.75 10.32
N ASN D 227 -28.02 2.01 11.55
CA ASN D 227 -29.36 2.57 11.80
C ASN D 227 -29.28 4.09 12.03
N GLY D 228 -28.09 4.70 11.92
CA GLY D 228 -27.94 6.15 12.13
C GLY D 228 -27.79 6.49 13.61
N VAL D 229 -27.42 5.52 14.45
CA VAL D 229 -27.32 5.79 15.92
C VAL D 229 -25.87 5.64 16.39
N GLY D 230 -25.35 6.70 17.00
CA GLY D 230 -24.01 6.67 17.62
C GLY D 230 -24.04 6.06 19.01
N PRO D 231 -22.85 5.85 19.62
CA PRO D 231 -22.79 5.44 21.02
C PRO D 231 -23.63 6.39 21.91
N LEU D 232 -24.40 5.83 22.85
CA LEU D 232 -25.27 6.60 23.78
C LEU D 232 -24.62 6.58 25.15
N CYS D 233 -24.34 7.75 25.69
CA CYS D 233 -23.47 7.96 26.87
C CYS D 233 -24.26 7.68 28.15
N LYS D 234 -24.02 6.51 28.71
CA LYS D 234 -24.68 6.08 29.98
C LYS D 234 -24.08 6.89 31.12
N GLY D 235 -24.93 7.32 32.06
CA GLY D 235 -24.47 8.09 33.21
C GLY D 235 -23.81 9.40 32.82
N ASP D 236 -24.12 9.93 31.62
CA ASP D 236 -23.55 11.19 31.08
C ASP D 236 -22.01 11.16 31.17
N GLY D 237 -21.43 10.04 30.78
CA GLY D 237 -19.97 9.87 30.65
C GLY D 237 -19.62 9.43 29.24
N LEU D 238 -18.57 10.02 28.69
CA LEU D 238 -17.98 9.62 27.39
C LEU D 238 -16.71 8.83 27.64
N PHE D 239 -16.66 7.61 27.11
CA PHE D 239 -15.53 6.67 27.33
C PHE D 239 -14.59 6.67 26.12
N LEU D 240 -13.34 7.04 26.36
CA LEU D 240 -12.28 7.09 25.34
C LEU D 240 -11.22 6.07 25.72
N SER D 241 -10.71 5.35 24.74
CA SER D 241 -9.71 4.28 24.94
CA SER D 241 -9.60 4.40 25.02
C SER D 241 -8.69 4.35 23.79
N CYS D 242 -7.44 4.01 24.03
CA CYS D 242 -6.48 3.93 22.91
C CYS D 242 -5.22 3.19 23.33
N CYS D 243 -4.42 2.85 22.33
CA CYS D 243 -3.00 2.49 22.50
C CYS D 243 -2.32 2.83 21.18
N ASP D 244 -1.13 3.40 21.26
CA ASP D 244 -0.37 3.83 20.06
C ASP D 244 1.10 3.55 20.28
N VAL D 245 1.47 2.27 20.07
CA VAL D 245 2.88 1.80 20.10
C VAL D 245 3.50 2.09 18.74
N MET D 246 4.62 2.80 18.71
CA MET D 246 5.30 3.20 17.45
C MET D 246 6.46 2.28 17.12
N GLY D 247 6.87 1.40 18.03
CA GLY D 247 8.00 0.49 17.83
C GLY D 247 8.91 0.51 19.02
N TRP D 248 10.17 0.17 18.80
CA TRP D 248 11.19 0.13 19.88
C TRP D 248 12.28 1.16 19.63
N PHE D 249 12.68 1.80 20.72
CA PHE D 249 13.84 2.72 20.81
C PHE D 249 15.04 1.94 21.30
N THR D 250 16.22 2.17 20.74
CA THR D 250 17.47 1.59 21.29
C THR D 250 18.44 2.72 21.66
N ALA D 251 18.69 2.86 22.95
CA ALA D 251 19.65 3.85 23.49
C ALA D 251 21.07 3.41 23.17
N GLY D 252 21.98 4.38 23.12
CA GLY D 252 23.40 4.12 22.79
C GLY D 252 24.16 3.44 23.92
N SER D 253 23.52 3.21 25.06
CA SER D 253 24.10 2.55 26.25
C SER D 253 24.18 1.02 26.06
N GLY D 254 23.56 0.47 25.00
CA GLY D 254 23.57 -0.99 24.82
C GLY D 254 22.72 -1.42 23.64
N THR D 255 22.20 -2.65 23.70
CA THR D 255 21.30 -3.23 22.68
C THR D 255 19.93 -3.48 23.30
N HIS D 256 19.74 -3.13 24.57
CA HIS D 256 18.41 -3.20 25.21
C HIS D 256 17.46 -2.21 24.53
N GLN D 257 16.21 -2.61 24.41
CA GLN D 257 15.17 -1.85 23.69
C GLN D 257 14.05 -1.48 24.64
N ARG D 258 13.40 -0.36 24.30
CA ARG D 258 12.23 0.14 25.05
C ARG D 258 11.08 0.36 24.07
N PHE D 259 9.87 0.00 24.42
CA PHE D 259 8.69 0.44 23.64
C PHE D 259 8.66 1.97 23.65
N ARG D 260 8.22 2.56 22.55
CA ARG D 260 7.90 4.01 22.46
C ARG D 260 6.45 4.16 22.02
N GLY D 261 5.68 4.96 22.76
CA GLY D 261 4.28 5.29 22.43
C GLY D 261 4.11 6.80 22.27
N LEU D 262 2.98 7.21 21.68
CA LEU D 262 2.68 8.65 21.47
C LEU D 262 1.29 8.92 21.97
N PRO D 263 1.02 10.18 22.38
CA PRO D 263 -0.30 10.57 22.84
C PRO D 263 -1.30 10.64 21.71
N ARG D 264 -2.57 10.51 22.05
CA ARG D 264 -3.68 10.64 21.10
C ARG D 264 -4.63 11.74 21.55
N TYR D 265 -5.03 12.56 20.61
CA TYR D 265 -6.10 13.57 20.74
C TYR D 265 -7.42 13.00 20.26
N PHE D 266 -8.49 13.41 20.94
CA PHE D 266 -9.89 13.13 20.56
C PHE D 266 -10.67 14.43 20.58
N ASN D 267 -11.46 14.68 19.54
CA ASN D 267 -12.51 15.73 19.58
C ASN D 267 -13.79 15.07 19.11
N VAL D 268 -14.69 14.82 20.05
CA VAL D 268 -15.95 14.07 19.81
C VAL D 268 -17.10 15.05 19.72
N GLN D 269 -17.87 14.95 18.64
CA GLN D 269 -19.12 15.74 18.46
C GLN D 269 -20.27 14.93 19.05
N LEU D 270 -21.01 15.51 19.99
CA LEU D 270 -22.18 14.84 20.58
C LEU D 270 -23.43 15.64 20.31
N ARG D 271 -24.55 14.93 20.27
CA ARG D 271 -25.87 15.55 20.12
C ARG D 271 -26.84 14.91 21.10
N LYS D 272 -27.86 15.64 21.50
CA LYS D 272 -28.88 15.09 22.41
C LYS D 272 -29.82 14.19 21.58
N ARG D 273 -30.05 12.99 22.07
CA ARG D 273 -30.94 11.97 21.48
C ARG D 273 -31.99 11.61 22.51
N ALA D 274 -33.28 11.66 22.14
CA ALA D 274 -34.38 11.18 22.99
C ALA D 274 -34.40 9.64 22.99
N VAL D 275 -34.67 9.06 24.15
CA VAL D 275 -34.88 7.60 24.34
C VAL D 275 -36.11 7.39 25.22
N ARG D 276 -36.71 6.21 25.11
CA ARG D 276 -37.95 5.86 25.85
C ARG D 276 -37.55 5.62 27.32
N ASN D 277 -38.38 6.14 28.23
CA ASN D 277 -38.24 5.96 29.70
C ASN D 277 -39.51 5.28 30.23
N ILE E 7 -16.92 35.21 14.39
CA ILE E 7 -17.49 35.87 13.18
C ILE E 7 -18.74 35.09 12.76
N GLU E 8 -19.85 35.78 12.48
CA GLU E 8 -20.99 35.24 11.73
C GLU E 8 -20.54 35.15 10.27
N VAL E 9 -20.51 33.95 9.70
CA VAL E 9 -20.11 33.73 8.28
C VAL E 9 -21.38 33.86 7.45
N LEU E 10 -21.38 34.78 6.50
CA LEU E 10 -22.55 35.07 5.63
C LEU E 10 -22.27 34.43 4.27
N ASP E 11 -22.78 34.99 3.19
CA ASP E 11 -22.70 34.31 1.88
C ASP E 11 -21.36 34.62 1.18
N VAL E 12 -20.94 33.72 0.30
CA VAL E 12 -19.84 34.03 -0.66
C VAL E 12 -20.32 35.12 -1.61
N LYS E 13 -19.38 35.93 -2.08
CA LYS E 13 -19.61 36.88 -3.19
C LYS E 13 -19.42 36.12 -4.50
N THR E 14 -19.94 36.66 -5.59
CA THR E 14 -19.91 36.02 -6.93
C THR E 14 -19.37 37.05 -7.93
N GLY E 15 -18.98 36.56 -9.12
CA GLY E 15 -18.73 37.43 -10.28
C GLY E 15 -17.27 37.83 -10.43
N ASP E 16 -17.04 38.79 -11.34
CA ASP E 16 -15.71 39.31 -11.72
C ASP E 16 -15.00 39.75 -10.43
N ASP E 17 -13.80 39.25 -10.22
CA ASP E 17 -12.93 39.79 -9.14
C ASP E 17 -13.29 39.12 -7.80
N SER E 18 -14.26 38.20 -7.72
CA SER E 18 -14.61 37.53 -6.44
C SER E 18 -13.64 36.38 -6.14
N ILE E 19 -12.84 35.94 -7.11
CA ILE E 19 -11.86 34.82 -6.96
C ILE E 19 -10.46 35.39 -7.17
N THR E 20 -9.49 34.89 -6.43
CA THR E 20 -8.06 35.19 -6.69
C THR E 20 -7.24 33.94 -6.44
N GLN E 21 -6.06 33.85 -7.08
CA GLN E 21 -5.13 32.72 -6.92
C GLN E 21 -3.85 33.30 -6.30
N ILE E 22 -3.35 32.66 -5.26
CA ILE E 22 -2.06 33.02 -4.63
C ILE E 22 -1.11 31.85 -4.85
N GLU E 23 0.03 32.11 -5.49
CA GLU E 23 1.07 31.10 -5.74
C GLU E 23 2.31 31.46 -4.93
N ALA E 24 3.01 30.45 -4.42
CA ALA E 24 4.30 30.62 -3.73
C ALA E 24 5.07 29.32 -3.80
N PHE E 25 6.41 29.41 -3.85
CA PHE E 25 7.31 28.28 -3.53
C PHE E 25 7.91 28.58 -2.15
N LEU E 26 7.90 27.58 -1.25
CA LEU E 26 8.63 27.68 0.03
CA LEU E 26 8.61 27.64 0.05
C LEU E 26 9.85 26.76 -0.05
N ASN E 27 11.01 27.34 0.15
CA ASN E 27 12.28 26.58 0.16
C ASN E 27 12.41 25.83 1.48
N PRO E 28 13.01 24.64 1.44
CA PRO E 28 13.20 23.85 2.65
C PRO E 28 14.23 24.51 3.57
N ARG E 29 14.03 24.24 4.86
CA ARG E 29 14.93 24.70 5.94
C ARG E 29 15.47 23.48 6.68
N MET E 30 16.49 22.85 6.09
CA MET E 30 16.99 21.54 6.57
C MET E 30 18.13 21.75 7.57
N GLY E 31 18.49 22.98 7.88
CA GLY E 31 19.60 23.30 8.81
C GLY E 31 20.58 24.25 8.14
N VAL E 32 21.00 23.94 6.91
CA VAL E 32 21.76 24.91 6.08
C VAL E 32 20.68 25.75 5.40
N ASN E 33 20.32 26.89 5.99
CA ASN E 33 19.15 27.70 5.61
C ASN E 33 19.57 28.93 4.78
N ASP E 34 20.86 29.05 4.49
CA ASP E 34 21.45 30.19 3.75
C ASP E 34 21.64 29.79 2.28
N GLU E 35 20.95 30.48 1.37
CA GLU E 35 20.95 30.18 -0.08
C GLU E 35 22.33 30.39 -0.71
N THR E 36 23.30 31.02 -0.01
CA THR E 36 24.67 31.21 -0.54
C THR E 36 25.60 30.07 -0.11
N ASN E 37 25.14 29.20 0.77
CA ASN E 37 25.97 28.11 1.32
C ASN E 37 25.92 26.93 0.35
N THR E 38 27.05 26.26 0.12
CA THR E 38 27.19 25.19 -0.88
C THR E 38 26.32 23.98 -0.53
N TRP E 39 25.86 23.87 0.73
CA TRP E 39 25.00 22.75 1.21
C TRP E 39 23.55 23.22 1.42
N TYR E 40 23.14 24.32 0.81
CA TYR E 40 21.72 24.75 0.86
C TYR E 40 20.78 23.60 0.48
N GLY E 41 19.73 23.41 1.28
CA GLY E 41 18.72 22.36 1.04
C GLY E 41 19.07 21.08 1.75
N PHE E 42 20.16 21.08 2.51
CA PHE E 42 20.63 19.95 3.34
C PHE E 42 20.82 20.45 4.77
N SER E 43 20.95 19.52 5.70
CA SER E 43 21.50 19.80 7.06
C SER E 43 23.02 19.76 6.98
N GLU E 44 23.67 20.25 8.04
CA GLU E 44 25.08 19.91 8.31
C GLU E 44 25.15 18.43 8.67
N GLN E 45 26.33 17.86 8.60
CA GLN E 45 26.56 16.45 8.98
C GLN E 45 26.05 16.22 10.41
N VAL E 46 25.22 15.21 10.56
CA VAL E 46 24.55 14.89 11.84
C VAL E 46 25.58 14.24 12.78
N THR E 47 25.70 14.76 14.00
CA THR E 47 26.52 14.17 15.08
C THR E 47 25.59 13.59 16.15
N VAL E 48 26.00 12.47 16.73
CA VAL E 48 25.15 11.73 17.69
C VAL E 48 25.73 11.93 19.10
N ALA E 49 24.85 12.21 20.06
CA ALA E 49 25.21 12.47 21.46
C ALA E 49 25.94 11.28 22.09
N THR E 50 26.90 11.60 22.97
CA THR E 50 27.72 10.59 23.70
C THR E 50 26.99 10.10 24.94
N ALA E 51 25.91 10.81 25.32
CA ALA E 51 25.12 10.56 26.54
C ALA E 51 23.81 11.33 26.41
N ARG E 52 22.78 10.91 27.12
CA ARG E 52 21.50 11.66 27.15
C ARG E 52 21.74 13.06 27.68
N GLU E 53 22.70 13.22 28.60
CA GLU E 53 22.96 14.51 29.30
C GLU E 53 23.94 15.39 28.53
N THR E 54 24.45 14.97 27.37
CA THR E 54 25.44 15.77 26.59
C THR E 54 24.91 15.96 25.17
N ASP E 55 23.59 15.97 25.05
CA ASP E 55 22.90 16.04 23.73
C ASP E 55 22.69 17.52 23.41
N ARG E 56 23.59 18.06 22.60
CA ARG E 56 23.71 19.52 22.34
C ARG E 56 23.76 19.74 20.82
N PRO E 57 22.64 19.54 20.11
CA PRO E 57 22.68 19.64 18.66
C PRO E 57 22.88 21.07 18.19
N PRO E 58 23.84 21.31 17.27
CA PRO E 58 23.97 22.61 16.61
C PRO E 58 22.74 22.89 15.74
N LYS E 59 22.36 24.15 15.62
CA LYS E 59 21.14 24.56 14.87
C LYS E 59 21.18 24.00 13.45
N GLU E 60 22.36 23.88 12.84
CA GLU E 60 22.42 23.56 11.38
C GLU E 60 22.21 22.05 11.15
N GLN E 61 22.07 21.23 12.19
CA GLN E 61 22.01 19.74 12.05
C GLN E 61 20.57 19.23 12.15
N MET E 62 19.59 20.13 12.26
CA MET E 62 18.16 19.74 12.46
C MET E 62 17.29 20.40 11.41
N PRO E 63 16.26 19.70 10.89
CA PRO E 63 15.26 20.35 10.04
C PRO E 63 14.22 21.17 10.80
N TYR E 64 13.68 22.17 10.11
CA TYR E 64 12.73 23.16 10.62
C TYR E 64 11.48 23.19 9.75
N TYR E 65 10.41 23.72 10.30
CA TYR E 65 9.25 24.15 9.50
C TYR E 65 9.61 25.37 8.66
N SER E 66 9.13 25.36 7.42
CA SER E 66 9.08 26.54 6.53
C SER E 66 7.76 27.25 6.74
N CYS E 67 7.74 28.57 6.65
CA CYS E 67 6.45 29.29 6.68
C CYS E 67 6.59 30.64 5.99
N ALA E 68 5.47 31.11 5.49
CA ALA E 68 5.34 32.42 4.85
C ALA E 68 3.92 32.92 5.05
N ARG E 69 3.80 34.21 5.24
CA ARG E 69 2.52 34.92 5.20
C ARG E 69 2.51 35.75 3.92
N ILE E 70 1.50 35.51 3.09
CA ILE E 70 1.34 36.24 1.81
C ILE E 70 0.24 37.28 2.00
N PRO E 71 0.55 38.56 1.79
CA PRO E 71 -0.49 39.58 1.86
C PRO E 71 -1.44 39.44 0.66
N LEU E 72 -2.73 39.71 0.91
CA LEU E 72 -3.81 39.51 -0.08
C LEU E 72 -4.31 40.82 -0.66
N PRO E 73 -4.96 40.79 -1.85
CA PRO E 73 -5.54 42.00 -2.42
C PRO E 73 -6.53 42.70 -1.47
N LEU E 74 -6.56 44.02 -1.56
CA LEU E 74 -7.54 44.87 -0.85
C LEU E 74 -8.93 44.45 -1.33
N LEU E 75 -9.89 44.35 -0.43
CA LEU E 75 -11.24 43.87 -0.83
C LEU E 75 -12.36 44.64 -0.10
N ASN E 76 -12.04 45.47 0.91
CA ASN E 76 -13.00 46.32 1.65
C ASN E 76 -12.76 47.81 1.37
N GLU E 77 -13.70 48.66 1.78
CA GLU E 77 -13.64 50.15 1.65
C GLU E 77 -14.31 50.78 2.89
N THR E 83 -21.73 44.54 7.22
CA THR E 83 -20.97 43.37 6.68
C THR E 83 -19.59 43.81 6.17
N LEU E 84 -18.56 43.01 6.42
CA LEU E 84 -17.19 43.13 5.87
C LEU E 84 -16.92 41.91 4.98
N LEU E 85 -15.90 41.97 4.12
CA LEU E 85 -15.45 40.79 3.35
C LEU E 85 -14.12 40.28 3.90
N MET E 86 -13.93 38.96 3.84
CA MET E 86 -12.62 38.31 4.08
C MET E 86 -12.37 37.33 2.95
N TRP E 87 -11.11 37.21 2.55
CA TRP E 87 -10.69 36.11 1.66
C TRP E 87 -10.84 34.77 2.37
N GLU E 88 -11.46 33.83 1.69
CA GLU E 88 -11.68 32.46 2.16
C GLU E 88 -10.91 31.50 1.28
N ALA E 89 -10.02 30.69 1.85
CA ALA E 89 -9.25 29.71 1.08
C ALA E 89 -10.15 28.51 0.78
N VAL E 90 -10.38 28.23 -0.51
CA VAL E 90 -11.34 27.20 -0.95
C VAL E 90 -10.60 25.88 -1.18
N SER E 91 -9.44 25.97 -1.83
CA SER E 91 -8.72 24.78 -2.32
C SER E 91 -7.27 25.15 -2.58
N VAL E 92 -6.43 24.14 -2.71
CA VAL E 92 -5.00 24.35 -2.99
C VAL E 92 -4.53 23.21 -3.88
N LYS E 93 -3.72 23.55 -4.85
CA LYS E 93 -2.83 22.59 -5.53
C LYS E 93 -1.46 22.77 -4.90
N THR E 94 -0.91 21.71 -4.38
CA THR E 94 0.43 21.73 -3.76
C THR E 94 1.25 20.60 -4.35
N GLU E 95 2.54 20.88 -4.50
CA GLU E 95 3.47 19.95 -5.15
C GLU E 95 4.80 20.04 -4.45
N VAL E 96 5.38 18.91 -4.10
CA VAL E 96 6.78 18.84 -3.67
C VAL E 96 7.60 18.70 -4.96
N ILE E 97 8.51 19.62 -5.19
CA ILE E 97 9.31 19.73 -6.45
CA ILE E 97 9.24 19.59 -6.48
C ILE E 97 10.66 19.05 -6.27
N GLY E 98 11.10 18.24 -7.22
CA GLY E 98 12.51 17.84 -7.27
C GLY E 98 12.77 16.38 -6.92
N SER E 99 11.76 15.51 -6.85
CA SER E 99 12.06 14.07 -6.62
C SER E 99 13.04 13.55 -7.67
N ASN E 100 12.95 14.07 -8.89
CA ASN E 100 13.83 13.69 -10.02
C ASN E 100 15.29 13.93 -9.65
N THR E 101 15.58 14.88 -8.76
CA THR E 101 17.01 15.17 -8.44
C THR E 101 17.64 13.96 -7.73
N LEU E 102 16.84 13.12 -7.08
CA LEU E 102 17.37 11.94 -6.32
CA LEU E 102 17.36 11.95 -6.31
C LEU E 102 17.82 10.86 -7.29
N MET E 103 17.57 11.04 -8.60
CA MET E 103 18.01 10.05 -9.64
C MET E 103 19.45 10.36 -10.04
N ASN E 104 20.09 11.36 -9.43
CA ASN E 104 21.54 11.63 -9.58
C ASN E 104 22.29 10.64 -8.67
N VAL E 105 22.88 9.60 -9.25
CA VAL E 105 23.69 8.58 -8.52
C VAL E 105 25.11 8.57 -9.07
N HIS E 106 25.56 9.69 -9.66
CA HIS E 106 26.96 9.86 -10.12
C HIS E 106 27.73 10.84 -9.24
N ASP E 107 27.06 11.50 -8.31
CA ASP E 107 27.71 12.53 -7.47
C ASP E 107 28.67 11.82 -6.51
N TYR E 108 29.39 12.62 -5.76
CA TYR E 108 30.37 12.13 -4.77
C TYR E 108 29.63 11.52 -3.59
N MET E 109 29.40 10.21 -3.69
CA MET E 109 28.46 9.49 -2.80
CA MET E 109 28.42 9.44 -2.90
C MET E 109 29.08 8.12 -2.47
N THR E 110 28.58 7.49 -1.42
CA THR E 110 28.90 6.09 -1.02
CA THR E 110 29.07 6.12 -1.10
C THR E 110 28.62 5.17 -2.19
N ARG E 111 29.37 4.09 -2.37
CA ARG E 111 29.02 3.11 -3.42
C ARG E 111 29.46 1.74 -2.95
N THR E 112 28.78 0.71 -3.46
CA THR E 112 29.11 -0.71 -3.22
C THR E 112 29.89 -1.21 -4.44
N ASP E 113 31.17 -1.53 -4.27
CA ASP E 113 32.02 -1.99 -5.39
C ASP E 113 32.00 -0.90 -6.48
N ASN E 114 31.63 -1.22 -7.72
CA ASN E 114 31.55 -0.22 -8.81
C ASN E 114 30.09 0.15 -9.10
N GLY E 115 29.19 -0.11 -8.16
CA GLY E 115 27.76 0.22 -8.34
C GLY E 115 27.50 1.71 -8.27
N VAL E 116 26.24 2.08 -8.39
CA VAL E 116 25.87 3.52 -8.43
C VAL E 116 26.07 4.15 -7.05
N GLY E 117 26.08 5.48 -7.02
CA GLY E 117 26.07 6.21 -5.74
C GLY E 117 24.82 5.89 -4.96
N HIS E 118 24.94 5.69 -3.65
CA HIS E 118 23.76 5.32 -2.84
C HIS E 118 22.88 6.53 -2.70
N PRO E 119 21.64 6.49 -3.22
CA PRO E 119 20.79 7.66 -3.18
C PRO E 119 20.18 7.91 -1.80
N VAL E 120 19.56 9.08 -1.67
CA VAL E 120 18.92 9.54 -0.41
C VAL E 120 17.87 8.52 0.04
N VAL E 121 17.97 8.08 1.29
CA VAL E 121 17.02 7.09 1.88
C VAL E 121 16.88 7.40 3.37
N GLY E 122 15.87 6.83 3.99
CA GLY E 122 15.67 7.00 5.43
C GLY E 122 14.30 7.53 5.74
N SER E 123 14.20 8.22 6.87
CA SER E 123 12.92 8.69 7.43
C SER E 123 12.42 9.89 6.61
N THR E 124 11.14 9.92 6.33
CA THR E 124 10.51 11.01 5.57
C THR E 124 9.45 11.67 6.43
N TYR E 125 9.35 12.98 6.28
CA TYR E 125 8.34 13.77 7.01
C TYR E 125 7.82 14.81 6.03
N HIS E 126 6.54 14.71 5.70
CA HIS E 126 5.87 15.66 4.78
C HIS E 126 4.72 16.31 5.52
N MET E 127 4.66 17.62 5.47
CA MET E 127 3.44 18.30 5.97
CA MET E 127 3.56 18.40 6.11
C MET E 127 3.30 19.62 5.24
N PHE E 128 2.05 19.96 4.99
CA PHE E 128 1.72 21.32 4.54
C PHE E 128 0.47 21.79 5.29
N ALA E 129 0.34 23.11 5.36
CA ALA E 129 -0.84 23.74 5.98
C ALA E 129 -1.16 25.03 5.25
N VAL E 130 -2.45 25.33 5.20
CA VAL E 130 -2.98 26.57 4.61
C VAL E 130 -3.96 27.12 5.64
N GLY E 131 -3.76 28.36 6.07
CA GLY E 131 -4.69 28.91 7.07
C GLY E 131 -4.83 30.42 6.98
N GLY E 132 -5.75 30.93 7.77
CA GLY E 132 -6.03 32.38 7.86
C GLY E 132 -5.34 33.03 9.04
N GLU E 133 -4.51 32.28 9.75
CA GLU E 133 -3.69 32.77 10.89
C GLU E 133 -2.53 31.78 11.05
N PRO E 134 -1.52 32.09 11.87
CA PRO E 134 -0.39 31.19 12.04
C PRO E 134 -0.78 29.79 12.47
N LEU E 135 -0.05 28.79 11.96
CA LEU E 135 -0.24 27.39 12.40
C LEU E 135 0.00 27.32 13.92
N ASP E 136 -0.94 26.72 14.66
CA ASP E 136 -0.79 26.41 16.10
C ASP E 136 0.07 25.15 16.25
N LEU E 137 1.07 25.22 17.14
CA LEU E 137 2.05 24.14 17.39
C LEU E 137 1.91 23.63 18.83
N GLN E 138 2.10 22.32 18.99
CA GLN E 138 2.13 21.64 20.30
C GLN E 138 3.53 21.06 20.46
N GLY E 139 4.20 21.38 21.56
CA GLY E 139 5.55 20.91 21.84
C GLY E 139 5.51 19.48 22.32
N ILE E 140 6.44 18.69 21.84
CA ILE E 140 6.63 17.27 22.25
C ILE E 140 8.02 16.87 21.77
N GLN E 141 8.74 16.04 22.54
CA GLN E 141 10.17 15.75 22.28
C GLN E 141 10.40 14.27 22.50
N GLN E 142 11.41 13.71 21.84
CA GLN E 142 11.86 12.32 22.10
C GLN E 142 12.59 12.24 23.45
N SER E 143 13.33 13.28 23.81
CA SER E 143 14.09 13.37 25.07
C SER E 143 13.92 14.75 25.70
N HIS E 144 13.52 14.79 26.95
CA HIS E 144 13.36 16.07 27.70
C HIS E 144 14.73 16.65 28.04
N LEU E 145 15.83 15.90 27.89
CA LEU E 145 17.18 16.36 28.31
C LEU E 145 17.95 17.08 27.21
N VAL E 146 17.43 17.14 25.98
CA VAL E 146 18.19 17.79 24.89
C VAL E 146 18.43 19.25 25.29
N GLN E 147 19.64 19.73 25.03
CA GLN E 147 20.04 21.14 25.25
C GLN E 147 20.00 21.82 23.88
N TYR E 148 18.91 22.52 23.57
CA TYR E 148 18.73 23.16 22.24
C TYR E 148 19.61 24.42 22.19
N PRO E 149 20.13 24.77 21.00
CA PRO E 149 21.02 25.90 20.86
C PRO E 149 20.27 27.24 20.90
N GLU E 150 21.02 28.33 21.15
CA GLU E 150 20.46 29.69 21.15
C GLU E 150 19.89 30.00 19.76
N GLY E 151 18.81 30.78 19.74
CA GLY E 151 18.21 31.41 18.54
C GLY E 151 17.06 30.61 17.96
N LEU E 152 16.77 29.43 18.51
CA LEU E 152 15.61 28.61 18.07
C LEU E 152 14.42 28.87 18.98
N ILE E 153 13.22 28.51 18.51
CA ILE E 153 12.01 28.50 19.35
C ILE E 153 11.67 27.03 19.60
N VAL E 154 11.75 26.62 20.85
CA VAL E 154 11.57 25.21 21.30
C VAL E 154 10.66 25.28 22.53
N PRO E 155 10.13 24.14 23.01
CA PRO E 155 9.23 24.17 24.16
C PRO E 155 9.76 24.94 25.37
N LYS E 156 11.06 24.91 25.61
CA LYS E 156 11.70 25.67 26.71
C LYS E 156 11.37 27.17 26.57
N SER E 157 11.16 27.65 25.34
CA SER E 157 10.86 29.07 25.04
C SER E 157 9.53 29.47 25.68
N VAL E 158 8.61 28.52 25.90
CA VAL E 158 7.21 28.84 26.31
C VAL E 158 6.82 28.20 27.64
N THR E 159 7.53 27.19 28.13
CA THR E 159 7.15 26.48 29.38
C THR E 159 8.37 25.82 30.02
N ASP E 160 8.17 25.31 31.23
CA ASP E 160 9.16 24.49 31.95
C ASP E 160 9.19 23.11 31.28
N VAL E 161 10.37 22.73 30.81
CA VAL E 161 10.57 21.40 30.15
C VAL E 161 10.86 20.36 31.22
N THR E 162 10.04 19.31 31.25
CA THR E 162 10.14 18.16 32.17
C THR E 162 9.89 16.90 31.34
N ALA E 163 9.93 15.74 31.97
CA ALA E 163 9.65 14.46 31.29
C ALA E 163 8.26 14.48 30.67
N LYS E 164 7.35 15.34 31.13
CA LYS E 164 5.99 15.45 30.56
C LYS E 164 6.07 15.79 29.07
N ILE E 165 7.12 16.50 28.64
CA ILE E 165 7.29 16.89 27.21
C ILE E 165 7.48 15.64 26.32
N GLN E 166 7.81 14.49 26.88
CA GLN E 166 7.99 13.26 26.07
C GLN E 166 6.62 12.69 25.71
N CYS E 167 5.57 13.14 26.39
CA CYS E 167 4.15 12.84 26.05
C CYS E 167 3.46 14.16 25.74
N LEU E 168 2.23 14.37 26.18
CA LEU E 168 1.49 15.64 25.90
C LEU E 168 1.50 16.54 27.15
N ASP E 169 2.27 17.60 27.09
CA ASP E 169 2.27 18.69 28.09
C ASP E 169 1.49 19.85 27.51
N PRO E 170 0.23 20.06 27.94
CA PRO E 170 -0.63 21.05 27.30
C PRO E 170 -0.18 22.49 27.54
N SER E 171 0.86 22.72 28.34
CA SER E 171 1.41 24.09 28.49
C SER E 171 2.33 24.45 27.32
N ALA E 172 2.75 23.47 26.50
CA ALA E 172 3.78 23.70 25.46
C ALA E 172 3.10 24.12 24.16
N LYS E 173 2.58 25.33 24.13
CA LYS E 173 1.81 25.88 22.99
C LYS E 173 2.61 27.00 22.36
N ALA E 174 2.62 27.05 21.04
CA ALA E 174 3.31 28.12 20.30
C ALA E 174 2.62 28.30 18.94
N LYS E 175 3.00 29.34 18.24
CA LYS E 175 2.50 29.62 16.86
C LYS E 175 3.69 29.62 15.93
N LEU E 176 3.52 29.04 14.73
CA LEU E 176 4.62 29.03 13.76
C LEU E 176 4.73 30.42 13.13
N ASP E 177 5.62 31.24 13.67
CA ASP E 177 5.68 32.68 13.31
C ASP E 177 7.09 33.06 12.85
N LYS E 178 7.98 32.09 12.61
CA LYS E 178 9.36 32.36 12.12
C LYS E 178 9.77 31.20 11.24
N ASP E 179 10.17 31.50 10.01
CA ASP E 179 10.70 30.50 9.06
C ASP E 179 12.05 29.99 9.57
N GLY E 180 12.28 28.68 9.52
CA GLY E 180 13.58 28.08 9.78
C GLY E 180 14.07 28.20 11.23
N LYS E 181 13.16 28.32 12.20
CA LYS E 181 13.55 28.48 13.63
C LYS E 181 12.80 27.52 14.58
N TYR E 182 11.70 26.89 14.13
CA TYR E 182 10.91 25.91 14.92
C TYR E 182 11.29 24.51 14.46
N PRO E 183 12.14 23.75 15.20
CA PRO E 183 12.59 22.44 14.74
C PRO E 183 11.41 21.48 14.65
N ILE E 184 11.36 20.67 13.60
CA ILE E 184 10.25 19.68 13.53
C ILE E 184 10.35 18.70 14.71
N GLU E 185 11.55 18.41 15.21
CA GLU E 185 11.69 17.34 16.24
C GLU E 185 11.08 17.80 17.57
N THR E 186 10.70 19.08 17.74
CA THR E 186 10.09 19.53 19.01
C THR E 186 8.65 20.03 18.85
N TRP E 187 8.09 20.07 17.65
CA TRP E 187 6.77 20.71 17.45
C TRP E 187 5.91 19.93 16.48
N SER E 188 4.67 19.72 16.87
CA SER E 188 3.60 19.06 16.08
C SER E 188 2.54 20.08 15.77
N PRO E 189 1.87 19.99 14.60
CA PRO E 189 0.65 20.77 14.43
C PRO E 189 -0.31 20.40 15.57
N ASP E 190 -0.94 21.41 16.18
CA ASP E 190 -1.80 21.22 17.37
C ASP E 190 -3.22 20.87 16.93
N PRO E 191 -3.71 19.60 17.10
CA PRO E 191 -5.06 19.27 16.68
C PRO E 191 -6.16 19.86 17.56
N SER E 192 -5.80 20.39 18.73
CA SER E 192 -6.73 21.01 19.70
C SER E 192 -6.98 22.47 19.33
N ARG E 193 -6.22 23.04 18.38
CA ARG E 193 -6.44 24.43 17.93
C ARG E 193 -6.59 24.38 16.41
N ASN E 194 -5.97 25.30 15.69
CA ASN E 194 -6.03 25.29 14.20
C ASN E 194 -7.47 25.18 13.69
N GLU E 195 -8.42 25.86 14.33
CA GLU E 195 -9.82 25.97 13.84
C GLU E 195 -9.82 26.63 12.44
N ASN E 196 -8.84 27.49 12.18
CA ASN E 196 -8.86 28.33 10.96
C ASN E 196 -7.68 27.99 10.02
N THR E 197 -7.17 26.77 10.14
CA THR E 197 -6.07 26.24 9.28
C THR E 197 -6.44 24.81 8.93
N ARG E 198 -6.09 24.35 7.74
CA ARG E 198 -6.13 22.91 7.42
C ARG E 198 -4.68 22.45 7.30
N TYR E 199 -4.31 21.37 7.99
CA TYR E 199 -2.96 20.79 7.82
C TYR E 199 -3.10 19.32 7.44
N PHE E 200 -2.06 18.83 6.80
CA PHE E 200 -2.00 17.47 6.22
C PHE E 200 -0.56 17.00 6.34
N GLY E 201 -0.34 15.75 6.73
CA GLY E 201 1.04 15.28 6.76
C GLY E 201 1.13 13.79 6.77
N ASN E 202 2.34 13.30 6.53
CA ASN E 202 2.61 11.87 6.65
C ASN E 202 4.05 11.71 7.06
N TYR E 203 4.28 10.66 7.82
CA TYR E 203 5.60 10.29 8.34
C TYR E 203 5.84 8.83 8.00
N TYR E 204 7.07 8.49 7.63
CA TYR E 204 7.48 7.09 7.41
C TYR E 204 8.90 7.01 7.97
N GLY E 205 9.16 6.11 8.91
CA GLY E 205 10.47 6.05 9.57
C GLY E 205 11.44 5.11 8.91
N GLY E 206 12.38 4.62 9.71
CA GLY E 206 13.44 3.72 9.25
C GLY E 206 14.74 4.43 8.89
N LEU E 207 15.83 3.66 8.88
CA LEU E 207 17.17 4.20 8.60
C LEU E 207 17.41 4.27 7.09
N THR E 208 16.96 3.28 6.32
CA THR E 208 17.31 3.17 4.87
C THR E 208 16.03 3.01 4.03
N THR E 209 14.89 3.46 4.53
CA THR E 209 13.61 3.29 3.81
C THR E 209 13.65 4.06 2.51
N PRO E 210 13.14 3.51 1.39
CA PRO E 210 13.12 4.26 0.14
C PRO E 210 12.12 5.41 0.22
N PRO E 211 12.48 6.61 -0.28
CA PRO E 211 11.53 7.72 -0.35
C PRO E 211 10.53 7.50 -1.48
N VAL E 212 9.30 7.98 -1.25
CA VAL E 212 8.19 7.85 -2.24
C VAL E 212 7.57 9.24 -2.42
N LEU E 213 7.31 9.62 -3.67
CA LEU E 213 6.65 10.90 -3.96
C LEU E 213 5.79 10.72 -5.20
N THR E 214 4.63 11.35 -5.22
CA THR E 214 3.83 11.54 -6.45
C THR E 214 3.85 13.02 -6.79
N PHE E 215 3.64 13.32 -8.06
CA PHE E 215 3.60 14.71 -8.56
C PHE E 215 2.62 14.75 -9.73
N THR E 216 1.91 15.87 -9.82
CA THR E 216 0.88 16.07 -10.85
C THR E 216 0.42 17.52 -10.73
N ASN E 217 -0.28 18.00 -11.73
CA ASN E 217 -0.92 19.33 -11.65
C ASN E 217 -2.44 19.14 -11.72
N THR E 218 -2.96 17.95 -11.45
CA THR E 218 -4.39 17.61 -11.67
C THR E 218 -5.11 17.36 -10.35
N VAL E 219 -4.42 17.46 -9.22
CA VAL E 219 -5.01 17.10 -7.90
C VAL E 219 -5.25 18.37 -7.10
N THR E 220 -6.51 18.59 -6.73
CA THR E 220 -6.94 19.73 -5.91
C THR E 220 -7.26 19.22 -4.50
N THR E 221 -6.69 19.86 -3.48
CA THR E 221 -7.00 19.62 -2.05
C THR E 221 -8.09 20.61 -1.65
N ILE E 222 -9.27 20.12 -1.27
CA ILE E 222 -10.37 21.01 -0.79
C ILE E 222 -10.07 21.46 0.63
N LEU E 223 -10.26 22.75 0.92
CA LEU E 223 -9.96 23.32 2.26
C LEU E 223 -11.25 23.68 2.99
N LEU E 224 -12.41 23.49 2.38
CA LEU E 224 -13.71 23.73 3.02
C LEU E 224 -13.92 22.71 4.16
N ASP E 225 -14.48 23.16 5.28
CA ASP E 225 -14.83 22.31 6.44
C ASP E 225 -16.17 21.62 6.16
N GLU E 226 -16.74 20.95 7.16
CA GLU E 226 -18.01 20.19 7.06
C GLU E 226 -19.17 21.15 6.74
N ASN E 227 -19.04 22.44 7.05
CA ASN E 227 -20.10 23.46 6.82
C ASN E 227 -19.88 24.21 5.49
N GLY E 228 -18.88 23.85 4.69
CA GLY E 228 -18.64 24.53 3.42
C GLY E 228 -17.81 25.79 3.60
N VAL E 229 -17.08 25.92 4.72
CA VAL E 229 -16.31 27.17 5.00
C VAL E 229 -14.82 26.83 5.04
N GLY E 230 -14.03 27.57 4.25
CA GLY E 230 -12.59 27.40 4.24
C GLY E 230 -11.95 28.32 5.27
N PRO E 231 -10.61 28.21 5.45
CA PRO E 231 -9.90 29.19 6.28
C PRO E 231 -10.21 30.64 5.86
N LEU E 232 -10.48 31.50 6.85
CA LEU E 232 -10.80 32.93 6.66
C LEU E 232 -9.59 33.76 7.04
N CYS E 233 -9.09 34.53 6.10
CA CYS E 233 -7.87 35.37 6.27
C CYS E 233 -8.28 36.63 7.05
N LYS E 234 -8.34 36.52 8.38
CA LYS E 234 -8.96 37.55 9.26
C LYS E 234 -8.18 38.86 9.16
N GLY E 235 -6.89 38.81 8.84
CA GLY E 235 -6.04 40.01 8.67
C GLY E 235 -5.55 40.20 7.25
N ASP E 236 -6.29 39.67 6.25
CA ASP E 236 -5.95 39.81 4.81
C ASP E 236 -4.57 39.20 4.52
N GLY E 237 -4.19 38.17 5.28
CA GLY E 237 -2.94 37.42 5.11
C GLY E 237 -3.20 35.93 4.96
N LEU E 238 -2.52 35.29 4.03
CA LEU E 238 -2.65 33.83 3.82
C LEU E 238 -1.39 33.15 4.39
N PHE E 239 -1.60 32.19 5.27
CA PHE E 239 -0.49 31.55 5.99
C PHE E 239 -0.20 30.19 5.40
N LEU E 240 1.00 30.04 4.87
CA LEU E 240 1.48 28.77 4.26
C LEU E 240 2.57 28.21 5.15
N SER E 241 2.56 26.91 5.38
CA SER E 241 3.55 26.22 6.25
CA SER E 241 3.67 26.28 6.12
C SER E 241 3.89 24.86 5.64
N CYS E 242 5.09 24.36 5.82
CA CYS E 242 5.39 22.99 5.33
C CYS E 242 6.72 22.49 5.87
N CYS E 243 6.92 21.18 5.71
CA CYS E 243 8.25 20.56 5.84
C CYS E 243 8.25 19.34 4.95
N ASP E 244 9.33 19.12 4.23
CA ASP E 244 9.42 17.98 3.28
C ASP E 244 10.81 17.39 3.37
N VAL E 245 11.01 16.54 4.39
CA VAL E 245 12.27 15.79 4.58
C VAL E 245 12.17 14.52 3.72
N MET E 246 13.13 14.30 2.83
CA MET E 246 13.16 13.16 1.90
C MET E 246 13.99 11.99 2.43
N GLY E 247 14.74 12.19 3.51
CA GLY E 247 15.68 11.20 4.03
C GLY E 247 17.04 11.80 4.21
N TRP E 248 18.05 10.93 4.25
CA TRP E 248 19.46 11.35 4.46
C TRP E 248 20.29 11.08 3.21
N PHE E 249 21.19 12.02 2.94
CA PHE E 249 22.23 11.96 1.89
C PHE E 249 23.53 11.54 2.57
N THR E 250 24.31 10.66 1.95
CA THR E 250 25.65 10.30 2.44
C THR E 250 26.70 10.61 1.36
N ALA E 251 27.54 11.59 1.64
CA ALA E 251 28.64 12.01 0.75
C ALA E 251 29.74 10.95 0.78
N GLY E 252 30.51 10.86 -0.29
CA GLY E 252 31.58 9.86 -0.43
C GLY E 252 32.77 10.15 0.46
N SER E 253 32.77 11.27 1.17
CA SER E 253 33.84 11.72 2.10
C SER E 253 33.80 10.92 3.40
N GLY E 254 32.74 10.15 3.66
CA GLY E 254 32.65 9.43 4.94
C GLY E 254 31.36 8.67 5.08
N THR E 255 30.96 8.42 6.31
CA THR E 255 29.67 7.78 6.62
C THR E 255 28.74 8.79 7.29
N HIS E 256 29.18 10.03 7.48
CA HIS E 256 28.32 11.12 8.01
C HIS E 256 27.16 11.37 7.04
N GLN E 257 26.01 11.68 7.60
CA GLN E 257 24.76 11.86 6.84
C GLN E 257 24.22 13.26 7.02
N ARG E 258 23.47 13.73 6.03
CA ARG E 258 22.81 15.06 6.05
C ARG E 258 21.33 14.84 5.72
N PHE E 259 20.44 15.51 6.43
CA PHE E 259 19.04 15.61 5.96
C PHE E 259 19.01 16.24 4.57
N ARG E 260 18.09 15.80 3.73
CA ARG E 260 17.80 16.38 2.40
C ARG E 260 16.32 16.70 2.33
N GLY E 261 16.00 17.95 2.01
CA GLY E 261 14.63 18.42 1.86
C GLY E 261 14.40 18.97 0.47
N LEU E 262 13.15 19.16 0.11
CA LEU E 262 12.78 19.69 -1.23
C LEU E 262 11.77 20.81 -1.06
N PRO E 263 11.74 21.74 -2.03
CA PRO E 263 10.82 22.86 -1.99
C PRO E 263 9.39 22.40 -2.26
N ARG E 264 8.45 23.22 -1.85
CA ARG E 264 7.01 22.94 -2.01
C ARG E 264 6.33 24.15 -2.65
N TYR E 265 5.58 23.88 -3.70
CA TYR E 265 4.72 24.82 -4.40
C TYR E 265 3.32 24.78 -3.82
N PHE E 266 2.72 25.97 -3.74
CA PHE E 266 1.31 26.15 -3.36
C PHE E 266 0.65 27.06 -4.39
N ASN E 267 -0.55 26.70 -4.79
CA ASN E 267 -1.44 27.60 -5.57
C ASN E 267 -2.81 27.52 -4.92
N VAL E 268 -3.14 28.53 -4.14
CA VAL E 268 -4.37 28.57 -3.31
C VAL E 268 -5.41 29.41 -4.05
N GLN E 269 -6.60 28.84 -4.19
CA GLN E 269 -7.77 29.54 -4.72
C GLN E 269 -8.53 30.18 -3.55
N LEU E 270 -8.75 31.49 -3.59
CA LEU E 270 -9.54 32.20 -2.57
C LEU E 270 -10.75 32.88 -3.20
N ARG E 271 -11.78 33.03 -2.39
CA ARG E 271 -13.00 33.76 -2.80
C ARG E 271 -13.36 34.75 -1.70
N LYS E 272 -14.05 35.80 -2.07
CA LYS E 272 -14.56 36.79 -1.09
C LYS E 272 -15.77 36.21 -0.36
N ARG E 273 -15.74 36.26 0.97
CA ARG E 273 -16.81 35.79 1.87
C ARG E 273 -17.27 36.97 2.72
N ALA E 274 -18.57 37.22 2.72
CA ALA E 274 -19.18 38.19 3.66
C ALA E 274 -19.17 37.62 5.08
N VAL E 275 -18.82 38.47 6.05
CA VAL E 275 -18.83 38.13 7.50
C VAL E 275 -19.47 39.30 8.28
N ARG E 276 -20.00 39.02 9.47
CA ARG E 276 -20.73 40.02 10.30
C ARG E 276 -19.72 40.75 11.19
C1 GOL F . 25.37 24.35 -20.60
O1 GOL F . 26.24 25.46 -20.76
C2 GOL F . 25.72 23.25 -21.58
O2 GOL F . 25.64 23.76 -22.91
C3 GOL F . 24.83 22.05 -21.44
O3 GOL F . 25.18 21.04 -22.39
C1 GOL G . 15.60 26.42 -25.44
O1 GOL G . 15.40 25.35 -26.36
C2 GOL G . 16.10 25.91 -24.10
O2 GOL G . 17.30 26.56 -23.74
C3 GOL G . 15.08 26.07 -22.99
O3 GOL G . 13.96 25.20 -23.15
C1 GOL H . -7.57 24.91 -19.77
O1 GOL H . -7.06 23.96 -18.85
C2 GOL H . -7.11 24.62 -21.19
O2 GOL H . -6.29 23.46 -21.19
C3 GOL H . -6.38 25.77 -21.84
O3 GOL H . -6.91 27.03 -21.42
C1 GOL I . -16.26 -4.94 -29.85
O1 GOL I . -15.30 -4.98 -30.90
C2 GOL I . -15.74 -4.19 -28.62
O2 GOL I . -14.67 -4.92 -28.02
C3 GOL I . -15.27 -2.79 -28.92
O3 GOL I . -14.63 -2.22 -27.78
C1 GOL J . -4.10 -7.30 -12.29
O1 GOL J . -5.08 -6.29 -12.54
C2 GOL J . -4.66 -8.69 -12.48
O2 GOL J . -5.85 -8.86 -11.70
C3 GOL J . -3.65 -9.77 -12.16
O3 GOL J . -4.25 -10.97 -11.65
C1 GOL K . 3.90 -17.15 -36.02
O1 GOL K . 5.02 -16.61 -36.72
C2 GOL K . 2.73 -16.21 -36.03
O2 GOL K . 1.52 -16.96 -35.84
C3 GOL K . 2.84 -15.09 -35.01
O3 GOL K . 1.66 -14.95 -34.21
C1 GOL L . 21.44 -19.25 -20.28
O1 GOL L . 20.58 -18.72 -21.27
C2 GOL L . 22.42 -20.24 -20.89
O2 GOL L . 23.19 -19.60 -21.91
C3 GOL L . 23.36 -20.85 -19.87
O3 GOL L . 24.66 -21.08 -20.42
C1 GOL M . -4.98 -39.06 4.28
O1 GOL M . -5.09 -39.19 5.69
C2 GOL M . -5.14 -40.39 3.57
O2 GOL M . -3.94 -41.14 3.73
C3 GOL M . -5.46 -40.22 2.09
O3 GOL M . -5.70 -41.47 1.46
C1 GOL N . -27.35 -16.59 -4.80
O1 GOL N . -26.05 -16.05 -5.02
C2 GOL N . -27.27 -17.82 -3.92
O2 GOL N . -26.80 -17.45 -2.62
C3 GOL N . -28.59 -18.55 -3.77
O3 GOL N . -28.37 -19.92 -3.44
C1 GOL O . -9.38 -10.50 2.88
O1 GOL O . -10.43 -10.18 1.98
C2 GOL O . -9.90 -11.15 4.15
O2 GOL O . -9.46 -12.50 4.20
C3 GOL O . -9.49 -10.44 5.42
O3 GOL O . -9.21 -11.36 6.47
C1 GOL P . -3.78 -11.71 38.40
O1 GOL P . -4.54 -12.46 39.34
C2 GOL P . -2.92 -10.66 39.07
O2 GOL P . -1.80 -11.29 39.70
C3 GOL P . -2.41 -9.62 38.09
O3 GOL P . -1.73 -8.53 38.73
C1 GOL Q . -26.95 2.52 20.86
O1 GOL Q . -26.23 2.05 22.00
C2 GOL Q . -26.09 2.50 19.62
O2 GOL Q . -24.77 2.95 19.92
C3 GOL Q . -26.02 1.12 18.98
O3 GOL Q . -25.20 1.13 17.83
C1 GOL R . 12.98 -11.73 32.73
O1 GOL R . 13.71 -12.68 33.50
C2 GOL R . 11.89 -12.42 31.96
O2 GOL R . 11.24 -13.34 32.82
C3 GOL R . 10.88 -11.48 31.34
O3 GOL R . 9.82 -12.19 30.71
C1 GOL S . -13.57 29.54 9.92
O1 GOL S . -12.56 30.34 10.54
C2 GOL S . -13.06 28.14 9.72
O2 GOL S . -12.22 28.08 8.57
C3 GOL S . -14.17 27.12 9.58
O3 GOL S . -13.62 25.81 9.45
#